data_2W9J
# 
_entry.id   2W9J 
# 
_audit_conform.dict_name       mmcif_pdbx.dic 
_audit_conform.dict_version    5.397 
_audit_conform.dict_location   http://mmcif.pdb.org/dictionaries/ascii/mmcif_pdbx.dic 
# 
loop_
_database_2.database_id 
_database_2.database_code 
_database_2.pdbx_database_accession 
_database_2.pdbx_DOI 
PDB   2W9J         pdb_00002w9j 10.2210/pdb2w9j/pdb 
PDBE  EBI-38519    ?            ?                   
WWPDB D_1290038519 ?            ?                   
# 
loop_
_pdbx_audit_revision_history.ordinal 
_pdbx_audit_revision_history.data_content_type 
_pdbx_audit_revision_history.major_revision 
_pdbx_audit_revision_history.minor_revision 
_pdbx_audit_revision_history.revision_date 
1 'Structure model' 1 0 2009-02-03 
2 'Structure model' 1 1 2011-07-13 
3 'Structure model' 1 2 2024-10-16 
# 
_pdbx_audit_revision_details.ordinal             1 
_pdbx_audit_revision_details.revision_ordinal    1 
_pdbx_audit_revision_details.data_content_type   'Structure model' 
_pdbx_audit_revision_details.provider            repository 
_pdbx_audit_revision_details.type                'Initial release' 
_pdbx_audit_revision_details.description         ? 
_pdbx_audit_revision_details.details             ? 
# 
loop_
_pdbx_audit_revision_group.ordinal 
_pdbx_audit_revision_group.revision_ordinal 
_pdbx_audit_revision_group.data_content_type 
_pdbx_audit_revision_group.group 
1 2 'Structure model' Advisory                    
2 2 'Structure model' 'Version format compliance' 
3 3 'Structure model' 'Data collection'           
4 3 'Structure model' 'Database references'       
5 3 'Structure model' 'Derived calculations'      
6 3 'Structure model' Other                       
7 3 'Structure model' 'Structure summary'         
# 
loop_
_pdbx_audit_revision_category.ordinal 
_pdbx_audit_revision_category.revision_ordinal 
_pdbx_audit_revision_category.data_content_type 
_pdbx_audit_revision_category.category 
1 3 'Structure model' chem_comp_atom            
2 3 'Structure model' chem_comp_bond            
3 3 'Structure model' database_2                
4 3 'Structure model' pdbx_database_status      
5 3 'Structure model' pdbx_entry_details        
6 3 'Structure model' pdbx_modification_feature 
7 3 'Structure model' struct_conn               
# 
loop_
_pdbx_audit_revision_item.ordinal 
_pdbx_audit_revision_item.revision_ordinal 
_pdbx_audit_revision_item.data_content_type 
_pdbx_audit_revision_item.item 
1 3 'Structure model' '_database_2.pdbx_DOI'                 
2 3 'Structure model' '_database_2.pdbx_database_accession'  
3 3 'Structure model' '_pdbx_database_status.status_code_sf' 
4 3 'Structure model' '_struct_conn.pdbx_leaving_atom_flag'  
# 
_pdbx_database_status.status_code                     REL 
_pdbx_database_status.entry_id                        2W9J 
_pdbx_database_status.deposit_site                    PDBE 
_pdbx_database_status.process_site                    PDBE 
_pdbx_database_status.SG_entry                        . 
_pdbx_database_status.recvd_initial_deposition_date   2009-01-25 
_pdbx_database_status.pdb_format_compatible           Y 
_pdbx_database_status.status_code_sf                  REL 
_pdbx_database_status.status_code_mr                  ? 
_pdbx_database_status.status_code_cs                  ? 
_pdbx_database_status.methods_development_category    ? 
_pdbx_database_status.status_code_nmr_data            ? 
# 
loop_
_audit_author.name 
_audit_author.pdbx_ordinal 
'Brooks, M.A.'    1 
'Ravelli, R.B.G.' 2 
'McCarthy, A.A.'  3 
'Strub, K.'       4 
'Cusack, S.'      5 
# 
_citation.id                        primary 
_citation.title                     'Structure of Srp14 from the Schizosaccharomyces Pombe Signal Recognition Particle.' 
_citation.journal_abbrev            'Acta Crystallogr.,Sect.D' 
_citation.journal_volume            65 
_citation.page_first                421 
_citation.page_last                 ? 
_citation.year                      2009 
_citation.journal_id_ASTM           ABCRE6 
_citation.country                   DK 
_citation.journal_id_ISSN           0907-4449 
_citation.journal_id_CSD            0766 
_citation.book_publisher            ? 
_citation.pdbx_database_id_PubMed   19390147 
_citation.pdbx_database_id_DOI      10.1107/S0907444909005484 
# 
loop_
_citation_author.citation_id 
_citation_author.name 
_citation_author.ordinal 
_citation_author.identifier_ORCID 
primary 'Brooks, M.A.'    1 ? 
primary 'Ravelli, R.B.G.' 2 ? 
primary 'Mccarthy, A.A.'  3 ? 
primary 'Strub, K.'       4 ? 
primary 'Cusack, S.'      5 ? 
# 
loop_
_entity.id 
_entity.type 
_entity.src_method 
_entity.pdbx_description 
_entity.formula_weight 
_entity.pdbx_number_of_molecules 
_entity.pdbx_ec 
_entity.pdbx_mutation 
_entity.pdbx_fragment 
_entity.details 
1 polymer man 'SIGNAL RECOGNITION PARTICLE SUBUNIT SRP14' 10284.420 2 ? ? 'RESIDUES 1-91' 
'CYSTEINES 33 AND 78 REACTED WITH CACODYLATE, YIELDING CACODYLATED CYSTEINE ADDUCT (CAS)' 
2 water   nat water                                       18.015    4 ? ? ?               ? 
# 
_entity_name_com.entity_id   1 
_entity_name_com.name        
'SIGNAL RECOGNITION PARTICLE 14 KDA PROTEIN HOMOLOG, SRP14 FROM SCHIZOSACCHAROMYCES POMBE SIGNAL RECOGNITION PARTICLE' 
# 
_entity_poly.entity_id                      1 
_entity_poly.type                           'polypeptide(L)' 
_entity_poly.nstd_linkage                   no 
_entity_poly.nstd_monomer                   yes 
_entity_poly.pdbx_seq_one_letter_code       
;MLLSNEEFLKKLTDLLQTHQSKGTGSVYLSQK(CAS)NPVDEGEGSSASVLIRAKSGAAEKISTVVELDYFTDFFQSYAE
V(CAS)KGQIVGLKKRDRK
;
_entity_poly.pdbx_seq_one_letter_code_can   
;MLLSNEEFLKKLTDLLQTHQSKGTGSVYLSQKCNPVDEGEGSSASVLIRAKSGAAEKISTVVELDYFTDFFQSYAEVCKG
QIVGLKKRDRK
;
_entity_poly.pdbx_strand_id                 A,B 
_entity_poly.pdbx_target_identifier         ? 
# 
_pdbx_entity_nonpoly.entity_id   2 
_pdbx_entity_nonpoly.name        water 
_pdbx_entity_nonpoly.comp_id     HOH 
# 
loop_
_entity_poly_seq.entity_id 
_entity_poly_seq.num 
_entity_poly_seq.mon_id 
_entity_poly_seq.hetero 
1 1  MET n 
1 2  LEU n 
1 3  LEU n 
1 4  SER n 
1 5  ASN n 
1 6  GLU n 
1 7  GLU n 
1 8  PHE n 
1 9  LEU n 
1 10 LYS n 
1 11 LYS n 
1 12 LEU n 
1 13 THR n 
1 14 ASP n 
1 15 LEU n 
1 16 LEU n 
1 17 GLN n 
1 18 THR n 
1 19 HIS n 
1 20 GLN n 
1 21 SER n 
1 22 LYS n 
1 23 GLY n 
1 24 THR n 
1 25 GLY n 
1 26 SER n 
1 27 VAL n 
1 28 TYR n 
1 29 LEU n 
1 30 SER n 
1 31 GLN n 
1 32 LYS n 
1 33 CAS n 
1 34 ASN n 
1 35 PRO n 
1 36 VAL n 
1 37 ASP n 
1 38 GLU n 
1 39 GLY n 
1 40 GLU n 
1 41 GLY n 
1 42 SER n 
1 43 SER n 
1 44 ALA n 
1 45 SER n 
1 46 VAL n 
1 47 LEU n 
1 48 ILE n 
1 49 ARG n 
1 50 ALA n 
1 51 LYS n 
1 52 SER n 
1 53 GLY n 
1 54 ALA n 
1 55 ALA n 
1 56 GLU n 
1 57 LYS n 
1 58 ILE n 
1 59 SER n 
1 60 THR n 
1 61 VAL n 
1 62 VAL n 
1 63 GLU n 
1 64 LEU n 
1 65 ASP n 
1 66 TYR n 
1 67 PHE n 
1 68 THR n 
1 69 ASP n 
1 70 PHE n 
1 71 PHE n 
1 72 GLN n 
1 73 SER n 
1 74 TYR n 
1 75 ALA n 
1 76 GLU n 
1 77 VAL n 
1 78 CAS n 
1 79 LYS n 
1 80 GLY n 
1 81 GLN n 
1 82 ILE n 
1 83 VAL n 
1 84 GLY n 
1 85 LEU n 
1 86 LYS n 
1 87 LYS n 
1 88 ARG n 
1 89 ASP n 
1 90 ARG n 
1 91 LYS n 
# 
_entity_src_gen.entity_id                          1 
_entity_src_gen.pdbx_src_id                        1 
_entity_src_gen.pdbx_alt_source_flag               sample 
_entity_src_gen.pdbx_seq_type                      ? 
_entity_src_gen.pdbx_beg_seq_num                   ? 
_entity_src_gen.pdbx_end_seq_num                   ? 
_entity_src_gen.gene_src_common_name               'FISSION YEAST' 
_entity_src_gen.gene_src_genus                     ? 
_entity_src_gen.pdbx_gene_src_gene                 ? 
_entity_src_gen.gene_src_species                   ? 
_entity_src_gen.gene_src_strain                    'NCYC 1354' 
_entity_src_gen.gene_src_tissue                    ? 
_entity_src_gen.gene_src_tissue_fraction           ? 
_entity_src_gen.gene_src_details                   ? 
_entity_src_gen.pdbx_gene_src_fragment             ? 
_entity_src_gen.pdbx_gene_src_scientific_name      'SCHIZOSACCHAROMYCES POMBE' 
_entity_src_gen.pdbx_gene_src_ncbi_taxonomy_id     4896 
_entity_src_gen.pdbx_gene_src_variant              ? 
_entity_src_gen.pdbx_gene_src_cell_line            ? 
_entity_src_gen.pdbx_gene_src_atcc                 ? 
_entity_src_gen.pdbx_gene_src_organ                ? 
_entity_src_gen.pdbx_gene_src_organelle            ? 
_entity_src_gen.pdbx_gene_src_cell                 ? 
_entity_src_gen.pdbx_gene_src_cellular_location    ? 
_entity_src_gen.host_org_common_name               ? 
_entity_src_gen.pdbx_host_org_scientific_name      'ESCHERICHIA COLI' 
_entity_src_gen.pdbx_host_org_ncbi_taxonomy_id     511693 
_entity_src_gen.host_org_genus                     ? 
_entity_src_gen.pdbx_host_org_gene                 ? 
_entity_src_gen.pdbx_host_org_organ                ? 
_entity_src_gen.host_org_species                   ? 
_entity_src_gen.pdbx_host_org_tissue               ? 
_entity_src_gen.pdbx_host_org_tissue_fraction      ? 
_entity_src_gen.pdbx_host_org_strain               'BL21(AI)' 
_entity_src_gen.pdbx_host_org_variant              ? 
_entity_src_gen.pdbx_host_org_cell_line            ? 
_entity_src_gen.pdbx_host_org_atcc                 ? 
_entity_src_gen.pdbx_host_org_culture_collection   ? 
_entity_src_gen.pdbx_host_org_cell                 ? 
_entity_src_gen.pdbx_host_org_organelle            ? 
_entity_src_gen.pdbx_host_org_cellular_location    ? 
_entity_src_gen.pdbx_host_org_vector_type          ? 
_entity_src_gen.pdbx_host_org_vector               ? 
_entity_src_gen.host_org_details                   ? 
_entity_src_gen.expression_system_id               ? 
_entity_src_gen.plasmid_name                       PST39 
_entity_src_gen.plasmid_details                    ? 
_entity_src_gen.pdbx_description                   'NATIONAL COLLECTION OF YEAST CULTURES, NORWICH, UK' 
# 
loop_
_chem_comp.id 
_chem_comp.type 
_chem_comp.mon_nstd_flag 
_chem_comp.name 
_chem_comp.pdbx_synonyms 
_chem_comp.formula 
_chem_comp.formula_weight 
ALA 'L-peptide linking' y ALANINE                       ? 'C3 H7 N O2'       89.093  
ARG 'L-peptide linking' y ARGININE                      ? 'C6 H15 N4 O2 1'   175.209 
ASN 'L-peptide linking' y ASPARAGINE                    ? 'C4 H8 N2 O3'      132.118 
ASP 'L-peptide linking' y 'ASPARTIC ACID'               ? 'C4 H7 N O4'       133.103 
CAS 'L-peptide linking' n 'S-(DIMETHYLARSENIC)CYSTEINE' ? 'C5 H12 As N O2 S' 225.141 
GLN 'L-peptide linking' y GLUTAMINE                     ? 'C5 H10 N2 O3'     146.144 
GLU 'L-peptide linking' y 'GLUTAMIC ACID'               ? 'C5 H9 N O4'       147.129 
GLY 'peptide linking'   y GLYCINE                       ? 'C2 H5 N O2'       75.067  
HIS 'L-peptide linking' y HISTIDINE                     ? 'C6 H10 N3 O2 1'   156.162 
HOH non-polymer         . WATER                         ? 'H2 O'             18.015  
ILE 'L-peptide linking' y ISOLEUCINE                    ? 'C6 H13 N O2'      131.173 
LEU 'L-peptide linking' y LEUCINE                       ? 'C6 H13 N O2'      131.173 
LYS 'L-peptide linking' y LYSINE                        ? 'C6 H15 N2 O2 1'   147.195 
MET 'L-peptide linking' y METHIONINE                    ? 'C5 H11 N O2 S'    149.211 
PHE 'L-peptide linking' y PHENYLALANINE                 ? 'C9 H11 N O2'      165.189 
PRO 'L-peptide linking' y PROLINE                       ? 'C5 H9 N O2'       115.130 
SER 'L-peptide linking' y SERINE                        ? 'C3 H7 N O3'       105.093 
THR 'L-peptide linking' y THREONINE                     ? 'C4 H9 N O3'       119.119 
TYR 'L-peptide linking' y TYROSINE                      ? 'C9 H11 N O3'      181.189 
VAL 'L-peptide linking' y VALINE                        ? 'C5 H11 N O2'      117.146 
# 
loop_
_pdbx_poly_seq_scheme.asym_id 
_pdbx_poly_seq_scheme.entity_id 
_pdbx_poly_seq_scheme.seq_id 
_pdbx_poly_seq_scheme.mon_id 
_pdbx_poly_seq_scheme.ndb_seq_num 
_pdbx_poly_seq_scheme.pdb_seq_num 
_pdbx_poly_seq_scheme.auth_seq_num 
_pdbx_poly_seq_scheme.pdb_mon_id 
_pdbx_poly_seq_scheme.auth_mon_id 
_pdbx_poly_seq_scheme.pdb_strand_id 
_pdbx_poly_seq_scheme.pdb_ins_code 
_pdbx_poly_seq_scheme.hetero 
A 1 1  MET 1  1  1  MET MET A . n 
A 1 2  LEU 2  2  2  LEU LEU A . n 
A 1 3  LEU 3  3  3  LEU LEU A . n 
A 1 4  SER 4  4  4  SER SER A . n 
A 1 5  ASN 5  5  5  ASN ASN A . n 
A 1 6  GLU 6  6  6  GLU GLU A . n 
A 1 7  GLU 7  7  7  GLU GLU A . n 
A 1 8  PHE 8  8  8  PHE PHE A . n 
A 1 9  LEU 9  9  9  LEU LEU A . n 
A 1 10 LYS 10 10 10 LYS LYS A . n 
A 1 11 LYS 11 11 11 LYS LYS A . n 
A 1 12 LEU 12 12 12 LEU LEU A . n 
A 1 13 THR 13 13 13 THR THR A . n 
A 1 14 ASP 14 14 14 ASP ASP A . n 
A 1 15 LEU 15 15 15 LEU LEU A . n 
A 1 16 LEU 16 16 16 LEU LEU A . n 
A 1 17 GLN 17 17 17 GLN GLN A . n 
A 1 18 THR 18 18 18 THR THR A . n 
A 1 19 HIS 19 19 19 HIS HIS A . n 
A 1 20 GLN 20 20 ?  ?   ?   A . n 
A 1 21 SER 21 21 ?  ?   ?   A . n 
A 1 22 LYS 22 22 ?  ?   ?   A . n 
A 1 23 GLY 23 23 ?  ?   ?   A . n 
A 1 24 THR 24 24 ?  ?   ?   A . n 
A 1 25 GLY 25 25 ?  ?   ?   A . n 
A 1 26 SER 26 26 ?  ?   ?   A . n 
A 1 27 VAL 27 27 27 VAL VAL A . n 
A 1 28 TYR 28 28 28 TYR TYR A . n 
A 1 29 LEU 29 29 29 LEU LEU A . n 
A 1 30 SER 30 30 30 SER SER A . n 
A 1 31 GLN 31 31 31 GLN GLN A . n 
A 1 32 LYS 32 32 32 LYS LYS A . n 
A 1 33 CAS 33 33 33 CAS CAS A . n 
A 1 34 ASN 34 34 34 ASN ASN A . n 
A 1 35 PRO 35 35 35 PRO PRO A . n 
A 1 36 VAL 36 36 36 VAL VAL A . n 
A 1 37 ASP 37 37 37 ASP ASP A . n 
A 1 38 GLU 38 38 38 GLU GLU A . n 
A 1 39 GLY 39 39 ?  ?   ?   A . n 
A 1 40 GLU 40 40 ?  ?   ?   A . n 
A 1 41 GLY 41 41 ?  ?   ?   A . n 
A 1 42 SER 42 42 ?  ?   ?   A . n 
A 1 43 SER 43 43 ?  ?   ?   A . n 
A 1 44 ALA 44 44 44 ALA ALA A . n 
A 1 45 SER 45 45 45 SER SER A . n 
A 1 46 VAL 46 46 46 VAL VAL A . n 
A 1 47 LEU 47 47 47 LEU LEU A . n 
A 1 48 ILE 48 48 48 ILE ILE A . n 
A 1 49 ARG 49 49 49 ARG ARG A . n 
A 1 50 ALA 50 50 50 ALA ALA A . n 
A 1 51 LYS 51 51 51 LYS LYS A . n 
A 1 52 SER 52 52 52 SER SER A . n 
A 1 53 GLY 53 53 53 GLY GLY A . n 
A 1 54 ALA 54 54 54 ALA ALA A . n 
A 1 55 ALA 55 55 55 ALA ALA A . n 
A 1 56 GLU 56 56 56 GLU GLU A . n 
A 1 57 LYS 57 57 57 LYS LYS A . n 
A 1 58 ILE 58 58 58 ILE ILE A . n 
A 1 59 SER 59 59 59 SER SER A . n 
A 1 60 THR 60 60 60 THR THR A . n 
A 1 61 VAL 61 61 61 VAL VAL A . n 
A 1 62 VAL 62 62 62 VAL VAL A . n 
A 1 63 GLU 63 63 63 GLU GLU A . n 
A 1 64 LEU 64 64 64 LEU LEU A . n 
A 1 65 ASP 65 65 65 ASP ASP A . n 
A 1 66 TYR 66 66 66 TYR TYR A . n 
A 1 67 PHE 67 67 67 PHE PHE A . n 
A 1 68 THR 68 68 68 THR THR A . n 
A 1 69 ASP 69 69 69 ASP ASP A . n 
A 1 70 PHE 70 70 70 PHE PHE A . n 
A 1 71 PHE 71 71 71 PHE PHE A . n 
A 1 72 GLN 72 72 72 GLN GLN A . n 
A 1 73 SER 73 73 73 SER SER A . n 
A 1 74 TYR 74 74 74 TYR TYR A . n 
A 1 75 ALA 75 75 75 ALA ALA A . n 
A 1 76 GLU 76 76 76 GLU GLU A . n 
A 1 77 VAL 77 77 77 VAL VAL A . n 
A 1 78 CAS 78 78 78 CAS CAS A . n 
A 1 79 LYS 79 79 79 LYS LYS A . n 
A 1 80 GLY 80 80 80 GLY GLY A . n 
A 1 81 GLN 81 81 81 GLN GLN A . n 
A 1 82 ILE 82 82 82 ILE ILE A . n 
A 1 83 VAL 83 83 83 VAL VAL A . n 
A 1 84 GLY 84 84 ?  ?   ?   A . n 
A 1 85 LEU 85 85 ?  ?   ?   A . n 
A 1 86 LYS 86 86 ?  ?   ?   A . n 
A 1 87 LYS 87 87 ?  ?   ?   A . n 
A 1 88 ARG 88 88 ?  ?   ?   A . n 
A 1 89 ASP 89 89 ?  ?   ?   A . n 
A 1 90 ARG 90 90 ?  ?   ?   A . n 
A 1 91 LYS 91 91 ?  ?   ?   A . n 
B 1 1  MET 1  1  1  MET MET B . n 
B 1 2  LEU 2  2  2  LEU LEU B . n 
B 1 3  LEU 3  3  3  LEU LEU B . n 
B 1 4  SER 4  4  4  SER SER B . n 
B 1 5  ASN 5  5  5  ASN ASN B . n 
B 1 6  GLU 6  6  6  GLU GLU B . n 
B 1 7  GLU 7  7  7  GLU GLU B . n 
B 1 8  PHE 8  8  8  PHE PHE B . n 
B 1 9  LEU 9  9  9  LEU LEU B . n 
B 1 10 LYS 10 10 10 LYS LYS B . n 
B 1 11 LYS 11 11 11 LYS LYS B . n 
B 1 12 LEU 12 12 12 LEU LEU B . n 
B 1 13 THR 13 13 13 THR THR B . n 
B 1 14 ASP 14 14 14 ASP ASP B . n 
B 1 15 LEU 15 15 15 LEU LEU B . n 
B 1 16 LEU 16 16 16 LEU LEU B . n 
B 1 17 GLN 17 17 17 GLN GLN B . n 
B 1 18 THR 18 18 18 THR THR B . n 
B 1 19 HIS 19 19 19 HIS HIS B . n 
B 1 20 GLN 20 20 20 GLN GLN B . n 
B 1 21 SER 21 21 21 SER SER B . n 
B 1 22 LYS 22 22 22 LYS LYS B . n 
B 1 23 GLY 23 23 23 GLY GLY B . n 
B 1 24 THR 24 24 24 THR THR B . n 
B 1 25 GLY 25 25 25 GLY GLY B . n 
B 1 26 SER 26 26 26 SER SER B . n 
B 1 27 VAL 27 27 27 VAL VAL B . n 
B 1 28 TYR 28 28 28 TYR TYR B . n 
B 1 29 LEU 29 29 29 LEU LEU B . n 
B 1 30 SER 30 30 30 SER SER B . n 
B 1 31 GLN 31 31 31 GLN GLN B . n 
B 1 32 LYS 32 32 32 LYS LYS B . n 
B 1 33 CAS 33 33 33 CAS CAS B . n 
B 1 34 ASN 34 34 34 ASN ASN B . n 
B 1 35 PRO 35 35 35 PRO PRO B . n 
B 1 36 VAL 36 36 36 VAL VAL B . n 
B 1 37 ASP 37 37 37 ASP ASP B . n 
B 1 38 GLU 38 38 ?  ?   ?   B . n 
B 1 39 GLY 39 39 ?  ?   ?   B . n 
B 1 40 GLU 40 40 40 GLU GLU B . n 
B 1 41 GLY 41 41 41 GLY GLY B . n 
B 1 42 SER 42 42 42 SER SER B . n 
B 1 43 SER 43 43 43 SER SER B . n 
B 1 44 ALA 44 44 44 ALA ALA B . n 
B 1 45 SER 45 45 45 SER SER B . n 
B 1 46 VAL 46 46 46 VAL VAL B . n 
B 1 47 LEU 47 47 47 LEU LEU B . n 
B 1 48 ILE 48 48 48 ILE ILE B . n 
B 1 49 ARG 49 49 49 ARG ARG B . n 
B 1 50 ALA 50 50 50 ALA ALA B . n 
B 1 51 LYS 51 51 51 LYS LYS B . n 
B 1 52 SER 52 52 52 SER SER B . n 
B 1 53 GLY 53 53 53 GLY GLY B . n 
B 1 54 ALA 54 54 54 ALA ALA B . n 
B 1 55 ALA 55 55 55 ALA ALA B . n 
B 1 56 GLU 56 56 56 GLU GLU B . n 
B 1 57 LYS 57 57 57 LYS LYS B . n 
B 1 58 ILE 58 58 58 ILE ILE B . n 
B 1 59 SER 59 59 59 SER SER B . n 
B 1 60 THR 60 60 60 THR THR B . n 
B 1 61 VAL 61 61 61 VAL VAL B . n 
B 1 62 VAL 62 62 62 VAL VAL B . n 
B 1 63 GLU 63 63 63 GLU GLU B . n 
B 1 64 LEU 64 64 64 LEU LEU B . n 
B 1 65 ASP 65 65 65 ASP ASP B . n 
B 1 66 TYR 66 66 66 TYR TYR B . n 
B 1 67 PHE 67 67 67 PHE PHE B . n 
B 1 68 THR 68 68 68 THR THR B . n 
B 1 69 ASP 69 69 69 ASP ASP B . n 
B 1 70 PHE 70 70 70 PHE PHE B . n 
B 1 71 PHE 71 71 71 PHE PHE B . n 
B 1 72 GLN 72 72 72 GLN GLN B . n 
B 1 73 SER 73 73 73 SER SER B . n 
B 1 74 TYR 74 74 74 TYR TYR B . n 
B 1 75 ALA 75 75 75 ALA ALA B . n 
B 1 76 GLU 76 76 76 GLU GLU B . n 
B 1 77 VAL 77 77 77 VAL VAL B . n 
B 1 78 CAS 78 78 78 CAS CAS B . n 
B 1 79 LYS 79 79 79 LYS LYS B . n 
B 1 80 GLY 80 80 80 GLY GLY B . n 
B 1 81 GLN 81 81 81 GLN GLN B . n 
B 1 82 ILE 82 82 82 ILE ILE B . n 
B 1 83 VAL 83 83 83 VAL VAL B . n 
B 1 84 GLY 84 84 84 GLY GLY B . n 
B 1 85 LEU 85 85 ?  ?   ?   B . n 
B 1 86 LYS 86 86 ?  ?   ?   B . n 
B 1 87 LYS 87 87 ?  ?   ?   B . n 
B 1 88 ARG 88 88 ?  ?   ?   B . n 
B 1 89 ASP 89 89 ?  ?   ?   B . n 
B 1 90 ARG 90 90 ?  ?   ?   B . n 
B 1 91 LYS 91 91 ?  ?   ?   B . n 
# 
loop_
_pdbx_nonpoly_scheme.asym_id 
_pdbx_nonpoly_scheme.entity_id 
_pdbx_nonpoly_scheme.mon_id 
_pdbx_nonpoly_scheme.ndb_seq_num 
_pdbx_nonpoly_scheme.pdb_seq_num 
_pdbx_nonpoly_scheme.auth_seq_num 
_pdbx_nonpoly_scheme.pdb_mon_id 
_pdbx_nonpoly_scheme.auth_mon_id 
_pdbx_nonpoly_scheme.pdb_strand_id 
_pdbx_nonpoly_scheme.pdb_ins_code 
C 2 HOH 1 2001 2001 HOH HOH A . 
C 2 HOH 2 2002 2002 HOH HOH A . 
C 2 HOH 3 2003 2003 HOH HOH A . 
C 2 HOH 4 2004 2004 HOH HOH A . 
# 
loop_
_pdbx_unobs_or_zero_occ_atoms.id 
_pdbx_unobs_or_zero_occ_atoms.PDB_model_num 
_pdbx_unobs_or_zero_occ_atoms.polymer_flag 
_pdbx_unobs_or_zero_occ_atoms.occupancy_flag 
_pdbx_unobs_or_zero_occ_atoms.auth_asym_id 
_pdbx_unobs_or_zero_occ_atoms.auth_comp_id 
_pdbx_unobs_or_zero_occ_atoms.auth_seq_id 
_pdbx_unobs_or_zero_occ_atoms.PDB_ins_code 
_pdbx_unobs_or_zero_occ_atoms.auth_atom_id 
_pdbx_unobs_or_zero_occ_atoms.label_alt_id 
_pdbx_unobs_or_zero_occ_atoms.label_asym_id 
_pdbx_unobs_or_zero_occ_atoms.label_comp_id 
_pdbx_unobs_or_zero_occ_atoms.label_seq_id 
_pdbx_unobs_or_zero_occ_atoms.label_atom_id 
1  1 Y 1 A HIS 19 ? CG  ? A HIS 19 CG  
2  1 Y 1 A HIS 19 ? ND1 ? A HIS 19 ND1 
3  1 Y 1 A HIS 19 ? CD2 ? A HIS 19 CD2 
4  1 Y 1 A HIS 19 ? CE1 ? A HIS 19 CE1 
5  1 Y 1 A HIS 19 ? NE2 ? A HIS 19 NE2 
6  1 Y 1 A TYR 28 ? CG  ? A TYR 28 CG  
7  1 Y 1 A TYR 28 ? CD1 ? A TYR 28 CD1 
8  1 Y 1 A TYR 28 ? CD2 ? A TYR 28 CD2 
9  1 Y 1 A TYR 28 ? CE1 ? A TYR 28 CE1 
10 1 Y 1 A TYR 28 ? CE2 ? A TYR 28 CE2 
11 1 Y 1 A TYR 28 ? CZ  ? A TYR 28 CZ  
12 1 Y 1 A TYR 28 ? OH  ? A TYR 28 OH  
13 1 Y 1 A GLU 38 ? CG  ? A GLU 38 CG  
14 1 Y 1 A GLU 38 ? CD  ? A GLU 38 CD  
15 1 Y 1 A GLU 38 ? OE1 ? A GLU 38 OE1 
16 1 Y 1 A GLU 38 ? OE2 ? A GLU 38 OE2 
17 1 Y 1 B GLU 40 ? CG  ? B GLU 40 CG  
18 1 Y 1 B GLU 40 ? CD  ? B GLU 40 CD  
19 1 Y 1 B GLU 40 ? OE1 ? B GLU 40 OE1 
20 1 Y 1 B GLU 40 ? OE2 ? B GLU 40 OE2 
# 
loop_
_software.name 
_software.classification 
_software.version 
_software.citation_id 
_software.pdbx_ordinal 
REFMAC refinement       5.4.0065 ? 1 
XDS    'data reduction' .        ? 2 
XSCALE 'data scaling'   .        ? 3 
SHELX  phasing          .        ? 4 
# 
_cell.entry_id           2W9J 
_cell.length_a           57.040 
_cell.length_b           57.040 
_cell.length_c           86.370 
_cell.angle_alpha        90.00 
_cell.angle_beta         90.00 
_cell.angle_gamma        120.00 
_cell.Z_PDB              12 
_cell.pdbx_unique_axis   ? 
# 
_symmetry.entry_id                         2W9J 
_symmetry.space_group_name_H-M             'P 32 2 1' 
_symmetry.pdbx_full_space_group_name_H-M   ? 
_symmetry.cell_setting                     ? 
_symmetry.Int_Tables_number                154 
# 
_exptl.entry_id          2W9J 
_exptl.method            'X-RAY DIFFRACTION' 
_exptl.crystals_number   1 
# 
_exptl_crystal.id                    1 
_exptl_crystal.density_meas          ? 
_exptl_crystal.density_Matthews      2 
_exptl_crystal.density_percent_sol   37 
_exptl_crystal.description           'PHASES WERE COMBINED FROM RIP AND SAD' 
# 
_exptl_crystal_grow.crystal_id      1 
_exptl_crystal_grow.method          ? 
_exptl_crystal_grow.temp            ? 
_exptl_crystal_grow.temp_details    ? 
_exptl_crystal_grow.pH              ? 
_exptl_crystal_grow.pdbx_pH_range   ? 
_exptl_crystal_grow.pdbx_details    '50MM CACODYLIC ACID, PH 6.5, 22% POLY-ETHYLENE GLYCOL 4000, 50MM SODIUM ACETATE' 
# 
loop_
_diffrn.id 
_diffrn.ambient_temp 
_diffrn.ambient_temp_details 
_diffrn.crystal_id 
1 100 ? 1 
2 ?   ? 1 
# 
loop_
_diffrn_detector.diffrn_id 
_diffrn_detector.detector 
_diffrn_detector.type 
_diffrn_detector.pdbx_collection_date 
_diffrn_detector.details 
1 CCD 'ADSC CCD' 2004-03-19 'TOROIDAL FOCUSING MIRROR' 
2 ?   ?          ?          ?                          
# 
loop_
_diffrn_radiation.diffrn_id 
_diffrn_radiation.wavelength_id 
_diffrn_radiation.pdbx_monochromatic_or_laue_m_l 
_diffrn_radiation.monochromator 
_diffrn_radiation.pdbx_diffrn_protocol 
_diffrn_radiation.pdbx_scattering_type 
1 1 M 'SINGLE SILICON (111) CRYSTAL' 'SINGLE WAVELENGTH' x-ray 
2 1 M ?                              ?                   x-ray 
# 
loop_
_diffrn_radiation_wavelength.id 
_diffrn_radiation_wavelength.wavelength 
_diffrn_radiation_wavelength.wt 
1 0.93927 1.0 
2 0.97835 1.0 
# 
loop_
_diffrn_source.diffrn_id 
_diffrn_source.source 
_diffrn_source.type 
_diffrn_source.pdbx_synchrotron_site 
_diffrn_source.pdbx_synchrotron_beamline 
_diffrn_source.pdbx_wavelength 
_diffrn_source.pdbx_wavelength_list 
1 SYNCHROTRON 'ESRF BEAMLINE ID14-4' ESRF ID14-4 0.93927 ? 
2 SYNCHROTRON 'ESRF BEAMLINE ID23-1' ESRF ID23-1 0.97835 ? 
# 
_reflns.pdbx_diffrn_id               1 
_reflns.pdbx_ordinal                 1 
_reflns.entry_id                     2W9J 
_reflns.observed_criterion_sigma_I   -3.0 
_reflns.observed_criterion_sigma_F   ? 
_reflns.d_resolution_low             5.00 
_reflns.d_resolution_high            2.60 
_reflns.number_obs                   5174 
_reflns.number_all                   ? 
_reflns.percent_possible_obs         97.4 
_reflns.pdbx_Rmerge_I_obs            0.06 
_reflns.pdbx_Rsym_value              ? 
_reflns.pdbx_netI_over_sigmaI        16.00 
_reflns.B_iso_Wilson_estimate        ? 
_reflns.pdbx_redundancy              5.8 
# 
_reflns_shell.pdbx_diffrn_id         1 
_reflns_shell.pdbx_ordinal           1 
_reflns_shell.d_res_high             2.60 
_reflns_shell.d_res_low              2.70 
_reflns_shell.percent_possible_all   95.5 
_reflns_shell.Rmerge_I_obs           0.41 
_reflns_shell.pdbx_Rsym_value        ? 
_reflns_shell.meanI_over_sigI_obs    5.00 
_reflns_shell.pdbx_redundancy        6.17 
# 
_refine.pdbx_refine_id                           'X-RAY DIFFRACTION' 
_refine.entry_id                                 2W9J 
_refine.pdbx_diffrn_id                           1 
_refine.pdbx_TLS_residual_ADP_flag               'LIKELY RESIDUAL' 
_refine.ls_number_reflns_obs                     4924 
_refine.ls_number_reflns_all                     ? 
_refine.pdbx_ls_sigma_I                          ? 
_refine.pdbx_ls_sigma_F                          ? 
_refine.pdbx_data_cutoff_high_absF               ? 
_refine.pdbx_data_cutoff_low_absF                ? 
_refine.pdbx_data_cutoff_high_rms_absF           ? 
_refine.ls_d_res_low                             32.62 
_refine.ls_d_res_high                            2.60 
_refine.ls_percent_reflns_obs                    97.2 
_refine.ls_R_factor_obs                          0.240 
_refine.ls_R_factor_all                          ? 
_refine.ls_R_factor_R_work                       0.238 
_refine.ls_R_factor_R_free                       0.281 
_refine.ls_R_factor_R_free_error                 ? 
_refine.ls_R_factor_R_free_error_details         ? 
_refine.ls_percent_reflns_R_free                 4.600 
_refine.ls_number_reflns_R_free                  236 
_refine.ls_number_parameters                     ? 
_refine.ls_number_restraints                     ? 
_refine.occupancy_min                            ? 
_refine.occupancy_max                            ? 
_refine.correlation_coeff_Fo_to_Fc               0.936 
_refine.correlation_coeff_Fo_to_Fc_free          0.897 
_refine.B_iso_mean                               48.08 
_refine.aniso_B[1][1]                            3.59000 
_refine.aniso_B[2][2]                            3.59000 
_refine.aniso_B[3][3]                            -5.39000 
_refine.aniso_B[1][2]                            1.80000 
_refine.aniso_B[1][3]                            0.00000 
_refine.aniso_B[2][3]                            0.00000 
_refine.solvent_model_details                    MASK 
_refine.solvent_model_param_ksol                 ? 
_refine.solvent_model_param_bsol                 ? 
_refine.pdbx_solvent_vdw_probe_radii             1.20 
_refine.pdbx_solvent_ion_probe_radii             0.80 
_refine.pdbx_solvent_shrinkage_radii             0.80 
_refine.pdbx_ls_cross_valid_method               THROUGHOUT 
_refine.details                                  'HYDROGENS HAVE BEEN ADDED IN THE RIDING POSITIONS.' 
_refine.pdbx_starting_model                      NONE 
_refine.pdbx_method_to_determine_struct          OTHER 
_refine.pdbx_isotropic_thermal_model             ? 
_refine.pdbx_stereochemistry_target_values       'MAXIMUM LIKELIHOOD WITH PHASES' 
_refine.pdbx_stereochem_target_val_spec_case     ? 
_refine.pdbx_R_Free_selection_details            RANDOM 
_refine.pdbx_overall_ESU_R                       1.612 
_refine.pdbx_overall_ESU_R_Free                  0.367 
_refine.overall_SU_ML                            0.349 
_refine.pdbx_overall_phase_error                 ? 
_refine.overall_SU_B                             37.967 
_refine.overall_SU_R_Cruickshank_DPI             ? 
_refine.pdbx_overall_SU_R_free_Cruickshank_DPI   ? 
_refine.pdbx_overall_SU_R_Blow_DPI               ? 
_refine.pdbx_overall_SU_R_free_Blow_DPI          ? 
# 
_refine_hist.pdbx_refine_id                   'X-RAY DIFFRACTION' 
_refine_hist.cycle_id                         LAST 
_refine_hist.pdbx_number_atoms_protein        1181 
_refine_hist.pdbx_number_atoms_nucleic_acid   0 
_refine_hist.pdbx_number_atoms_ligand         0 
_refine_hist.number_atoms_solvent             4 
_refine_hist.number_atoms_total               1185 
_refine_hist.d_res_high                       2.60 
_refine_hist.d_res_low                        32.62 
# 
loop_
_refine_ls_restr.type 
_refine_ls_restr.dev_ideal 
_refine_ls_restr.dev_ideal_target 
_refine_ls_restr.weight 
_refine_ls_restr.number 
_refine_ls_restr.pdbx_refine_id 
_refine_ls_restr.pdbx_restraint_function 
r_bond_refined_d             0.010  0.022  ? 1192 'X-RAY DIFFRACTION' ? 
r_bond_other_d               ?      ?      ? ?    'X-RAY DIFFRACTION' ? 
r_angle_refined_deg          1.243  1.997  ? 1601 'X-RAY DIFFRACTION' ? 
r_angle_other_deg            ?      ?      ? ?    'X-RAY DIFFRACTION' ? 
r_dihedral_angle_1_deg       6.144  5.000  ? 148  'X-RAY DIFFRACTION' ? 
r_dihedral_angle_2_deg       35.504 26.170 ? 47   'X-RAY DIFFRACTION' ? 
r_dihedral_angle_3_deg       15.681 15.000 ? 215  'X-RAY DIFFRACTION' ? 
r_dihedral_angle_4_deg       18.420 15.000 ? 2    'X-RAY DIFFRACTION' ? 
r_chiral_restr               0.069  0.200  ? 196  'X-RAY DIFFRACTION' ? 
r_gen_planes_refined         0.005  0.020  ? 836  'X-RAY DIFFRACTION' ? 
r_gen_planes_other           ?      ?      ? ?    'X-RAY DIFFRACTION' ? 
r_nbd_refined                ?      ?      ? ?    'X-RAY DIFFRACTION' ? 
r_nbd_other                  ?      ?      ? ?    'X-RAY DIFFRACTION' ? 
r_nbtor_refined              ?      ?      ? ?    'X-RAY DIFFRACTION' ? 
r_nbtor_other                ?      ?      ? ?    'X-RAY DIFFRACTION' ? 
r_xyhbond_nbd_refined        ?      ?      ? ?    'X-RAY DIFFRACTION' ? 
r_xyhbond_nbd_other          ?      ?      ? ?    'X-RAY DIFFRACTION' ? 
r_metal_ion_refined          ?      ?      ? ?    'X-RAY DIFFRACTION' ? 
r_metal_ion_other            ?      ?      ? ?    'X-RAY DIFFRACTION' ? 
r_symmetry_vdw_refined       ?      ?      ? ?    'X-RAY DIFFRACTION' ? 
r_symmetry_vdw_other         ?      ?      ? ?    'X-RAY DIFFRACTION' ? 
r_symmetry_hbond_refined     ?      ?      ? ?    'X-RAY DIFFRACTION' ? 
r_symmetry_hbond_other       ?      ?      ? ?    'X-RAY DIFFRACTION' ? 
r_symmetry_metal_ion_refined ?      ?      ? ?    'X-RAY DIFFRACTION' ? 
r_symmetry_metal_ion_other   ?      ?      ? ?    'X-RAY DIFFRACTION' ? 
r_mcbond_it                  0.511  1.500  ? 754  'X-RAY DIFFRACTION' ? 
r_mcbond_other               ?      ?      ? ?    'X-RAY DIFFRACTION' ? 
r_mcangle_it                 1.044  2.000  ? 1206 'X-RAY DIFFRACTION' ? 
r_mcangle_other              ?      ?      ? ?    'X-RAY DIFFRACTION' ? 
r_scbond_it                  1.810  3.000  ? 438  'X-RAY DIFFRACTION' ? 
r_scbond_other               ?      ?      ? ?    'X-RAY DIFFRACTION' ? 
r_scangle_it                 3.120  4.500  ? 395  'X-RAY DIFFRACTION' ? 
r_scangle_other              ?      ?      ? ?    'X-RAY DIFFRACTION' ? 
r_long_range_B_refined       ?      ?      ? ?    'X-RAY DIFFRACTION' ? 
r_long_range_B_other         ?      ?      ? ?    'X-RAY DIFFRACTION' ? 
r_rigid_bond_restr           ?      ?      ? ?    'X-RAY DIFFRACTION' ? 
r_sphericity_free            ?      ?      ? ?    'X-RAY DIFFRACTION' ? 
r_sphericity_bonded          ?      ?      ? ?    'X-RAY DIFFRACTION' ? 
# 
_refine_ls_shell.pdbx_refine_id                   'X-RAY DIFFRACTION' 
_refine_ls_shell.pdbx_total_number_of_bins_used   20 
_refine_ls_shell.d_res_high                       2.60 
_refine_ls_shell.d_res_low                        2.67 
_refine_ls_shell.number_reflns_R_work             339 
_refine_ls_shell.R_factor_R_work                  0.3130 
_refine_ls_shell.percent_reflns_obs               ? 
_refine_ls_shell.R_factor_R_free                  0.3160 
_refine_ls_shell.R_factor_R_free_error            ? 
_refine_ls_shell.percent_reflns_R_free            ? 
_refine_ls_shell.number_reflns_R_free             12 
_refine_ls_shell.number_reflns_all                ? 
_refine_ls_shell.R_factor_all                     ? 
# 
_struct_ncs_oper.id             1 
_struct_ncs_oper.code           given 
_struct_ncs_oper.details        ? 
_struct_ncs_oper.matrix[1][1]   -0.25987315 
_struct_ncs_oper.matrix[1][2]   0.76572212 
_struct_ncs_oper.matrix[1][3]   -0.74209440 
_struct_ncs_oper.matrix[2][1]   0.10702803 
_struct_ncs_oper.matrix[2][2]   0.18207313 
_struct_ncs_oper.matrix[2][3]   -0.79625680 
_struct_ncs_oper.matrix[3][1]   -0.98051929 
_struct_ncs_oper.matrix[3][2]   -0.30653782 
_struct_ncs_oper.matrix[3][3]   0.24880002 
_struct_ncs_oper.vector[1]      0.15687 
_struct_ncs_oper.vector[2]      18.96302 
_struct_ncs_oper.vector[3]      -4.40104 
# 
_struct.entry_id                  2W9J 
_struct.title                     'The crystal structure of SRP14 from the Schizosaccharomyces pombe signal recognition particle' 
_struct.pdbx_model_details        ? 
_struct.pdbx_CASP_flag            ? 
_struct.pdbx_model_type_details   ? 
# 
_struct_keywords.entry_id        2W9J 
_struct_keywords.pdbx_keywords   'SIGNALING PROTEIN' 
_struct_keywords.text            
;SCHIZOSACCHAROMYCES POMBE, RADIATION-INDUCED PHASING, RNA-BINDING, RIBONUCLEOPROTEIN, SIGNAL RECOGNITION PARTICLE, SIGNALING PROTEIN, ARSENIC, ALU-DOMAIN, CACODYLATE
;
# 
loop_
_struct_asym.id 
_struct_asym.pdbx_blank_PDB_chainid_flag 
_struct_asym.pdbx_modified 
_struct_asym.entity_id 
_struct_asym.details 
A N N 1 ? 
B N N 1 ? 
C N N 2 ? 
# 
_struct_ref.id                         1 
_struct_ref.db_name                    UNP 
_struct_ref.db_code                    SRP14_SCHPO 
_struct_ref.entity_id                  1 
_struct_ref.pdbx_seq_one_letter_code   ? 
_struct_ref.pdbx_align_begin           ? 
_struct_ref.pdbx_db_accession          Q9P372 
_struct_ref.pdbx_db_isoform            ? 
# 
loop_
_struct_ref_seq.align_id 
_struct_ref_seq.ref_id 
_struct_ref_seq.pdbx_PDB_id_code 
_struct_ref_seq.pdbx_strand_id 
_struct_ref_seq.seq_align_beg 
_struct_ref_seq.pdbx_seq_align_beg_ins_code 
_struct_ref_seq.seq_align_end 
_struct_ref_seq.pdbx_seq_align_end_ins_code 
_struct_ref_seq.pdbx_db_accession 
_struct_ref_seq.db_align_beg 
_struct_ref_seq.pdbx_db_align_beg_ins_code 
_struct_ref_seq.db_align_end 
_struct_ref_seq.pdbx_db_align_end_ins_code 
_struct_ref_seq.pdbx_auth_seq_align_beg 
_struct_ref_seq.pdbx_auth_seq_align_end 
1 1 2W9J A 1 ? 91 ? Q9P372 1 ? 91 ? 1 91 
2 1 2W9J B 1 ? 91 ? Q9P372 1 ? 91 ? 1 91 
# 
loop_
_pdbx_struct_assembly.id 
_pdbx_struct_assembly.details 
_pdbx_struct_assembly.method_details 
_pdbx_struct_assembly.oligomeric_details 
_pdbx_struct_assembly.oligomeric_count 
1 author_and_software_defined_assembly PQS monomeric 1 
2 author_and_software_defined_assembly PQS monomeric 1 
# 
loop_
_pdbx_struct_assembly_gen.assembly_id 
_pdbx_struct_assembly_gen.oper_expression 
_pdbx_struct_assembly_gen.asym_id_list 
1 1 A,C 
2 1 B   
# 
_pdbx_struct_oper_list.id                   1 
_pdbx_struct_oper_list.type                 'identity operation' 
_pdbx_struct_oper_list.name                 1_555 
_pdbx_struct_oper_list.symmetry_operation   x,y,z 
_pdbx_struct_oper_list.matrix[1][1]         1.0000000000 
_pdbx_struct_oper_list.matrix[1][2]         0.0000000000 
_pdbx_struct_oper_list.matrix[1][3]         0.0000000000 
_pdbx_struct_oper_list.vector[1]            0.0000000000 
_pdbx_struct_oper_list.matrix[2][1]         0.0000000000 
_pdbx_struct_oper_list.matrix[2][2]         1.0000000000 
_pdbx_struct_oper_list.matrix[2][3]         0.0000000000 
_pdbx_struct_oper_list.vector[2]            0.0000000000 
_pdbx_struct_oper_list.matrix[3][1]         0.0000000000 
_pdbx_struct_oper_list.matrix[3][2]         0.0000000000 
_pdbx_struct_oper_list.matrix[3][3]         1.0000000000 
_pdbx_struct_oper_list.vector[3]            0.0000000000 
# 
_struct_biol.id   1 
# 
loop_
_struct_conf.conf_type_id 
_struct_conf.id 
_struct_conf.pdbx_PDB_helix_id 
_struct_conf.beg_label_comp_id 
_struct_conf.beg_label_asym_id 
_struct_conf.beg_label_seq_id 
_struct_conf.pdbx_beg_PDB_ins_code 
_struct_conf.end_label_comp_id 
_struct_conf.end_label_asym_id 
_struct_conf.end_label_seq_id 
_struct_conf.pdbx_end_PDB_ins_code 
_struct_conf.beg_auth_comp_id 
_struct_conf.beg_auth_asym_id 
_struct_conf.beg_auth_seq_id 
_struct_conf.end_auth_comp_id 
_struct_conf.end_auth_asym_id 
_struct_conf.end_auth_seq_id 
_struct_conf.pdbx_PDB_helix_class 
_struct_conf.details 
_struct_conf.pdbx_PDB_helix_length 
HELX_P HELX_P1 1 SER A 4  ? THR A 18 ? SER A 4  THR A 18 1 ? 15 
HELX_P HELX_P2 2 TYR A 66 ? VAL A 77 ? TYR A 66 VAL A 77 1 ? 12 
HELX_P HELX_P3 3 SER B 4  ? GLY B 23 ? SER B 4  GLY B 23 1 ? 20 
HELX_P HELX_P4 4 TYR B 66 ? VAL B 77 ? TYR B 66 VAL B 77 1 ? 12 
HELX_P HELX_P5 5 LYS B 79 ? GLY B 84 ? LYS B 79 GLY B 84 1 ? 6  
# 
_struct_conf_type.id          HELX_P 
_struct_conf_type.criteria    ? 
_struct_conf_type.reference   ? 
# 
loop_
_struct_conn.id 
_struct_conn.conn_type_id 
_struct_conn.pdbx_leaving_atom_flag 
_struct_conn.pdbx_PDB_id 
_struct_conn.ptnr1_label_asym_id 
_struct_conn.ptnr1_label_comp_id 
_struct_conn.ptnr1_label_seq_id 
_struct_conn.ptnr1_label_atom_id 
_struct_conn.pdbx_ptnr1_label_alt_id 
_struct_conn.pdbx_ptnr1_PDB_ins_code 
_struct_conn.pdbx_ptnr1_standard_comp_id 
_struct_conn.ptnr1_symmetry 
_struct_conn.ptnr2_label_asym_id 
_struct_conn.ptnr2_label_comp_id 
_struct_conn.ptnr2_label_seq_id 
_struct_conn.ptnr2_label_atom_id 
_struct_conn.pdbx_ptnr2_label_alt_id 
_struct_conn.pdbx_ptnr2_PDB_ins_code 
_struct_conn.ptnr1_auth_asym_id 
_struct_conn.ptnr1_auth_comp_id 
_struct_conn.ptnr1_auth_seq_id 
_struct_conn.ptnr2_auth_asym_id 
_struct_conn.ptnr2_auth_comp_id 
_struct_conn.ptnr2_auth_seq_id 
_struct_conn.ptnr2_symmetry 
_struct_conn.pdbx_ptnr3_label_atom_id 
_struct_conn.pdbx_ptnr3_label_seq_id 
_struct_conn.pdbx_ptnr3_label_comp_id 
_struct_conn.pdbx_ptnr3_label_asym_id 
_struct_conn.pdbx_ptnr3_label_alt_id 
_struct_conn.pdbx_ptnr3_PDB_ins_code 
_struct_conn.details 
_struct_conn.pdbx_dist_value 
_struct_conn.pdbx_value_order 
_struct_conn.pdbx_role 
covale1 covale both ? A LYS 32 C ? ? ? 1_555 A CAS 33 N ? ? A LYS 32 A CAS 33 1_555 ? ? ? ? ? ? ? 1.321 ? ? 
covale2 covale both ? A CAS 33 C ? ? ? 1_555 A ASN 34 N ? ? A CAS 33 A ASN 34 1_555 ? ? ? ? ? ? ? 1.322 ? ? 
covale3 covale both ? A VAL 77 C ? ? ? 1_555 A CAS 78 N ? ? A VAL 77 A CAS 78 1_555 ? ? ? ? ? ? ? 1.332 ? ? 
covale4 covale both ? A CAS 78 C ? ? ? 1_555 A LYS 79 N ? ? A CAS 78 A LYS 79 1_555 ? ? ? ? ? ? ? 1.332 ? ? 
covale5 covale both ? B LYS 32 C ? ? ? 1_555 B CAS 33 N ? ? B LYS 32 B CAS 33 1_555 ? ? ? ? ? ? ? 1.325 ? ? 
covale6 covale both ? B CAS 33 C ? ? ? 1_555 B ASN 34 N ? ? B CAS 33 B ASN 34 1_555 ? ? ? ? ? ? ? 1.322 ? ? 
covale7 covale both ? B VAL 77 C ? ? ? 1_555 B CAS 78 N ? ? B VAL 77 B CAS 78 1_555 ? ? ? ? ? ? ? 1.330 ? ? 
covale8 covale both ? B CAS 78 C ? ? ? 1_555 B LYS 79 N ? ? B CAS 78 B LYS 79 1_555 ? ? ? ? ? ? ? 1.336 ? ? 
# 
_struct_conn_type.id          covale 
_struct_conn_type.criteria    ? 
_struct_conn_type.reference   ? 
# 
loop_
_pdbx_modification_feature.ordinal 
_pdbx_modification_feature.label_comp_id 
_pdbx_modification_feature.label_asym_id 
_pdbx_modification_feature.label_seq_id 
_pdbx_modification_feature.label_alt_id 
_pdbx_modification_feature.modified_residue_label_comp_id 
_pdbx_modification_feature.modified_residue_label_asym_id 
_pdbx_modification_feature.modified_residue_label_seq_id 
_pdbx_modification_feature.modified_residue_label_alt_id 
_pdbx_modification_feature.auth_comp_id 
_pdbx_modification_feature.auth_asym_id 
_pdbx_modification_feature.auth_seq_id 
_pdbx_modification_feature.PDB_ins_code 
_pdbx_modification_feature.symmetry 
_pdbx_modification_feature.modified_residue_auth_comp_id 
_pdbx_modification_feature.modified_residue_auth_asym_id 
_pdbx_modification_feature.modified_residue_auth_seq_id 
_pdbx_modification_feature.modified_residue_PDB_ins_code 
_pdbx_modification_feature.modified_residue_symmetry 
_pdbx_modification_feature.comp_id_linking_atom 
_pdbx_modification_feature.modified_residue_id_linking_atom 
_pdbx_modification_feature.modified_residue_id 
_pdbx_modification_feature.ref_pcm_id 
_pdbx_modification_feature.ref_comp_id 
_pdbx_modification_feature.type 
_pdbx_modification_feature.category 
1 CAS A 33 ? . . . . CAS A 33 ? 1_555 . . . . . . . CYS 1 CAS None 'Non-standard residue' 
2 CAS A 78 ? . . . . CAS A 78 ? 1_555 . . . . . . . CYS 1 CAS None 'Non-standard residue' 
3 CAS B 33 ? . . . . CAS B 33 ? 1_555 . . . . . . . CYS 1 CAS None 'Non-standard residue' 
4 CAS B 78 ? . . . . CAS B 78 ? 1_555 . . . . . . . CYS 1 CAS None 'Non-standard residue' 
# 
loop_
_struct_sheet.id 
_struct_sheet.type 
_struct_sheet.number_strands 
_struct_sheet.details 
AA ? 3 ? 
BA ? 4 ? 
# 
loop_
_struct_sheet_order.sheet_id 
_struct_sheet_order.range_id_1 
_struct_sheet_order.range_id_2 
_struct_sheet_order.offset 
_struct_sheet_order.sense 
AA 1 2 ? anti-parallel 
AA 2 3 ? anti-parallel 
BA 1 2 ? parallel      
BA 2 3 ? anti-parallel 
BA 3 4 ? anti-parallel 
# 
loop_
_struct_sheet_range.sheet_id 
_struct_sheet_range.id 
_struct_sheet_range.beg_label_comp_id 
_struct_sheet_range.beg_label_asym_id 
_struct_sheet_range.beg_label_seq_id 
_struct_sheet_range.pdbx_beg_PDB_ins_code 
_struct_sheet_range.end_label_comp_id 
_struct_sheet_range.end_label_asym_id 
_struct_sheet_range.end_label_seq_id 
_struct_sheet_range.pdbx_end_PDB_ins_code 
_struct_sheet_range.beg_auth_comp_id 
_struct_sheet_range.beg_auth_asym_id 
_struct_sheet_range.beg_auth_seq_id 
_struct_sheet_range.end_auth_comp_id 
_struct_sheet_range.end_auth_asym_id 
_struct_sheet_range.end_auth_seq_id 
AA 1 SER A 30 ? VAL A 36 ? SER A 30 VAL A 36 
AA 2 SER A 45 ? LYS A 51 ? SER A 45 LYS A 51 
AA 3 LYS A 57 ? GLU A 63 ? LYS A 57 GLU A 63 
BA 1 LEU B 2  ? LEU B 3  ? LEU B 2  LEU B 3  
BA 2 ILE B 58 ? GLU B 63 ? ILE B 58 GLU B 63 
BA 3 SER B 45 ? SER B 52 ? SER B 45 SER B 52 
BA 4 VAL B 27 ? LYS B 32 ? VAL B 27 LYS B 32 
# 
loop_
_pdbx_struct_sheet_hbond.sheet_id 
_pdbx_struct_sheet_hbond.range_id_1 
_pdbx_struct_sheet_hbond.range_id_2 
_pdbx_struct_sheet_hbond.range_1_label_atom_id 
_pdbx_struct_sheet_hbond.range_1_label_comp_id 
_pdbx_struct_sheet_hbond.range_1_label_asym_id 
_pdbx_struct_sheet_hbond.range_1_label_seq_id 
_pdbx_struct_sheet_hbond.range_1_PDB_ins_code 
_pdbx_struct_sheet_hbond.range_1_auth_atom_id 
_pdbx_struct_sheet_hbond.range_1_auth_comp_id 
_pdbx_struct_sheet_hbond.range_1_auth_asym_id 
_pdbx_struct_sheet_hbond.range_1_auth_seq_id 
_pdbx_struct_sheet_hbond.range_2_label_atom_id 
_pdbx_struct_sheet_hbond.range_2_label_comp_id 
_pdbx_struct_sheet_hbond.range_2_label_asym_id 
_pdbx_struct_sheet_hbond.range_2_label_seq_id 
_pdbx_struct_sheet_hbond.range_2_PDB_ins_code 
_pdbx_struct_sheet_hbond.range_2_auth_atom_id 
_pdbx_struct_sheet_hbond.range_2_auth_comp_id 
_pdbx_struct_sheet_hbond.range_2_auth_asym_id 
_pdbx_struct_sheet_hbond.range_2_auth_seq_id 
AA 1 2 N VAL A 36 ? N VAL A 36 O SER A 45 ? O SER A 45 
AA 2 3 N ALA A 50 ? N ALA A 50 O ILE A 58 ? O ILE A 58 
BA 1 2 N LEU B 3  ? N LEU B 3  O SER B 59 ? O SER B 59 
BA 2 3 N VAL B 62 ? N VAL B 62 O VAL B 46 ? O VAL B 46 
BA 3 4 N LYS B 51 ? N LYS B 51 O TYR B 28 ? O TYR B 28 
# 
_pdbx_entry_details.entry_id                   2W9J 
_pdbx_entry_details.compound_details           ? 
_pdbx_entry_details.source_details             ? 
_pdbx_entry_details.nonpolymer_details         ? 
_pdbx_entry_details.sequence_details           ? 
_pdbx_entry_details.has_ligand_of_interest     ? 
_pdbx_entry_details.has_protein_modification   Y 
# 
loop_
_pdbx_validate_torsion.id 
_pdbx_validate_torsion.PDB_model_num 
_pdbx_validate_torsion.auth_comp_id 
_pdbx_validate_torsion.auth_asym_id 
_pdbx_validate_torsion.auth_seq_id 
_pdbx_validate_torsion.PDB_ins_code 
_pdbx_validate_torsion.label_alt_id 
_pdbx_validate_torsion.phi 
_pdbx_validate_torsion.psi 
1 1 THR B 24 ? ? -101.37 -154.83 
2 1 SER B 43 ? ? -69.61  21.07   
3 1 ILE B 82 ? ? -99.51  -62.15  
# 
loop_
_pdbx_struct_mod_residue.id 
_pdbx_struct_mod_residue.label_asym_id 
_pdbx_struct_mod_residue.label_comp_id 
_pdbx_struct_mod_residue.label_seq_id 
_pdbx_struct_mod_residue.auth_asym_id 
_pdbx_struct_mod_residue.auth_comp_id 
_pdbx_struct_mod_residue.auth_seq_id 
_pdbx_struct_mod_residue.PDB_ins_code 
_pdbx_struct_mod_residue.parent_comp_id 
_pdbx_struct_mod_residue.details 
1 A CAS 33 A CAS 33 ? CYS 'S-(DIMETHYLARSENIC)CYSTEINE' 
2 A CAS 78 A CAS 78 ? CYS 'S-(DIMETHYLARSENIC)CYSTEINE' 
3 B CAS 33 B CAS 33 ? CYS 'S-(DIMETHYLARSENIC)CYSTEINE' 
4 B CAS 78 B CAS 78 ? CYS 'S-(DIMETHYLARSENIC)CYSTEINE' 
# 
loop_
_pdbx_refine_tls.pdbx_refine_id 
_pdbx_refine_tls.id 
_pdbx_refine_tls.details 
_pdbx_refine_tls.method 
_pdbx_refine_tls.origin_x 
_pdbx_refine_tls.origin_y 
_pdbx_refine_tls.origin_z 
_pdbx_refine_tls.T[1][1] 
_pdbx_refine_tls.T[2][2] 
_pdbx_refine_tls.T[3][3] 
_pdbx_refine_tls.T[1][2] 
_pdbx_refine_tls.T[1][3] 
_pdbx_refine_tls.T[2][3] 
_pdbx_refine_tls.L[1][1] 
_pdbx_refine_tls.L[2][2] 
_pdbx_refine_tls.L[3][3] 
_pdbx_refine_tls.L[1][2] 
_pdbx_refine_tls.L[1][3] 
_pdbx_refine_tls.L[2][3] 
_pdbx_refine_tls.S[1][1] 
_pdbx_refine_tls.S[1][2] 
_pdbx_refine_tls.S[1][3] 
_pdbx_refine_tls.S[2][1] 
_pdbx_refine_tls.S[2][2] 
_pdbx_refine_tls.S[2][3] 
_pdbx_refine_tls.S[3][1] 
_pdbx_refine_tls.S[3][2] 
_pdbx_refine_tls.S[3][3] 
'X-RAY DIFFRACTION' 1 ? refined -9.2189 2.6428  -7.4300 -0.0541 0.0498  0.0956  -0.0052 -0.1050 0.1813  8.3321 7.0172 5.8109 -0.8102 0.9870 -0.4782 -0.2661 0.7070 0.3116 -0.0413 0.2183  0.1846 0.2738  -0.1557 0.0478 
'X-RAY DIFFRACTION' 2 ? refined 7.9796  -2.0192 6.4184  -0.0545 -0.1219 -0.1763 0.0657  -0.0331 -0.0115 9.6409 5.6327 5.4385 0.8558  0.9881 -0.1404 0.0851  0.0056 0.5012 -0.0001 -0.1545 0.1559 -0.1771 0.2923  0.0694  
# 
loop_
_pdbx_refine_tls_group.pdbx_refine_id 
_pdbx_refine_tls_group.id 
_pdbx_refine_tls_group.refine_tls_id 
_pdbx_refine_tls_group.beg_auth_asym_id 
_pdbx_refine_tls_group.beg_auth_seq_id 
_pdbx_refine_tls_group.beg_label_asym_id 
_pdbx_refine_tls_group.beg_label_seq_id 
_pdbx_refine_tls_group.end_auth_asym_id 
_pdbx_refine_tls_group.end_auth_seq_id 
_pdbx_refine_tls_group.end_label_asym_id 
_pdbx_refine_tls_group.end_label_seq_id 
_pdbx_refine_tls_group.selection 
_pdbx_refine_tls_group.selection_details 
'X-RAY DIFFRACTION' 1 1 A 1 ? ? A 83 ? ? ? ? 
'X-RAY DIFFRACTION' 2 2 B 1 ? ? B 84 ? ? ? ? 
# 
loop_
_pdbx_unobs_or_zero_occ_residues.id 
_pdbx_unobs_or_zero_occ_residues.PDB_model_num 
_pdbx_unobs_or_zero_occ_residues.polymer_flag 
_pdbx_unobs_or_zero_occ_residues.occupancy_flag 
_pdbx_unobs_or_zero_occ_residues.auth_asym_id 
_pdbx_unobs_or_zero_occ_residues.auth_comp_id 
_pdbx_unobs_or_zero_occ_residues.auth_seq_id 
_pdbx_unobs_or_zero_occ_residues.PDB_ins_code 
_pdbx_unobs_or_zero_occ_residues.label_asym_id 
_pdbx_unobs_or_zero_occ_residues.label_comp_id 
_pdbx_unobs_or_zero_occ_residues.label_seq_id 
1  1 Y 1 A GLN 20 ? A GLN 20 
2  1 Y 1 A SER 21 ? A SER 21 
3  1 Y 1 A LYS 22 ? A LYS 22 
4  1 Y 1 A GLY 23 ? A GLY 23 
5  1 Y 1 A THR 24 ? A THR 24 
6  1 Y 1 A GLY 25 ? A GLY 25 
7  1 Y 1 A SER 26 ? A SER 26 
8  1 Y 1 A GLY 39 ? A GLY 39 
9  1 Y 1 A GLU 40 ? A GLU 40 
10 1 Y 1 A GLY 41 ? A GLY 41 
11 1 Y 1 A SER 42 ? A SER 42 
12 1 Y 1 A SER 43 ? A SER 43 
13 1 Y 1 A GLY 84 ? A GLY 84 
14 1 Y 1 A LEU 85 ? A LEU 85 
15 1 Y 1 A LYS 86 ? A LYS 86 
16 1 Y 1 A LYS 87 ? A LYS 87 
17 1 Y 1 A ARG 88 ? A ARG 88 
18 1 Y 1 A ASP 89 ? A ASP 89 
19 1 Y 1 A ARG 90 ? A ARG 90 
20 1 Y 1 A LYS 91 ? A LYS 91 
21 1 Y 1 B GLU 38 ? B GLU 38 
22 1 Y 1 B GLY 39 ? B GLY 39 
23 1 Y 1 B LEU 85 ? B LEU 85 
24 1 Y 1 B LYS 86 ? B LYS 86 
25 1 Y 1 B LYS 87 ? B LYS 87 
26 1 Y 1 B ARG 88 ? B ARG 88 
27 1 Y 1 B ASP 89 ? B ASP 89 
28 1 Y 1 B ARG 90 ? B ARG 90 
29 1 Y 1 B LYS 91 ? B LYS 91 
# 
loop_
_chem_comp_atom.comp_id 
_chem_comp_atom.atom_id 
_chem_comp_atom.type_symbol 
_chem_comp_atom.pdbx_aromatic_flag 
_chem_comp_atom.pdbx_stereo_config 
_chem_comp_atom.pdbx_ordinal 
ALA N    N  N N 1   
ALA CA   C  N S 2   
ALA C    C  N N 3   
ALA O    O  N N 4   
ALA CB   C  N N 5   
ALA OXT  O  N N 6   
ALA H    H  N N 7   
ALA H2   H  N N 8   
ALA HA   H  N N 9   
ALA HB1  H  N N 10  
ALA HB2  H  N N 11  
ALA HB3  H  N N 12  
ALA HXT  H  N N 13  
ARG N    N  N N 14  
ARG CA   C  N S 15  
ARG C    C  N N 16  
ARG O    O  N N 17  
ARG CB   C  N N 18  
ARG CG   C  N N 19  
ARG CD   C  N N 20  
ARG NE   N  N N 21  
ARG CZ   C  N N 22  
ARG NH1  N  N N 23  
ARG NH2  N  N N 24  
ARG OXT  O  N N 25  
ARG H    H  N N 26  
ARG H2   H  N N 27  
ARG HA   H  N N 28  
ARG HB2  H  N N 29  
ARG HB3  H  N N 30  
ARG HG2  H  N N 31  
ARG HG3  H  N N 32  
ARG HD2  H  N N 33  
ARG HD3  H  N N 34  
ARG HE   H  N N 35  
ARG HH11 H  N N 36  
ARG HH12 H  N N 37  
ARG HH21 H  N N 38  
ARG HH22 H  N N 39  
ARG HXT  H  N N 40  
ASN N    N  N N 41  
ASN CA   C  N S 42  
ASN C    C  N N 43  
ASN O    O  N N 44  
ASN CB   C  N N 45  
ASN CG   C  N N 46  
ASN OD1  O  N N 47  
ASN ND2  N  N N 48  
ASN OXT  O  N N 49  
ASN H    H  N N 50  
ASN H2   H  N N 51  
ASN HA   H  N N 52  
ASN HB2  H  N N 53  
ASN HB3  H  N N 54  
ASN HD21 H  N N 55  
ASN HD22 H  N N 56  
ASN HXT  H  N N 57  
ASP N    N  N N 58  
ASP CA   C  N S 59  
ASP C    C  N N 60  
ASP O    O  N N 61  
ASP CB   C  N N 62  
ASP CG   C  N N 63  
ASP OD1  O  N N 64  
ASP OD2  O  N N 65  
ASP OXT  O  N N 66  
ASP H    H  N N 67  
ASP H2   H  N N 68  
ASP HA   H  N N 69  
ASP HB2  H  N N 70  
ASP HB3  H  N N 71  
ASP HD2  H  N N 72  
ASP HXT  H  N N 73  
CAS N    N  N N 74  
CAS CA   C  N R 75  
CAS CB   C  N N 76  
CAS C    C  N N 77  
CAS O    O  N N 78  
CAS OXT  O  N N 79  
CAS SG   S  N N 80  
CAS AS   AS N N 81  
CAS CE1  C  N N 82  
CAS CE2  C  N N 83  
CAS H    H  N N 84  
CAS H2   H  N N 85  
CAS HA   H  N N 86  
CAS HB2  H  N N 87  
CAS HB3  H  N N 88  
CAS HXT  H  N N 89  
CAS HE11 H  N N 90  
CAS HE12 H  N N 91  
CAS HE13 H  N N 92  
CAS HE21 H  N N 93  
CAS HE22 H  N N 94  
CAS HE23 H  N N 95  
GLN N    N  N N 96  
GLN CA   C  N S 97  
GLN C    C  N N 98  
GLN O    O  N N 99  
GLN CB   C  N N 100 
GLN CG   C  N N 101 
GLN CD   C  N N 102 
GLN OE1  O  N N 103 
GLN NE2  N  N N 104 
GLN OXT  O  N N 105 
GLN H    H  N N 106 
GLN H2   H  N N 107 
GLN HA   H  N N 108 
GLN HB2  H  N N 109 
GLN HB3  H  N N 110 
GLN HG2  H  N N 111 
GLN HG3  H  N N 112 
GLN HE21 H  N N 113 
GLN HE22 H  N N 114 
GLN HXT  H  N N 115 
GLU N    N  N N 116 
GLU CA   C  N S 117 
GLU C    C  N N 118 
GLU O    O  N N 119 
GLU CB   C  N N 120 
GLU CG   C  N N 121 
GLU CD   C  N N 122 
GLU OE1  O  N N 123 
GLU OE2  O  N N 124 
GLU OXT  O  N N 125 
GLU H    H  N N 126 
GLU H2   H  N N 127 
GLU HA   H  N N 128 
GLU HB2  H  N N 129 
GLU HB3  H  N N 130 
GLU HG2  H  N N 131 
GLU HG3  H  N N 132 
GLU HE2  H  N N 133 
GLU HXT  H  N N 134 
GLY N    N  N N 135 
GLY CA   C  N N 136 
GLY C    C  N N 137 
GLY O    O  N N 138 
GLY OXT  O  N N 139 
GLY H    H  N N 140 
GLY H2   H  N N 141 
GLY HA2  H  N N 142 
GLY HA3  H  N N 143 
GLY HXT  H  N N 144 
HIS N    N  N N 145 
HIS CA   C  N S 146 
HIS C    C  N N 147 
HIS O    O  N N 148 
HIS CB   C  N N 149 
HIS CG   C  Y N 150 
HIS ND1  N  Y N 151 
HIS CD2  C  Y N 152 
HIS CE1  C  Y N 153 
HIS NE2  N  Y N 154 
HIS OXT  O  N N 155 
HIS H    H  N N 156 
HIS H2   H  N N 157 
HIS HA   H  N N 158 
HIS HB2  H  N N 159 
HIS HB3  H  N N 160 
HIS HD1  H  N N 161 
HIS HD2  H  N N 162 
HIS HE1  H  N N 163 
HIS HE2  H  N N 164 
HIS HXT  H  N N 165 
HOH O    O  N N 166 
HOH H1   H  N N 167 
HOH H2   H  N N 168 
ILE N    N  N N 169 
ILE CA   C  N S 170 
ILE C    C  N N 171 
ILE O    O  N N 172 
ILE CB   C  N S 173 
ILE CG1  C  N N 174 
ILE CG2  C  N N 175 
ILE CD1  C  N N 176 
ILE OXT  O  N N 177 
ILE H    H  N N 178 
ILE H2   H  N N 179 
ILE HA   H  N N 180 
ILE HB   H  N N 181 
ILE HG12 H  N N 182 
ILE HG13 H  N N 183 
ILE HG21 H  N N 184 
ILE HG22 H  N N 185 
ILE HG23 H  N N 186 
ILE HD11 H  N N 187 
ILE HD12 H  N N 188 
ILE HD13 H  N N 189 
ILE HXT  H  N N 190 
LEU N    N  N N 191 
LEU CA   C  N S 192 
LEU C    C  N N 193 
LEU O    O  N N 194 
LEU CB   C  N N 195 
LEU CG   C  N N 196 
LEU CD1  C  N N 197 
LEU CD2  C  N N 198 
LEU OXT  O  N N 199 
LEU H    H  N N 200 
LEU H2   H  N N 201 
LEU HA   H  N N 202 
LEU HB2  H  N N 203 
LEU HB3  H  N N 204 
LEU HG   H  N N 205 
LEU HD11 H  N N 206 
LEU HD12 H  N N 207 
LEU HD13 H  N N 208 
LEU HD21 H  N N 209 
LEU HD22 H  N N 210 
LEU HD23 H  N N 211 
LEU HXT  H  N N 212 
LYS N    N  N N 213 
LYS CA   C  N S 214 
LYS C    C  N N 215 
LYS O    O  N N 216 
LYS CB   C  N N 217 
LYS CG   C  N N 218 
LYS CD   C  N N 219 
LYS CE   C  N N 220 
LYS NZ   N  N N 221 
LYS OXT  O  N N 222 
LYS H    H  N N 223 
LYS H2   H  N N 224 
LYS HA   H  N N 225 
LYS HB2  H  N N 226 
LYS HB3  H  N N 227 
LYS HG2  H  N N 228 
LYS HG3  H  N N 229 
LYS HD2  H  N N 230 
LYS HD3  H  N N 231 
LYS HE2  H  N N 232 
LYS HE3  H  N N 233 
LYS HZ1  H  N N 234 
LYS HZ2  H  N N 235 
LYS HZ3  H  N N 236 
LYS HXT  H  N N 237 
MET N    N  N N 238 
MET CA   C  N S 239 
MET C    C  N N 240 
MET O    O  N N 241 
MET CB   C  N N 242 
MET CG   C  N N 243 
MET SD   S  N N 244 
MET CE   C  N N 245 
MET OXT  O  N N 246 
MET H    H  N N 247 
MET H2   H  N N 248 
MET HA   H  N N 249 
MET HB2  H  N N 250 
MET HB3  H  N N 251 
MET HG2  H  N N 252 
MET HG3  H  N N 253 
MET HE1  H  N N 254 
MET HE2  H  N N 255 
MET HE3  H  N N 256 
MET HXT  H  N N 257 
PHE N    N  N N 258 
PHE CA   C  N S 259 
PHE C    C  N N 260 
PHE O    O  N N 261 
PHE CB   C  N N 262 
PHE CG   C  Y N 263 
PHE CD1  C  Y N 264 
PHE CD2  C  Y N 265 
PHE CE1  C  Y N 266 
PHE CE2  C  Y N 267 
PHE CZ   C  Y N 268 
PHE OXT  O  N N 269 
PHE H    H  N N 270 
PHE H2   H  N N 271 
PHE HA   H  N N 272 
PHE HB2  H  N N 273 
PHE HB3  H  N N 274 
PHE HD1  H  N N 275 
PHE HD2  H  N N 276 
PHE HE1  H  N N 277 
PHE HE2  H  N N 278 
PHE HZ   H  N N 279 
PHE HXT  H  N N 280 
PRO N    N  N N 281 
PRO CA   C  N S 282 
PRO C    C  N N 283 
PRO O    O  N N 284 
PRO CB   C  N N 285 
PRO CG   C  N N 286 
PRO CD   C  N N 287 
PRO OXT  O  N N 288 
PRO H    H  N N 289 
PRO HA   H  N N 290 
PRO HB2  H  N N 291 
PRO HB3  H  N N 292 
PRO HG2  H  N N 293 
PRO HG3  H  N N 294 
PRO HD2  H  N N 295 
PRO HD3  H  N N 296 
PRO HXT  H  N N 297 
SER N    N  N N 298 
SER CA   C  N S 299 
SER C    C  N N 300 
SER O    O  N N 301 
SER CB   C  N N 302 
SER OG   O  N N 303 
SER OXT  O  N N 304 
SER H    H  N N 305 
SER H2   H  N N 306 
SER HA   H  N N 307 
SER HB2  H  N N 308 
SER HB3  H  N N 309 
SER HG   H  N N 310 
SER HXT  H  N N 311 
THR N    N  N N 312 
THR CA   C  N S 313 
THR C    C  N N 314 
THR O    O  N N 315 
THR CB   C  N R 316 
THR OG1  O  N N 317 
THR CG2  C  N N 318 
THR OXT  O  N N 319 
THR H    H  N N 320 
THR H2   H  N N 321 
THR HA   H  N N 322 
THR HB   H  N N 323 
THR HG1  H  N N 324 
THR HG21 H  N N 325 
THR HG22 H  N N 326 
THR HG23 H  N N 327 
THR HXT  H  N N 328 
TYR N    N  N N 329 
TYR CA   C  N S 330 
TYR C    C  N N 331 
TYR O    O  N N 332 
TYR CB   C  N N 333 
TYR CG   C  Y N 334 
TYR CD1  C  Y N 335 
TYR CD2  C  Y N 336 
TYR CE1  C  Y N 337 
TYR CE2  C  Y N 338 
TYR CZ   C  Y N 339 
TYR OH   O  N N 340 
TYR OXT  O  N N 341 
TYR H    H  N N 342 
TYR H2   H  N N 343 
TYR HA   H  N N 344 
TYR HB2  H  N N 345 
TYR HB3  H  N N 346 
TYR HD1  H  N N 347 
TYR HD2  H  N N 348 
TYR HE1  H  N N 349 
TYR HE2  H  N N 350 
TYR HH   H  N N 351 
TYR HXT  H  N N 352 
VAL N    N  N N 353 
VAL CA   C  N S 354 
VAL C    C  N N 355 
VAL O    O  N N 356 
VAL CB   C  N N 357 
VAL CG1  C  N N 358 
VAL CG2  C  N N 359 
VAL OXT  O  N N 360 
VAL H    H  N N 361 
VAL H2   H  N N 362 
VAL HA   H  N N 363 
VAL HB   H  N N 364 
VAL HG11 H  N N 365 
VAL HG12 H  N N 366 
VAL HG13 H  N N 367 
VAL HG21 H  N N 368 
VAL HG22 H  N N 369 
VAL HG23 H  N N 370 
VAL HXT  H  N N 371 
# 
loop_
_chem_comp_bond.comp_id 
_chem_comp_bond.atom_id_1 
_chem_comp_bond.atom_id_2 
_chem_comp_bond.value_order 
_chem_comp_bond.pdbx_aromatic_flag 
_chem_comp_bond.pdbx_stereo_config 
_chem_comp_bond.pdbx_ordinal 
ALA N   CA   sing N N 1   
ALA N   H    sing N N 2   
ALA N   H2   sing N N 3   
ALA CA  C    sing N N 4   
ALA CA  CB   sing N N 5   
ALA CA  HA   sing N N 6   
ALA C   O    doub N N 7   
ALA C   OXT  sing N N 8   
ALA CB  HB1  sing N N 9   
ALA CB  HB2  sing N N 10  
ALA CB  HB3  sing N N 11  
ALA OXT HXT  sing N N 12  
ARG N   CA   sing N N 13  
ARG N   H    sing N N 14  
ARG N   H2   sing N N 15  
ARG CA  C    sing N N 16  
ARG CA  CB   sing N N 17  
ARG CA  HA   sing N N 18  
ARG C   O    doub N N 19  
ARG C   OXT  sing N N 20  
ARG CB  CG   sing N N 21  
ARG CB  HB2  sing N N 22  
ARG CB  HB3  sing N N 23  
ARG CG  CD   sing N N 24  
ARG CG  HG2  sing N N 25  
ARG CG  HG3  sing N N 26  
ARG CD  NE   sing N N 27  
ARG CD  HD2  sing N N 28  
ARG CD  HD3  sing N N 29  
ARG NE  CZ   sing N N 30  
ARG NE  HE   sing N N 31  
ARG CZ  NH1  sing N N 32  
ARG CZ  NH2  doub N N 33  
ARG NH1 HH11 sing N N 34  
ARG NH1 HH12 sing N N 35  
ARG NH2 HH21 sing N N 36  
ARG NH2 HH22 sing N N 37  
ARG OXT HXT  sing N N 38  
ASN N   CA   sing N N 39  
ASN N   H    sing N N 40  
ASN N   H2   sing N N 41  
ASN CA  C    sing N N 42  
ASN CA  CB   sing N N 43  
ASN CA  HA   sing N N 44  
ASN C   O    doub N N 45  
ASN C   OXT  sing N N 46  
ASN CB  CG   sing N N 47  
ASN CB  HB2  sing N N 48  
ASN CB  HB3  sing N N 49  
ASN CG  OD1  doub N N 50  
ASN CG  ND2  sing N N 51  
ASN ND2 HD21 sing N N 52  
ASN ND2 HD22 sing N N 53  
ASN OXT HXT  sing N N 54  
ASP N   CA   sing N N 55  
ASP N   H    sing N N 56  
ASP N   H2   sing N N 57  
ASP CA  C    sing N N 58  
ASP CA  CB   sing N N 59  
ASP CA  HA   sing N N 60  
ASP C   O    doub N N 61  
ASP C   OXT  sing N N 62  
ASP CB  CG   sing N N 63  
ASP CB  HB2  sing N N 64  
ASP CB  HB3  sing N N 65  
ASP CG  OD1  doub N N 66  
ASP CG  OD2  sing N N 67  
ASP OD2 HD2  sing N N 68  
ASP OXT HXT  sing N N 69  
CAS N   CA   sing N N 70  
CAS N   H    sing N N 71  
CAS N   H2   sing N N 72  
CAS CA  CB   sing N N 73  
CAS CA  C    sing N N 74  
CAS CA  HA   sing N N 75  
CAS CB  SG   sing N N 76  
CAS CB  HB2  sing N N 77  
CAS CB  HB3  sing N N 78  
CAS C   O    doub N N 79  
CAS C   OXT  sing N N 80  
CAS OXT HXT  sing N N 81  
CAS SG  AS   sing N N 82  
CAS AS  CE1  sing N N 83  
CAS AS  CE2  sing N N 84  
CAS CE1 HE11 sing N N 85  
CAS CE1 HE12 sing N N 86  
CAS CE1 HE13 sing N N 87  
CAS CE2 HE21 sing N N 88  
CAS CE2 HE22 sing N N 89  
CAS CE2 HE23 sing N N 90  
GLN N   CA   sing N N 91  
GLN N   H    sing N N 92  
GLN N   H2   sing N N 93  
GLN CA  C    sing N N 94  
GLN CA  CB   sing N N 95  
GLN CA  HA   sing N N 96  
GLN C   O    doub N N 97  
GLN C   OXT  sing N N 98  
GLN CB  CG   sing N N 99  
GLN CB  HB2  sing N N 100 
GLN CB  HB3  sing N N 101 
GLN CG  CD   sing N N 102 
GLN CG  HG2  sing N N 103 
GLN CG  HG3  sing N N 104 
GLN CD  OE1  doub N N 105 
GLN CD  NE2  sing N N 106 
GLN NE2 HE21 sing N N 107 
GLN NE2 HE22 sing N N 108 
GLN OXT HXT  sing N N 109 
GLU N   CA   sing N N 110 
GLU N   H    sing N N 111 
GLU N   H2   sing N N 112 
GLU CA  C    sing N N 113 
GLU CA  CB   sing N N 114 
GLU CA  HA   sing N N 115 
GLU C   O    doub N N 116 
GLU C   OXT  sing N N 117 
GLU CB  CG   sing N N 118 
GLU CB  HB2  sing N N 119 
GLU CB  HB3  sing N N 120 
GLU CG  CD   sing N N 121 
GLU CG  HG2  sing N N 122 
GLU CG  HG3  sing N N 123 
GLU CD  OE1  doub N N 124 
GLU CD  OE2  sing N N 125 
GLU OE2 HE2  sing N N 126 
GLU OXT HXT  sing N N 127 
GLY N   CA   sing N N 128 
GLY N   H    sing N N 129 
GLY N   H2   sing N N 130 
GLY CA  C    sing N N 131 
GLY CA  HA2  sing N N 132 
GLY CA  HA3  sing N N 133 
GLY C   O    doub N N 134 
GLY C   OXT  sing N N 135 
GLY OXT HXT  sing N N 136 
HIS N   CA   sing N N 137 
HIS N   H    sing N N 138 
HIS N   H2   sing N N 139 
HIS CA  C    sing N N 140 
HIS CA  CB   sing N N 141 
HIS CA  HA   sing N N 142 
HIS C   O    doub N N 143 
HIS C   OXT  sing N N 144 
HIS CB  CG   sing N N 145 
HIS CB  HB2  sing N N 146 
HIS CB  HB3  sing N N 147 
HIS CG  ND1  sing Y N 148 
HIS CG  CD2  doub Y N 149 
HIS ND1 CE1  doub Y N 150 
HIS ND1 HD1  sing N N 151 
HIS CD2 NE2  sing Y N 152 
HIS CD2 HD2  sing N N 153 
HIS CE1 NE2  sing Y N 154 
HIS CE1 HE1  sing N N 155 
HIS NE2 HE2  sing N N 156 
HIS OXT HXT  sing N N 157 
HOH O   H1   sing N N 158 
HOH O   H2   sing N N 159 
ILE N   CA   sing N N 160 
ILE N   H    sing N N 161 
ILE N   H2   sing N N 162 
ILE CA  C    sing N N 163 
ILE CA  CB   sing N N 164 
ILE CA  HA   sing N N 165 
ILE C   O    doub N N 166 
ILE C   OXT  sing N N 167 
ILE CB  CG1  sing N N 168 
ILE CB  CG2  sing N N 169 
ILE CB  HB   sing N N 170 
ILE CG1 CD1  sing N N 171 
ILE CG1 HG12 sing N N 172 
ILE CG1 HG13 sing N N 173 
ILE CG2 HG21 sing N N 174 
ILE CG2 HG22 sing N N 175 
ILE CG2 HG23 sing N N 176 
ILE CD1 HD11 sing N N 177 
ILE CD1 HD12 sing N N 178 
ILE CD1 HD13 sing N N 179 
ILE OXT HXT  sing N N 180 
LEU N   CA   sing N N 181 
LEU N   H    sing N N 182 
LEU N   H2   sing N N 183 
LEU CA  C    sing N N 184 
LEU CA  CB   sing N N 185 
LEU CA  HA   sing N N 186 
LEU C   O    doub N N 187 
LEU C   OXT  sing N N 188 
LEU CB  CG   sing N N 189 
LEU CB  HB2  sing N N 190 
LEU CB  HB3  sing N N 191 
LEU CG  CD1  sing N N 192 
LEU CG  CD2  sing N N 193 
LEU CG  HG   sing N N 194 
LEU CD1 HD11 sing N N 195 
LEU CD1 HD12 sing N N 196 
LEU CD1 HD13 sing N N 197 
LEU CD2 HD21 sing N N 198 
LEU CD2 HD22 sing N N 199 
LEU CD2 HD23 sing N N 200 
LEU OXT HXT  sing N N 201 
LYS N   CA   sing N N 202 
LYS N   H    sing N N 203 
LYS N   H2   sing N N 204 
LYS CA  C    sing N N 205 
LYS CA  CB   sing N N 206 
LYS CA  HA   sing N N 207 
LYS C   O    doub N N 208 
LYS C   OXT  sing N N 209 
LYS CB  CG   sing N N 210 
LYS CB  HB2  sing N N 211 
LYS CB  HB3  sing N N 212 
LYS CG  CD   sing N N 213 
LYS CG  HG2  sing N N 214 
LYS CG  HG3  sing N N 215 
LYS CD  CE   sing N N 216 
LYS CD  HD2  sing N N 217 
LYS CD  HD3  sing N N 218 
LYS CE  NZ   sing N N 219 
LYS CE  HE2  sing N N 220 
LYS CE  HE3  sing N N 221 
LYS NZ  HZ1  sing N N 222 
LYS NZ  HZ2  sing N N 223 
LYS NZ  HZ3  sing N N 224 
LYS OXT HXT  sing N N 225 
MET N   CA   sing N N 226 
MET N   H    sing N N 227 
MET N   H2   sing N N 228 
MET CA  C    sing N N 229 
MET CA  CB   sing N N 230 
MET CA  HA   sing N N 231 
MET C   O    doub N N 232 
MET C   OXT  sing N N 233 
MET CB  CG   sing N N 234 
MET CB  HB2  sing N N 235 
MET CB  HB3  sing N N 236 
MET CG  SD   sing N N 237 
MET CG  HG2  sing N N 238 
MET CG  HG3  sing N N 239 
MET SD  CE   sing N N 240 
MET CE  HE1  sing N N 241 
MET CE  HE2  sing N N 242 
MET CE  HE3  sing N N 243 
MET OXT HXT  sing N N 244 
PHE N   CA   sing N N 245 
PHE N   H    sing N N 246 
PHE N   H2   sing N N 247 
PHE CA  C    sing N N 248 
PHE CA  CB   sing N N 249 
PHE CA  HA   sing N N 250 
PHE C   O    doub N N 251 
PHE C   OXT  sing N N 252 
PHE CB  CG   sing N N 253 
PHE CB  HB2  sing N N 254 
PHE CB  HB3  sing N N 255 
PHE CG  CD1  doub Y N 256 
PHE CG  CD2  sing Y N 257 
PHE CD1 CE1  sing Y N 258 
PHE CD1 HD1  sing N N 259 
PHE CD2 CE2  doub Y N 260 
PHE CD2 HD2  sing N N 261 
PHE CE1 CZ   doub Y N 262 
PHE CE1 HE1  sing N N 263 
PHE CE2 CZ   sing Y N 264 
PHE CE2 HE2  sing N N 265 
PHE CZ  HZ   sing N N 266 
PHE OXT HXT  sing N N 267 
PRO N   CA   sing N N 268 
PRO N   CD   sing N N 269 
PRO N   H    sing N N 270 
PRO CA  C    sing N N 271 
PRO CA  CB   sing N N 272 
PRO CA  HA   sing N N 273 
PRO C   O    doub N N 274 
PRO C   OXT  sing N N 275 
PRO CB  CG   sing N N 276 
PRO CB  HB2  sing N N 277 
PRO CB  HB3  sing N N 278 
PRO CG  CD   sing N N 279 
PRO CG  HG2  sing N N 280 
PRO CG  HG3  sing N N 281 
PRO CD  HD2  sing N N 282 
PRO CD  HD3  sing N N 283 
PRO OXT HXT  sing N N 284 
SER N   CA   sing N N 285 
SER N   H    sing N N 286 
SER N   H2   sing N N 287 
SER CA  C    sing N N 288 
SER CA  CB   sing N N 289 
SER CA  HA   sing N N 290 
SER C   O    doub N N 291 
SER C   OXT  sing N N 292 
SER CB  OG   sing N N 293 
SER CB  HB2  sing N N 294 
SER CB  HB3  sing N N 295 
SER OG  HG   sing N N 296 
SER OXT HXT  sing N N 297 
THR N   CA   sing N N 298 
THR N   H    sing N N 299 
THR N   H2   sing N N 300 
THR CA  C    sing N N 301 
THR CA  CB   sing N N 302 
THR CA  HA   sing N N 303 
THR C   O    doub N N 304 
THR C   OXT  sing N N 305 
THR CB  OG1  sing N N 306 
THR CB  CG2  sing N N 307 
THR CB  HB   sing N N 308 
THR OG1 HG1  sing N N 309 
THR CG2 HG21 sing N N 310 
THR CG2 HG22 sing N N 311 
THR CG2 HG23 sing N N 312 
THR OXT HXT  sing N N 313 
TYR N   CA   sing N N 314 
TYR N   H    sing N N 315 
TYR N   H2   sing N N 316 
TYR CA  C    sing N N 317 
TYR CA  CB   sing N N 318 
TYR CA  HA   sing N N 319 
TYR C   O    doub N N 320 
TYR C   OXT  sing N N 321 
TYR CB  CG   sing N N 322 
TYR CB  HB2  sing N N 323 
TYR CB  HB3  sing N N 324 
TYR CG  CD1  doub Y N 325 
TYR CG  CD2  sing Y N 326 
TYR CD1 CE1  sing Y N 327 
TYR CD1 HD1  sing N N 328 
TYR CD2 CE2  doub Y N 329 
TYR CD2 HD2  sing N N 330 
TYR CE1 CZ   doub Y N 331 
TYR CE1 HE1  sing N N 332 
TYR CE2 CZ   sing Y N 333 
TYR CE2 HE2  sing N N 334 
TYR CZ  OH   sing N N 335 
TYR OH  HH   sing N N 336 
TYR OXT HXT  sing N N 337 
VAL N   CA   sing N N 338 
VAL N   H    sing N N 339 
VAL N   H2   sing N N 340 
VAL CA  C    sing N N 341 
VAL CA  CB   sing N N 342 
VAL CA  HA   sing N N 343 
VAL C   O    doub N N 344 
VAL C   OXT  sing N N 345 
VAL CB  CG1  sing N N 346 
VAL CB  CG2  sing N N 347 
VAL CB  HB   sing N N 348 
VAL CG1 HG11 sing N N 349 
VAL CG1 HG12 sing N N 350 
VAL CG1 HG13 sing N N 351 
VAL CG2 HG21 sing N N 352 
VAL CG2 HG22 sing N N 353 
VAL CG2 HG23 sing N N 354 
VAL OXT HXT  sing N N 355 
# 
_atom_sites.entry_id                    2W9J 
_atom_sites.fract_transf_matrix[1][1]   -0.00136751 
_atom_sites.fract_transf_matrix[1][2]   -0.01882410 
_atom_sites.fract_transf_matrix[1][3]   -0.00732182 
_atom_sites.fract_transf_matrix[2][1]   0.00210057 
_atom_sites.fract_transf_matrix[2][2]   -0.00331326 
_atom_sites.fract_transf_matrix[2][3]   -0.01986025 
_atom_sites.fract_transf_matrix[3][1]   0.01140427 
_atom_sites.fract_transf_matrix[3][2]   -0.00138770 
_atom_sites.fract_transf_matrix[3][3]   0.00143771 
_atom_sites.fract_transf_vector[1]      -0.290126 
_atom_sites.fract_transf_vector[2]      -0.066695 
_atom_sites.fract_transf_vector[3]      -0.128848 
# 
loop_
_atom_type.symbol 
AS 
C  
N  
O  
S  
# 
loop_
_atom_site.group_PDB 
_atom_site.id 
_atom_site.type_symbol 
_atom_site.label_atom_id 
_atom_site.label_alt_id 
_atom_site.label_comp_id 
_atom_site.label_asym_id 
_atom_site.label_entity_id 
_atom_site.label_seq_id 
_atom_site.pdbx_PDB_ins_code 
_atom_site.Cartn_x 
_atom_site.Cartn_y 
_atom_site.Cartn_z 
_atom_site.occupancy 
_atom_site.B_iso_or_equiv 
_atom_site.pdbx_formal_charge 
_atom_site.auth_seq_id 
_atom_site.auth_comp_id 
_atom_site.auth_asym_id 
_atom_site.auth_atom_id 
_atom_site.pdbx_PDB_model_num 
ATOM   1    N  N   . MET A 1 1  ? 0.232   -6.074  -4.939  1.00 40.58 ? 1    MET A N   1 
ATOM   2    C  CA  . MET A 1 1  ? 0.604   -5.397  -3.670  1.00 40.46 ? 1    MET A CA  1 
ATOM   3    C  C   . MET A 1 1  ? -0.034  -4.025  -3.623  1.00 39.86 ? 1    MET A C   1 
ATOM   4    O  O   . MET A 1 1  ? -0.584  -3.574  -4.619  1.00 39.72 ? 1    MET A O   1 
ATOM   5    C  CB  . MET A 1 1  ? 2.120   -5.340  -3.521  1.00 40.82 ? 1    MET A CB  1 
ATOM   6    C  CG  . MET A 1 1  ? 2.706   -6.712  -3.221  1.00 42.97 ? 1    MET A CG  1 
ATOM   7    S  SD  . MET A 1 1  ? 4.398   -6.666  -2.607  1.00 48.11 ? 1    MET A SD  1 
ATOM   8    C  CE  . MET A 1 1  ? 4.148   -6.182  -0.910  1.00 47.49 ? 1    MET A CE  1 
ATOM   9    N  N   . LEU A 1 2  ? 0.006   -3.377  -2.462  1.00 39.48 ? 2    LEU A N   1 
ATOM   10   C  CA  . LEU A 1 2  ? -0.651  -2.088  -2.299  1.00 39.20 ? 2    LEU A CA  1 
ATOM   11   C  C   . LEU A 1 2  ? -0.053  -1.048  -3.232  1.00 39.10 ? 2    LEU A C   1 
ATOM   12   O  O   . LEU A 1 2  ? 1.144   -0.821  -3.233  1.00 39.33 ? 2    LEU A O   1 
ATOM   13   C  CB  . LEU A 1 2  ? -0.567  -1.614  -0.854  1.00 39.12 ? 2    LEU A CB  1 
ATOM   14   C  CG  . LEU A 1 2  ? -1.458  -0.421  -0.517  1.00 38.80 ? 2    LEU A CG  1 
ATOM   15   C  CD1 . LEU A 1 2  ? -2.901  -0.871  -0.404  1.00 38.19 ? 2    LEU A CD1 1 
ATOM   16   C  CD2 . LEU A 1 2  ? -0.975  0.207   0.773   1.00 39.05 ? 2    LEU A CD2 1 
ATOM   17   N  N   . LEU A 1 3  ? -0.895  -0.434  -4.038  1.00 39.29 ? 3    LEU A N   1 
ATOM   18   C  CA  . LEU A 1 3  ? -0.440  0.537   -5.017  1.00 40.04 ? 3    LEU A CA  1 
ATOM   19   C  C   . LEU A 1 3  ? -0.686  1.955   -4.521  1.00 40.83 ? 3    LEU A C   1 
ATOM   20   O  O   . LEU A 1 3  ? -1.592  2.195   -3.709  1.00 40.93 ? 3    LEU A O   1 
ATOM   21   C  CB  . LEU A 1 3  ? -1.180  0.346   -6.349  1.00 39.52 ? 3    LEU A CB  1 
ATOM   22   C  CG  . LEU A 1 3  ? -1.209  -1.031  -7.019  1.00 38.50 ? 3    LEU A CG  1 
ATOM   23   C  CD1 . LEU A 1 3  ? -2.411  -1.146  -7.963  1.00 36.62 ? 3    LEU A CD1 1 
ATOM   24   C  CD2 . LEU A 1 3  ? 0.089   -1.324  -7.751  1.00 35.72 ? 3    LEU A CD2 1 
ATOM   25   N  N   . SER A 1 4  ? 0.116   2.892   -5.022  1.00 41.51 ? 4    SER A N   1 
ATOM   26   C  CA  . SER A 1 4  ? -0.176  4.304   -4.843  1.00 42.24 ? 4    SER A CA  1 
ATOM   27   C  C   . SER A 1 4  ? -1.447  4.629   -5.615  1.00 42.63 ? 4    SER A C   1 
ATOM   28   O  O   . SER A 1 4  ? -1.813  3.916   -6.549  1.00 42.59 ? 4    SER A O   1 
ATOM   29   C  CB  . SER A 1 4  ? 0.983   5.172   -5.347  1.00 42.38 ? 4    SER A CB  1 
ATOM   30   O  OG  . SER A 1 4  ? 1.189   4.999   -6.742  1.00 43.03 ? 4    SER A OG  1 
ATOM   31   N  N   . ASN A 1 5  ? -2.118  5.699   -5.202  1.00 43.35 ? 5    ASN A N   1 
ATOM   32   C  CA  . ASN A 1 5  ? -3.303  6.194   -5.872  1.00 44.17 ? 5    ASN A CA  1 
ATOM   33   C  C   . ASN A 1 5  ? -3.109  6.372   -7.380  1.00 45.31 ? 5    ASN A C   1 
ATOM   34   O  O   . ASN A 1 5  ? -3.939  5.915   -8.170  1.00 46.14 ? 5    ASN A O   1 
ATOM   35   C  CB  . ASN A 1 5  ? -3.749  7.507   -5.233  1.00 43.70 ? 5    ASN A CB  1 
ATOM   36   C  CG  . ASN A 1 5  ? -3.991  7.374   -3.739  1.00 43.46 ? 5    ASN A CG  1 
ATOM   37   O  OD1 . ASN A 1 5  ? -3.815  6.295   -3.168  1.00 42.56 ? 5    ASN A OD1 1 
ATOM   38   N  ND2 . ASN A 1 5  ? -4.399  8.475   -3.097  1.00 41.08 ? 5    ASN A ND2 1 
ATOM   39   N  N   . GLU A 1 6  ? -2.015  7.013   -7.778  1.00 46.02 ? 6    GLU A N   1 
ATOM   40   C  CA  . GLU A 1 6  ? -1.768  7.290   -9.189  1.00 46.83 ? 6    GLU A CA  1 
ATOM   41   C  C   . GLU A 1 6  ? -1.552  6.002   -9.986  1.00 46.92 ? 6    GLU A C   1 
ATOM   42   O  O   . GLU A 1 6  ? -1.990  5.895   -11.121 1.00 47.55 ? 6    GLU A O   1 
ATOM   43   C  CB  . GLU A 1 6  ? -0.634  8.320   -9.371  1.00 46.93 ? 6    GLU A CB  1 
ATOM   44   C  CG  . GLU A 1 6  ? -1.047  9.748   -8.910  1.00 49.41 ? 6    GLU A CG  1 
ATOM   45   C  CD  . GLU A 1 6  ? 0.061   10.831  -8.999  1.00 52.89 ? 6    GLU A CD  1 
ATOM   46   O  OE1 . GLU A 1 6  ? 1.273   10.498  -9.039  1.00 53.80 ? 6    GLU A OE1 1 
ATOM   47   O  OE2 . GLU A 1 6  ? -0.294  12.040  -9.018  1.00 53.89 ? 6    GLU A OE2 1 
ATOM   48   N  N   . GLU A 1 7  ? -0.921  5.005   -9.384  1.00 47.31 ? 7    GLU A N   1 
ATOM   49   C  CA  . GLU A 1 7  ? -0.782  3.695   -10.036 1.00 47.65 ? 7    GLU A CA  1 
ATOM   50   C  C   . GLU A 1 7  ? -2.094  2.881   -10.063 1.00 47.18 ? 7    GLU A C   1 
ATOM   51   O  O   . GLU A 1 7  ? -2.359  2.176   -11.033 1.00 47.45 ? 7    GLU A O   1 
ATOM   52   C  CB  . GLU A 1 7  ? 0.361   2.883   -9.406  1.00 47.86 ? 7    GLU A CB  1 
ATOM   53   C  CG  . GLU A 1 7  ? 0.816   1.678   -10.231 1.00 49.98 ? 7    GLU A CG  1 
ATOM   54   C  CD  . GLU A 1 7  ? 1.180   2.046   -11.675 1.00 53.12 ? 7    GLU A CD  1 
ATOM   55   O  OE1 . GLU A 1 7  ? 1.985   2.989   -11.869 1.00 54.38 ? 7    GLU A OE1 1 
ATOM   56   O  OE2 . GLU A 1 7  ? 0.662   1.393   -12.619 1.00 53.91 ? 7    GLU A OE2 1 
ATOM   57   N  N   . PHE A 1 8  ? -2.903  2.985   -9.009  1.00 46.57 ? 8    PHE A N   1 
ATOM   58   C  CA  . PHE A 1 8  ? -4.194  2.287   -8.939  1.00 46.09 ? 8    PHE A CA  1 
ATOM   59   C  C   . PHE A 1 8  ? -5.112  2.746   -10.059 1.00 46.51 ? 8    PHE A C   1 
ATOM   60   O  O   . PHE A 1 8  ? -5.761  1.934   -10.709 1.00 47.06 ? 8    PHE A O   1 
ATOM   61   C  CB  . PHE A 1 8  ? -4.858  2.560   -7.596  1.00 45.73 ? 8    PHE A CB  1 
ATOM   62   C  CG  . PHE A 1 8  ? -6.238  1.961   -7.444  1.00 43.37 ? 8    PHE A CG  1 
ATOM   63   C  CD1 . PHE A 1 8  ? -6.403  0.701   -6.880  1.00 41.85 ? 8    PHE A CD1 1 
ATOM   64   C  CD2 . PHE A 1 8  ? -7.367  2.676   -7.799  1.00 40.56 ? 8    PHE A CD2 1 
ATOM   65   C  CE1 . PHE A 1 8  ? -7.665  0.152   -6.719  1.00 38.86 ? 8    PHE A CE1 1 
ATOM   66   C  CE2 . PHE A 1 8  ? -8.634  2.129   -7.635  1.00 39.81 ? 8    PHE A CE2 1 
ATOM   67   C  CZ  . PHE A 1 8  ? -8.780  0.875   -7.091  1.00 38.76 ? 8    PHE A CZ  1 
ATOM   68   N  N   . LEU A 1 9  ? -5.163  4.054   -10.276 1.00 46.53 ? 9    LEU A N   1 
ATOM   69   C  CA  . LEU A 1 9  ? -5.945  4.633   -11.354 1.00 46.64 ? 9    LEU A CA  1 
ATOM   70   C  C   . LEU A 1 9  ? -5.396  4.251   -12.716 1.00 47.10 ? 9    LEU A C   1 
ATOM   71   O  O   . LEU A 1 9  ? -6.158  4.130   -13.677 1.00 46.95 ? 9    LEU A O   1 
ATOM   72   C  CB  . LEU A 1 9  ? -5.972  6.153   -11.223 1.00 46.34 ? 9    LEU A CB  1 
ATOM   73   C  CG  . LEU A 1 9  ? -6.661  6.643   -9.957  1.00 45.43 ? 9    LEU A CG  1 
ATOM   74   C  CD1 . LEU A 1 9  ? -6.485  8.127   -9.781  1.00 45.07 ? 9    LEU A CD1 1 
ATOM   75   C  CD2 . LEU A 1 9  ? -8.119  6.252   -9.955  1.00 44.47 ? 9    LEU A CD2 1 
ATOM   76   N  N   . LYS A 1 10 ? -4.077  4.078   -12.798 1.00 47.73 ? 10   LYS A N   1 
ATOM   77   C  CA  . LYS A 1 10 ? -3.431  3.690   -14.044 1.00 48.41 ? 10   LYS A CA  1 
ATOM   78   C  C   . LYS A 1 10 ? -3.778  2.250   -14.391 1.00 48.89 ? 10   LYS A C   1 
ATOM   79   O  O   . LYS A 1 10 ? -4.039  1.928   -15.559 1.00 49.18 ? 10   LYS A O   1 
ATOM   80   C  CB  . LYS A 1 10 ? -1.915  3.862   -13.962 1.00 48.33 ? 10   LYS A CB  1 
ATOM   81   C  CG  . LYS A 1 10 ? -1.155  3.364   -15.197 1.00 49.13 ? 10   LYS A CG  1 
ATOM   82   C  CD  . LYS A 1 10 ? -1.675  4.026   -16.492 1.00 51.17 ? 10   LYS A CD  1 
ATOM   83   C  CE  . LYS A 1 10 ? -1.239  3.277   -17.755 1.00 50.92 ? 10   LYS A CE  1 
ATOM   84   N  NZ  . LYS A 1 10 ? -2.249  3.388   -18.850 1.00 50.55 ? 10   LYS A NZ  1 
ATOM   85   N  N   . LYS A 1 11 ? -3.788  1.392   -13.373 1.00 49.26 ? 11   LYS A N   1 
ATOM   86   C  CA  . LYS A 1 11 ? -4.030  -0.038  -13.575 1.00 49.55 ? 11   LYS A CA  1 
ATOM   87   C  C   . LYS A 1 11 ? -5.523  -0.336  -13.731 1.00 49.50 ? 11   LYS A C   1 
ATOM   88   O  O   . LYS A 1 11 ? -5.903  -1.316  -14.376 1.00 49.46 ? 11   LYS A O   1 
ATOM   89   C  CB  . LYS A 1 11 ? -3.389  -0.856  -12.442 1.00 49.60 ? 11   LYS A CB  1 
ATOM   90   C  CG  . LYS A 1 11 ? -3.155  -2.342  -12.762 1.00 50.46 ? 11   LYS A CG  1 
ATOM   91   C  CD  . LYS A 1 11 ? -2.354  -2.562  -14.049 1.00 51.23 ? 11   LYS A CD  1 
ATOM   92   C  CE  . LYS A 1 11 ? -2.814  -3.836  -14.764 1.00 51.40 ? 11   LYS A CE  1 
ATOM   93   N  NZ  . LYS A 1 11 ? -2.525  -3.819  -16.227 1.00 51.22 ? 11   LYS A NZ  1 
ATOM   94   N  N   . LEU A 1 12 ? -6.352  0.529   -13.145 1.00 49.56 ? 12   LEU A N   1 
ATOM   95   C  CA  . LEU A 1 12 ? -7.807  0.475   -13.272 1.00 49.81 ? 12   LEU A CA  1 
ATOM   96   C  C   . LEU A 1 12 ? -8.231  0.682   -14.711 1.00 50.42 ? 12   LEU A C   1 
ATOM   97   O  O   . LEU A 1 12 ? -9.088  -0.039  -15.217 1.00 51.02 ? 12   LEU A O   1 
ATOM   98   C  CB  . LEU A 1 12 ? -8.455  1.559   -12.404 1.00 49.66 ? 12   LEU A CB  1 
ATOM   99   C  CG  . LEU A 1 12 ? -9.976  1.703   -12.407 1.00 48.01 ? 12   LEU A CG  1 
ATOM   100  C  CD1 . LEU A 1 12 ? -10.628 0.398   -11.995 1.00 47.91 ? 12   LEU A CD1 1 
ATOM   101  C  CD2 . LEU A 1 12 ? -10.392 2.803   -11.461 1.00 46.73 ? 12   LEU A CD2 1 
ATOM   102  N  N   . THR A 1 13 ? -7.644  1.692   -15.349 1.00 50.90 ? 13   THR A N   1 
ATOM   103  C  CA  . THR A 1 13 ? -7.797  1.929   -16.773 1.00 51.26 ? 13   THR A CA  1 
ATOM   104  C  C   . THR A 1 13 ? -7.558  0.631   -17.518 1.00 51.73 ? 13   THR A C   1 
ATOM   105  O  O   . THR A 1 13 ? -8.447  0.119   -18.195 1.00 51.65 ? 13   THR A O   1 
ATOM   106  C  CB  . THR A 1 13 ? -6.784  2.981   -17.270 1.00 51.15 ? 13   THR A CB  1 
ATOM   107  O  OG1 . THR A 1 13 ? -7.128  4.266   -16.740 1.00 51.06 ? 13   THR A OG1 1 
ATOM   108  C  CG2 . THR A 1 13 ? -6.771  3.053   -18.791 1.00 51.08 ? 13   THR A CG2 1 
ATOM   109  N  N   . ASP A 1 14 ? -6.357  0.089   -17.352 1.00 52.53 ? 14   ASP A N   1 
ATOM   110  C  CA  . ASP A 1 14 ? -5.915  -1.057  -18.130 1.00 53.57 ? 14   ASP A CA  1 
ATOM   111  C  C   . ASP A 1 14 ? -6.696  -2.333  -17.808 1.00 54.08 ? 14   ASP A C   1 
ATOM   112  O  O   . ASP A 1 14 ? -6.697  -3.271  -18.606 1.00 54.14 ? 14   ASP A O   1 
ATOM   113  C  CB  . ASP A 1 14 ? -4.402  -1.243  -17.988 1.00 53.63 ? 14   ASP A CB  1 
ATOM   114  C  CG  . ASP A 1 14 ? -3.613  0.002   -18.420 1.00 54.28 ? 14   ASP A CG  1 
ATOM   115  O  OD1 . ASP A 1 14 ? -3.958  0.620   -19.451 1.00 54.58 ? 14   ASP A OD1 1 
ATOM   116  O  OD2 . ASP A 1 14 ? -2.641  0.366   -17.724 1.00 54.81 ? 14   ASP A OD2 1 
ATOM   117  N  N   . LEU A 1 15 ? -7.376  -2.349  -16.658 1.00 54.69 ? 15   LEU A N   1 
ATOM   118  C  CA  . LEU A 1 15 ? -8.311  -3.433  -16.320 1.00 55.38 ? 15   LEU A CA  1 
ATOM   119  C  C   . LEU A 1 15 ? -9.620  -3.307  -17.078 1.00 55.66 ? 15   LEU A C   1 
ATOM   120  O  O   . LEU A 1 15 ? -10.208 -4.309  -17.492 1.00 55.64 ? 15   LEU A O   1 
ATOM   121  C  CB  . LEU A 1 15 ? -8.620  -3.476  -14.822 1.00 55.37 ? 15   LEU A CB  1 
ATOM   122  C  CG  . LEU A 1 15 ? -7.651  -4.132  -13.833 1.00 56.24 ? 15   LEU A CG  1 
ATOM   123  C  CD1 . LEU A 1 15 ? -8.445  -4.697  -12.657 1.00 57.77 ? 15   LEU A CD1 1 
ATOM   124  C  CD2 . LEU A 1 15 ? -6.782  -5.226  -14.457 1.00 56.67 ? 15   LEU A CD2 1 
ATOM   125  N  N   . LEU A 1 16 ? -10.082 -2.070  -17.233 1.00 56.17 ? 16   LEU A N   1 
ATOM   126  C  CA  . LEU A 1 16 ? -11.319 -1.784  -17.956 1.00 56.59 ? 16   LEU A CA  1 
ATOM   127  C  C   . LEU A 1 16 ? -11.118 -1.795  -19.474 1.00 56.86 ? 16   LEU A C   1 
ATOM   128  O  O   . LEU A 1 16 ? -12.054 -2.097  -20.216 1.00 56.99 ? 16   LEU A O   1 
ATOM   129  C  CB  . LEU A 1 16 ? -11.920 -0.449  -17.497 1.00 56.56 ? 16   LEU A CB  1 
ATOM   130  C  CG  . LEU A 1 16 ? -12.294 -0.277  -16.019 1.00 56.27 ? 16   LEU A CG  1 
ATOM   131  C  CD1 . LEU A 1 16 ? -12.887 1.106   -15.797 1.00 56.10 ? 16   LEU A CD1 1 
ATOM   132  C  CD2 . LEU A 1 16 ? -13.260 -1.360  -15.545 1.00 56.09 ? 16   LEU A CD2 1 
ATOM   133  N  N   . GLN A 1 17 ? -9.902  -1.457  -19.917 1.00 57.20 ? 17   GLN A N   1 
ATOM   134  C  CA  . GLN A 1 17 ? -9.508  -1.513  -21.332 1.00 57.44 ? 17   GLN A CA  1 
ATOM   135  C  C   . GLN A 1 17 ? -9.501  -2.943  -21.837 1.00 57.42 ? 17   GLN A C   1 
ATOM   136  O  O   . GLN A 1 17 ? -9.912  -3.213  -22.964 1.00 57.34 ? 17   GLN A O   1 
ATOM   137  C  CB  . GLN A 1 17 ? -8.106  -0.934  -21.532 1.00 57.58 ? 17   GLN A CB  1 
ATOM   138  C  CG  . GLN A 1 17 ? -8.044  0.567   -21.769 1.00 58.27 ? 17   GLN A CG  1 
ATOM   139  C  CD  . GLN A 1 17 ? -6.618  1.069   -21.979 1.00 59.47 ? 17   GLN A CD  1 
ATOM   140  O  OE1 . GLN A 1 17 ? -5.647  0.333   -21.777 1.00 59.99 ? 17   GLN A OE1 1 
ATOM   141  N  NE2 . GLN A 1 17 ? -6.489  2.332   -22.386 1.00 59.43 ? 17   GLN A NE2 1 
ATOM   142  N  N   . THR A 1 18 ? -9.020  -3.849  -20.988 1.00 57.63 ? 18   THR A N   1 
ATOM   143  C  CA  . THR A 1 18 ? -8.886  -5.262  -21.337 1.00 57.90 ? 18   THR A CA  1 
ATOM   144  C  C   . THR A 1 18 ? -10.220 -6.025  -21.174 1.00 57.88 ? 18   THR A C   1 
ATOM   145  O  O   . THR A 1 18 ? -10.342 -7.172  -21.615 1.00 57.94 ? 18   THR A O   1 
ATOM   146  C  CB  . THR A 1 18 ? -7.704  -5.932  -20.554 1.00 57.97 ? 18   THR A CB  1 
ATOM   147  O  OG1 . THR A 1 18 ? -6.599  -5.017  -20.484 1.00 58.22 ? 18   THR A OG1 1 
ATOM   148  C  CG2 . THR A 1 18 ? -7.220  -7.204  -21.257 1.00 58.02 ? 18   THR A CG2 1 
ATOM   149  N  N   . HIS A 1 19 ? -11.218 -5.378  -20.568 1.00 57.81 ? 19   HIS A N   1 
ATOM   150  C  CA  . HIS A 1 19 ? -12.568 -5.945  -20.474 1.00 57.74 ? 19   HIS A CA  1 
ATOM   151  C  C   . HIS A 1 19 ? -13.348 -5.723  -21.774 1.00 57.72 ? 19   HIS A C   1 
ATOM   152  O  O   . HIS A 1 19 ? -13.072 -6.352  -22.801 1.00 57.65 ? 19   HIS A O   1 
ATOM   153  C  CB  . HIS A 1 19 ? -13.335 -5.333  -19.295 1.00 57.72 ? 19   HIS A CB  1 
ATOM   154  N  N   . VAL A 1 27 ? -17.513 -4.525  -19.126 1.00 39.01 ? 27   VAL A N   1 
ATOM   155  C  CA  . VAL A 1 27 ? -18.661 -4.696  -18.239 1.00 38.99 ? 27   VAL A CA  1 
ATOM   156  C  C   . VAL A 1 27 ? -18.280 -4.352  -16.773 1.00 38.97 ? 27   VAL A C   1 
ATOM   157  O  O   . VAL A 1 27 ? -17.918 -3.203  -16.482 1.00 38.73 ? 27   VAL A O   1 
ATOM   158  C  CB  . VAL A 1 27 ? -19.319 -6.118  -18.402 1.00 39.21 ? 27   VAL A CB  1 
ATOM   159  C  CG1 . VAL A 1 27 ? -20.766 -6.115  -17.906 1.00 39.43 ? 27   VAL A CG1 1 
ATOM   160  C  CG2 . VAL A 1 27 ? -19.284 -6.593  -19.870 1.00 38.90 ? 27   VAL A CG2 1 
ATOM   161  N  N   . TYR A 1 28 ? -18.314 -5.351  -15.883 1.00 38.80 ? 28   TYR A N   1 
ATOM   162  C  CA  . TYR A 1 28 ? -18.316 -5.164  -14.420 1.00 38.57 ? 28   TYR A CA  1 
ATOM   163  C  C   . TYR A 1 28 ? -17.172 -4.361  -13.781 1.00 38.78 ? 28   TYR A C   1 
ATOM   164  O  O   . TYR A 1 28 ? -16.110 -4.142  -14.377 1.00 39.21 ? 28   TYR A O   1 
ATOM   165  C  CB  . TYR A 1 28 ? -18.431 -6.525  -13.715 1.00 38.51 ? 28   TYR A CB  1 
ATOM   166  N  N   . LEU A 1 29 ? -17.430 -3.899  -12.560 1.00 38.44 ? 29   LEU A N   1 
ATOM   167  C  CA  . LEU A 1 29 ? -16.402 -3.429  -11.655 1.00 38.16 ? 29   LEU A CA  1 
ATOM   168  C  C   . LEU A 1 29 ? -16.928 -3.627  -10.251 1.00 38.43 ? 29   LEU A C   1 
ATOM   169  O  O   . LEU A 1 29 ? -18.018 -3.171  -9.925  1.00 38.06 ? 29   LEU A O   1 
ATOM   170  C  CB  . LEU A 1 29 ? -16.070 -1.953  -11.879 1.00 37.95 ? 29   LEU A CB  1 
ATOM   171  C  CG  . LEU A 1 29 ? -14.922 -1.441  -10.998 1.00 37.39 ? 29   LEU A CG  1 
ATOM   172  C  CD1 . LEU A 1 29 ? -13.650 -2.272  -11.208 1.00 37.20 ? 29   LEU A CD1 1 
ATOM   173  C  CD2 . LEU A 1 29 ? -14.638 0.019   -11.267 1.00 36.36 ? 29   LEU A CD2 1 
ATOM   174  N  N   . SER A 1 30 ? -16.168 -4.331  -9.426  1.00 39.06 ? 30   SER A N   1 
ATOM   175  C  CA  . SER A 1 30 ? -16.549 -4.497  -8.035  1.00 40.02 ? 30   SER A CA  1 
ATOM   176  C  C   . SER A 1 30 ? -15.481 -3.917  -7.138  1.00 40.62 ? 30   SER A C   1 
ATOM   177  O  O   . SER A 1 30 ? -14.293 -3.937  -7.464  1.00 40.22 ? 30   SER A O   1 
ATOM   178  C  CB  . SER A 1 30 ? -16.838 -5.956  -7.688  1.00 40.11 ? 30   SER A CB  1 
ATOM   179  O  OG  . SER A 1 30 ? -15.695 -6.754  -7.889  1.00 41.04 ? 30   SER A OG  1 
ATOM   180  N  N   . GLN A 1 31 ? -15.929 -3.391  -6.008  1.00 41.66 ? 31   GLN A N   1 
ATOM   181  C  CA  . GLN A 1 31 ? -15.093 -2.584  -5.157  1.00 42.98 ? 31   GLN A CA  1 
ATOM   182  C  C   . GLN A 1 31 ? -15.443 -2.794  -3.696  1.00 43.51 ? 31   GLN A C   1 
ATOM   183  O  O   . GLN A 1 31 ? -16.609 -2.837  -3.333  1.00 43.62 ? 31   GLN A O   1 
ATOM   184  C  CB  . GLN A 1 31 ? -15.270 -1.123  -5.542  1.00 42.94 ? 31   GLN A CB  1 
ATOM   185  C  CG  . GLN A 1 31 ? -14.610 -0.134  -4.602  1.00 45.53 ? 31   GLN A CG  1 
ATOM   186  C  CD  . GLN A 1 31 ? -14.421 1.241   -5.232  1.00 48.71 ? 31   GLN A CD  1 
ATOM   187  O  OE1 . GLN A 1 31 ? -14.578 1.416   -6.441  1.00 48.86 ? 31   GLN A OE1 1 
ATOM   188  N  NE2 . GLN A 1 31 ? -14.062 2.219   -4.410  1.00 50.80 ? 31   GLN A NE2 1 
ATOM   189  N  N   . LYS A 1 32 ? -14.427 -2.929  -2.858  1.00 44.63 ? 32   LYS A N   1 
ATOM   190  C  CA  . LYS A 1 32 ? -14.640 -2.991  -1.423  1.00 46.09 ? 32   LYS A CA  1 
ATOM   191  C  C   . LYS A 1 32 ? -13.874 -1.870  -0.751  1.00 47.14 ? 32   LYS A C   1 
ATOM   192  O  O   . LYS A 1 32 ? -12.806 -1.460  -1.209  1.00 47.31 ? 32   LYS A O   1 
ATOM   193  C  CB  . LYS A 1 32 ? -14.232 -4.352  -0.843  1.00 46.06 ? 32   LYS A CB  1 
ATOM   194  C  CG  . LYS A 1 32 ? -15.342 -5.396  -0.837  1.00 47.03 ? 32   LYS A CG  1 
ATOM   195  C  CD  . LYS A 1 32 ? -15.002 -6.620  0.030   1.00 49.58 ? 32   LYS A CD  1 
ATOM   196  C  CE  . LYS A 1 32 ? -15.451 -6.447  1.496   1.00 51.16 ? 32   LYS A CE  1 
ATOM   197  N  NZ  . LYS A 1 32 ? -15.024 -7.568  2.418   1.00 52.01 ? 32   LYS A NZ  1 
HETATM 198  N  N   . CAS A 1 33 ? -14.442 -1.361  0.328   1.00 48.62 ? 33   CAS A N   1 
HETATM 199  C  CA  . CAS A 1 33 ? -13.809 -0.321  1.095   1.00 50.63 ? 33   CAS A CA  1 
HETATM 200  C  CB  . CAS A 1 33 ? -14.536 0.975   0.860   1.00 51.58 ? 33   CAS A CB  1 
HETATM 201  C  C   . CAS A 1 33 ? -13.890 -0.595  2.549   1.00 50.38 ? 33   CAS A C   1 
HETATM 202  O  O   . CAS A 1 33 ? -14.972 -0.740  3.103   1.00 50.35 ? 33   CAS A O   1 
HETATM 203  S  SG  . CAS A 1 33 ? -14.001 1.619   -0.682  1.00 58.25 ? 33   CAS A SG  1 
HETATM 204  AS AS  . CAS A 1 33 ? -15.790 2.650   -1.521  1.00 69.70 ? 33   CAS A AS  1 
HETATM 205  C  CE1 . CAS A 1 33 ? -15.907 4.642   -1.572  1.00 65.38 ? 33   CAS A CE1 1 
HETATM 206  C  CE2 . CAS A 1 33 ? -17.263 1.479   -2.208  1.00 64.87 ? 33   CAS A CE2 1 
ATOM   207  N  N   . ASN A 1 34 ? -12.731 -0.682  3.178   1.00 50.65 ? 34   ASN A N   1 
ATOM   208  C  CA  . ASN A 1 34 ? -12.654 -0.784  4.620   1.00 51.04 ? 34   ASN A CA  1 
ATOM   209  C  C   . ASN A 1 34 ? -11.834 0.392   5.150   1.00 51.50 ? 34   ASN A C   1 
ATOM   210  O  O   . ASN A 1 34 ? -10.964 0.898   4.443   1.00 51.61 ? 34   ASN A O   1 
ATOM   211  C  CB  . ASN A 1 34 ? -12.061 -2.135  5.035   1.00 50.67 ? 34   ASN A CB  1 
ATOM   212  C  CG  . ASN A 1 34 ? -12.877 -3.318  4.510   1.00 50.54 ? 34   ASN A CG  1 
ATOM   213  O  OD1 . ASN A 1 34 ? -12.766 -3.673  3.329   1.00 49.64 ? 34   ASN A OD1 1 
ATOM   214  N  ND2 . ASN A 1 34 ? -13.704 -3.931  5.392   1.00 49.88 ? 34   ASN A ND2 1 
ATOM   215  N  N   . PRO A 1 35 ? -12.126 0.859   6.377   1.00 52.01 ? 35   PRO A N   1 
ATOM   216  C  CA  . PRO A 1 35 ? -11.306 1.965   6.869   1.00 52.19 ? 35   PRO A CA  1 
ATOM   217  C  C   . PRO A 1 35 ? -9.998  1.487   7.521   1.00 52.34 ? 35   PRO A C   1 
ATOM   218  O  O   . PRO A 1 35 ? -9.921  0.363   8.040   1.00 52.00 ? 35   PRO A O   1 
ATOM   219  C  CB  . PRO A 1 35 ? -12.227 2.656   7.877   1.00 52.22 ? 35   PRO A CB  1 
ATOM   220  C  CG  . PRO A 1 35 ? -13.098 1.531   8.424   1.00 52.49 ? 35   PRO A CG  1 
ATOM   221  C  CD  . PRO A 1 35 ? -13.165 0.453   7.351   1.00 52.34 ? 35   PRO A CD  1 
ATOM   222  N  N   . VAL A 1 36 ? -8.980  2.343   7.457   1.00 52.70 ? 36   VAL A N   1 
ATOM   223  C  CA  . VAL A 1 36 ? -7.668  2.077   8.040   1.00 53.20 ? 36   VAL A CA  1 
ATOM   224  C  C   . VAL A 1 36 ? -7.395  3.068   9.187   1.00 53.79 ? 36   VAL A C   1 
ATOM   225  O  O   . VAL A 1 36 ? -7.891  4.201   9.162   1.00 53.61 ? 36   VAL A O   1 
ATOM   226  C  CB  . VAL A 1 36 ? -6.542  2.155   6.978   1.00 52.97 ? 36   VAL A CB  1 
ATOM   227  C  CG1 . VAL A 1 36 ? -5.223  1.726   7.575   1.00 52.92 ? 36   VAL A CG1 1 
ATOM   228  C  CG2 . VAL A 1 36 ? -6.858  1.279   5.789   1.00 52.50 ? 36   VAL A CG2 1 
ATOM   229  N  N   . ASP A 1 37 ? -6.599  2.632   10.171  1.00 54.57 ? 37   ASP A N   1 
ATOM   230  C  CA  . ASP A 1 37 ? -6.350  3.381   11.427  1.00 55.40 ? 37   ASP A CA  1 
ATOM   231  C  C   . ASP A 1 37 ? -5.247  4.468   11.413  1.00 55.67 ? 37   ASP A C   1 
ATOM   232  O  O   . ASP A 1 37 ? -4.709  4.833   12.477  1.00 55.69 ? 37   ASP A O   1 
ATOM   233  C  CB  . ASP A 1 37 ? -6.083  2.394   12.576  1.00 55.52 ? 37   ASP A CB  1 
ATOM   234  C  CG  . ASP A 1 37 ? -7.336  1.671   13.030  1.00 56.17 ? 37   ASP A CG  1 
ATOM   235  O  OD1 . ASP A 1 37 ? -8.449  2.129   12.694  1.00 56.77 ? 37   ASP A OD1 1 
ATOM   236  O  OD2 . ASP A 1 37 ? -7.209  0.643   13.733  1.00 57.02 ? 37   ASP A OD2 1 
ATOM   237  N  N   . GLU A 1 38 ? -4.912  4.975   10.224  1.00 55.91 ? 38   GLU A N   1 
ATOM   238  C  CA  . GLU A 1 38 ? -3.921  6.050   10.087  1.00 56.20 ? 38   GLU A CA  1 
ATOM   239  C  C   . GLU A 1 38 ? -4.252  7.022   8.945   1.00 56.36 ? 38   GLU A C   1 
ATOM   240  O  O   . GLU A 1 38 ? -4.300  6.642   7.771   1.00 56.41 ? 38   GLU A O   1 
ATOM   241  C  CB  . GLU A 1 38 ? -2.501  5.480   9.934   1.00 56.18 ? 38   GLU A CB  1 
ATOM   242  N  N   . ALA A 1 44 ? -7.093  8.714   10.112  1.00 35.90 ? 44   ALA A N   1 
ATOM   243  C  CA  . ALA A 1 44 ? -8.115  7.859   9.522   1.00 35.87 ? 44   ALA A CA  1 
ATOM   244  C  C   . ALA A 1 44 ? -8.140  7.978   7.986   1.00 35.88 ? 44   ALA A C   1 
ATOM   245  O  O   . ALA A 1 44 ? -8.140  9.088   7.429   1.00 35.87 ? 44   ALA A O   1 
ATOM   246  C  CB  . ALA A 1 44 ? -9.483  8.177   10.123  1.00 35.83 ? 44   ALA A CB  1 
ATOM   247  N  N   . SER A 1 45 ? -8.127  6.828   7.314   1.00 35.53 ? 45   SER A N   1 
ATOM   248  C  CA  . SER A 1 45 ? -8.179  6.762   5.855   1.00 35.09 ? 45   SER A CA  1 
ATOM   249  C  C   . SER A 1 45 ? -8.807  5.447   5.412   1.00 34.87 ? 45   SER A C   1 
ATOM   250  O  O   . SER A 1 45 ? -9.218  4.646   6.256   1.00 34.83 ? 45   SER A O   1 
ATOM   251  C  CB  . SER A 1 45 ? -6.790  6.928   5.250   1.00 35.14 ? 45   SER A CB  1 
ATOM   252  O  OG  . SER A 1 45 ? -5.941  5.888   5.663   1.00 35.30 ? 45   SER A OG  1 
ATOM   253  N  N   . VAL A 1 46 ? -8.883  5.218   4.097   1.00 34.55 ? 46   VAL A N   1 
ATOM   254  C  CA  . VAL A 1 46 ? -9.662  4.093   3.571   1.00 33.99 ? 46   VAL A CA  1 
ATOM   255  C  C   . VAL A 1 46 ? -8.907  3.225   2.589   1.00 33.71 ? 46   VAL A C   1 
ATOM   256  O  O   . VAL A 1 46 ? -8.208  3.726   1.707   1.00 34.12 ? 46   VAL A O   1 
ATOM   257  C  CB  . VAL A 1 46 ? -10.999 4.579   2.967   1.00 34.24 ? 46   VAL A CB  1 
ATOM   258  C  CG1 . VAL A 1 46 ? -11.560 3.597   1.942   1.00 34.15 ? 46   VAL A CG1 1 
ATOM   259  C  CG2 . VAL A 1 46 ? -11.997 4.803   4.084   1.00 33.97 ? 46   VAL A CG2 1 
ATOM   260  N  N   . LEU A 1 47 ? -9.055  1.916   2.755   1.00 33.18 ? 47   LEU A N   1 
ATOM   261  C  CA  . LEU A 1 47 ? -8.479  0.959   1.840   1.00 32.96 ? 47   LEU A CA  1 
ATOM   262  C  C   . LEU A 1 47 ? -9.509  0.614   0.785   1.00 33.39 ? 47   LEU A C   1 
ATOM   263  O  O   . LEU A 1 47 ? -10.577 0.097   1.100   1.00 33.27 ? 47   LEU A O   1 
ATOM   264  C  CB  . LEU A 1 47 ? -8.051  -0.287  2.598   1.00 32.44 ? 47   LEU A CB  1 
ATOM   265  C  CG  . LEU A 1 47 ? -7.564  -1.530  1.855   1.00 31.96 ? 47   LEU A CG  1 
ATOM   266  C  CD1 . LEU A 1 47 ? -6.241  -1.308  1.157   1.00 32.65 ? 47   LEU A CD1 1 
ATOM   267  C  CD2 . LEU A 1 47 ? -7.422  -2.650  2.843   1.00 30.22 ? 47   LEU A CD2 1 
ATOM   268  N  N   . ILE A 1 48 ? -9.173  0.902   -0.466  1.00 33.90 ? 48   ILE A N   1 
ATOM   269  C  CA  . ILE A 1 48 ? -10.020 0.581   -1.612  1.00 34.64 ? 48   ILE A CA  1 
ATOM   270  C  C   . ILE A 1 48 ? -9.475  -0.619  -2.393  1.00 35.73 ? 48   ILE A C   1 
ATOM   271  O  O   . ILE A 1 48 ? -8.282  -0.650  -2.767  1.00 36.08 ? 48   ILE A O   1 
ATOM   272  C  CB  . ILE A 1 48 ? -10.146 1.797   -2.549  1.00 34.35 ? 48   ILE A CB  1 
ATOM   273  C  CG1 . ILE A 1 48 ? -10.779 2.945   -1.781  1.00 33.77 ? 48   ILE A CG1 1 
ATOM   274  C  CG2 . ILE A 1 48 ? -10.988 1.463   -3.772  1.00 34.27 ? 48   ILE A CG2 1 
ATOM   275  C  CD1 . ILE A 1 48 ? -10.916 4.196   -2.559  1.00 35.68 ? 48   ILE A CD1 1 
ATOM   276  N  N   . ARG A 1 49 ? -10.343 -1.603  -2.624  1.00 36.57 ? 49   ARG A N   1 
ATOM   277  C  CA  . ARG A 1 49 ? -10.019 -2.747  -3.477  1.00 37.92 ? 49   ARG A CA  1 
ATOM   278  C  C   . ARG A 1 49 ? -10.914 -2.731  -4.708  1.00 38.58 ? 49   ARG A C   1 
ATOM   279  O  O   . ARG A 1 49 ? -12.124 -2.570  -4.576  1.00 39.43 ? 49   ARG A O   1 
ATOM   280  C  CB  . ARG A 1 49 ? -10.276 -4.055  -2.752  1.00 37.82 ? 49   ARG A CB  1 
ATOM   281  C  CG  . ARG A 1 49 ? -9.617  -4.220  -1.418  1.00 40.17 ? 49   ARG A CG  1 
ATOM   282  C  CD  . ARG A 1 49 ? -10.297 -5.382  -0.715  1.00 44.55 ? 49   ARG A CD  1 
ATOM   283  N  NE  . ARG A 1 49 ? -10.026 -5.465  0.717   1.00 47.67 ? 49   ARG A NE  1 
ATOM   284  C  CZ  . ARG A 1 49 ? -10.390 -4.549  1.616   1.00 49.82 ? 49   ARG A CZ  1 
ATOM   285  N  NH1 . ARG A 1 49 ? -11.025 -3.427  1.241   1.00 48.62 ? 49   ARG A NH1 1 
ATOM   286  N  NH2 . ARG A 1 49 ? -10.099 -4.750  2.905   1.00 50.66 ? 49   ARG A NH2 1 
ATOM   287  N  N   . ALA A 1 50 ? -10.334 -2.899  -5.896  1.00 39.07 ? 50   ALA A N   1 
ATOM   288  C  CA  . ALA A 1 50 ? -11.117 -3.053  -7.129  1.00 39.24 ? 50   ALA A CA  1 
ATOM   289  C  C   . ALA A 1 50 ? -10.775 -4.357  -7.857  1.00 39.69 ? 50   ALA A C   1 
ATOM   290  O  O   . ALA A 1 50 ? -9.634  -4.822  -7.837  1.00 39.68 ? 50   ALA A O   1 
ATOM   291  C  CB  . ALA A 1 50 ? -10.909 -1.876  -8.039  1.00 38.86 ? 50   ALA A CB  1 
ATOM   292  N  N   . LYS A 1 51 ? -11.777 -4.951  -8.484  1.00 40.17 ? 51   LYS A N   1 
ATOM   293  C  CA  . LYS A 1 51 ? -11.576 -6.145  -9.286  1.00 41.03 ? 51   LYS A CA  1 
ATOM   294  C  C   . LYS A 1 51 ? -12.505 -6.072  -10.483 1.00 41.52 ? 51   LYS A C   1 
ATOM   295  O  O   . LYS A 1 51 ? -13.677 -5.714  -10.344 1.00 41.41 ? 51   LYS A O   1 
ATOM   296  C  CB  . LYS A 1 51 ? -11.857 -7.411  -8.475  1.00 40.95 ? 51   LYS A CB  1 
ATOM   297  C  CG  . LYS A 1 51 ? -11.694 -8.693  -9.270  1.00 41.67 ? 51   LYS A CG  1 
ATOM   298  C  CD  . LYS A 1 51 ? -12.073 -9.918  -8.446  1.00 43.69 ? 51   LYS A CD  1 
ATOM   299  C  CE  . LYS A 1 51 ? -12.038 -11.195 -9.294  1.00 43.91 ? 51   LYS A CE  1 
ATOM   300  N  NZ  . LYS A 1 51 ? -12.581 -12.381 -8.562  1.00 44.76 ? 51   LYS A NZ  1 
ATOM   301  N  N   . SER A 1 52 ? -11.972 -6.390  -11.658 1.00 42.22 ? 52   SER A N   1 
ATOM   302  C  CA  . SER A 1 52 ? -12.778 -6.433  -12.864 1.00 43.14 ? 52   SER A CA  1 
ATOM   303  C  C   . SER A 1 52 ? -12.645 -7.802  -13.494 1.00 43.54 ? 52   SER A C   1 
ATOM   304  O  O   . SER A 1 52 ? -11.537 -8.234  -13.816 1.00 43.59 ? 52   SER A O   1 
ATOM   305  C  CB  . SER A 1 52 ? -12.357 -5.333  -13.851 1.00 43.29 ? 52   SER A CB  1 
ATOM   306  O  OG  . SER A 1 52 ? -13.246 -5.260  -14.961 1.00 43.41 ? 52   SER A OG  1 
ATOM   307  N  N   . GLY A 1 53 ? -13.776 -8.483  -13.646 1.00 44.06 ? 53   GLY A N   1 
ATOM   308  C  CA  . GLY A 1 53 ? -13.831 -9.784  -14.302 1.00 44.86 ? 53   GLY A CA  1 
ATOM   309  C  C   . GLY A 1 53 ? -12.620 -10.661 -14.036 1.00 45.51 ? 53   GLY A C   1 
ATOM   310  O  O   . GLY A 1 53 ? -12.212 -10.838 -12.880 1.00 45.64 ? 53   GLY A O   1 
ATOM   311  N  N   . ALA A 1 54 ? -12.033 -11.178 -15.117 1.00 46.02 ? 54   ALA A N   1 
ATOM   312  C  CA  . ALA A 1 54 ? -10.952 -12.167 -15.054 1.00 46.69 ? 54   ALA A CA  1 
ATOM   313  C  C   . ALA A 1 54 ? -9.684  -11.655 -14.360 1.00 47.21 ? 54   ALA A C   1 
ATOM   314  O  O   . ALA A 1 54 ? -8.914  -12.440 -13.798 1.00 47.08 ? 54   ALA A O   1 
ATOM   315  C  CB  . ALA A 1 54 ? -10.628 -12.698 -16.455 1.00 46.54 ? 54   ALA A CB  1 
ATOM   316  N  N   . ALA A 1 55 ? -9.485  -10.340 -14.387 1.00 47.87 ? 55   ALA A N   1 
ATOM   317  C  CA  . ALA A 1 55 ? -8.303  -9.727  -13.779 1.00 48.56 ? 55   ALA A CA  1 
ATOM   318  C  C   . ALA A 1 55 ? -8.180  -9.991  -12.279 1.00 48.84 ? 55   ALA A C   1 
ATOM   319  O  O   . ALA A 1 55 ? -9.161  -10.272 -11.582 1.00 49.04 ? 55   ALA A O   1 
ATOM   320  C  CB  . ALA A 1 55 ? -8.281  -8.227  -14.049 1.00 48.58 ? 55   ALA A CB  1 
ATOM   321  N  N   . GLU A 1 56 ? -6.946  -9.913  -11.806 1.00 49.02 ? 56   GLU A N   1 
ATOM   322  C  CA  . GLU A 1 56 ? -6.656  -9.855  -10.389 1.00 49.27 ? 56   GLU A CA  1 
ATOM   323  C  C   . GLU A 1 56 ? -7.270  -8.590  -9.769  1.00 48.62 ? 56   GLU A C   1 
ATOM   324  O  O   . GLU A 1 56 ? -7.719  -7.672  -10.478 1.00 48.80 ? 56   GLU A O   1 
ATOM   325  C  CB  . GLU A 1 56 ? -5.141  -9.829  -10.187 1.00 49.70 ? 56   GLU A CB  1 
ATOM   326  C  CG  . GLU A 1 56 ? -4.478  -8.602  -10.835 1.00 51.74 ? 56   GLU A CG  1 
ATOM   327  C  CD  . GLU A 1 56 ? -2.966  -8.680  -10.885 1.00 54.64 ? 56   GLU A CD  1 
ATOM   328  O  OE1 . GLU A 1 56 ? -2.360  -9.520  -10.170 1.00 55.58 ? 56   GLU A OE1 1 
ATOM   329  O  OE2 . GLU A 1 56 ? -2.382  -7.881  -11.649 1.00 55.60 ? 56   GLU A OE2 1 
ATOM   330  N  N   . LYS A 1 57 ? -7.271  -8.569  -8.439  1.00 47.70 ? 57   LYS A N   1 
ATOM   331  C  CA  . LYS A 1 57 ? -7.642  -7.416  -7.637  1.00 46.66 ? 57   LYS A CA  1 
ATOM   332  C  C   . LYS A 1 57 ? -6.516  -6.355  -7.664  1.00 45.60 ? 57   LYS A C   1 
ATOM   333  O  O   . LYS A 1 57 ? -5.351  -6.687  -7.926  1.00 45.53 ? 57   LYS A O   1 
ATOM   334  C  CB  . LYS A 1 57 ? -7.935  -7.909  -6.207  1.00 46.98 ? 57   LYS A CB  1 
ATOM   335  C  CG  . LYS A 1 57 ? -8.007  -6.836  -5.100  1.00 48.18 ? 57   LYS A CG  1 
ATOM   336  C  CD  . LYS A 1 57 ? -8.254  -7.460  -3.718  1.00 49.88 ? 57   LYS A CD  1 
ATOM   337  C  CE  . LYS A 1 57 ? -7.009  -8.169  -3.151  1.00 50.16 ? 57   LYS A CE  1 
ATOM   338  N  NZ  . LYS A 1 57 ? -5.823  -7.267  -2.888  1.00 49.47 ? 57   LYS A NZ  1 
ATOM   339  N  N   . ILE A 1 58 ? -6.879  -5.087  -7.432  1.00 44.03 ? 58   ILE A N   1 
ATOM   340  C  CA  . ILE A 1 58 ? -5.915  -3.989  -7.209  1.00 42.63 ? 58   ILE A CA  1 
ATOM   341  C  C   . ILE A 1 58 ? -6.301  -3.147  -5.980  1.00 42.11 ? 58   ILE A C   1 
ATOM   342  O  O   . ILE A 1 58 ? -7.475  -3.044  -5.639  1.00 41.88 ? 58   ILE A O   1 
ATOM   343  C  CB  . ILE A 1 58 ? -5.722  -3.095  -8.461  1.00 42.45 ? 58   ILE A CB  1 
ATOM   344  C  CG1 . ILE A 1 58 ? -7.075  -2.680  -9.058  1.00 41.72 ? 58   ILE A CG1 1 
ATOM   345  C  CG2 . ILE A 1 58 ? -4.839  -3.814  -9.496  1.00 42.12 ? 58   ILE A CG2 1 
ATOM   346  C  CD1 . ILE A 1 58 ? -6.997  -1.523  -10.010 1.00 39.95 ? 58   ILE A CD1 1 
ATOM   347  N  N   . SER A 1 59 ? -5.312  -2.568  -5.305  1.00 41.65 ? 59   SER A N   1 
ATOM   348  C  CA  . SER A 1 59 ? -5.537  -1.945  -3.995  1.00 41.33 ? 59   SER A CA  1 
ATOM   349  C  C   . SER A 1 59 ? -4.819  -0.635  -3.860  1.00 41.09 ? 59   SER A C   1 
ATOM   350  O  O   . SER A 1 59 ? -3.720  -0.471  -4.390  1.00 41.01 ? 59   SER A O   1 
ATOM   351  C  CB  . SER A 1 59 ? -4.987  -2.820  -2.892  1.00 41.13 ? 59   SER A CB  1 
ATOM   352  O  OG  . SER A 1 59 ? -5.664  -4.045  -2.828  1.00 43.03 ? 59   SER A OG  1 
ATOM   353  N  N   . THR A 1 60 ? -5.428  0.277   -3.107  1.00 40.52 ? 60   THR A N   1 
ATOM   354  C  CA  . THR A 1 60 ? -4.768  1.513   -2.713  1.00 40.36 ? 60   THR A CA  1 
ATOM   355  C  C   . THR A 1 60 ? -5.371  2.070   -1.428  1.00 40.57 ? 60   THR A C   1 
ATOM   356  O  O   . THR A 1 60 ? -6.532  1.786   -1.099  1.00 41.40 ? 60   THR A O   1 
ATOM   357  C  CB  . THR A 1 60 ? -4.789  2.564   -3.857  1.00 40.42 ? 60   THR A CB  1 
ATOM   358  O  OG1 . THR A 1 60 ? -3.822  3.583   -3.587  1.00 40.55 ? 60   THR A OG1 1 
ATOM   359  C  CG2 . THR A 1 60 ? -6.170  3.181   -4.055  1.00 39.52 ? 60   THR A CG2 1 
ATOM   360  N  N   . VAL A 1 61 ? -4.578  2.825   -0.674  1.00 40.20 ? 61   VAL A N   1 
ATOM   361  C  CA  . VAL A 1 61 ? -5.101  3.484   0.513   1.00 39.97 ? 61   VAL A CA  1 
ATOM   362  C  C   . VAL A 1 61 ? -5.255  4.969   0.238   1.00 40.17 ? 61   VAL A C   1 
ATOM   363  O  O   . VAL A 1 61 ? -4.276  5.673   -0.047  1.00 39.86 ? 61   VAL A O   1 
ATOM   364  C  CB  . VAL A 1 61 ? -4.231  3.260   1.758   1.00 39.98 ? 61   VAL A CB  1 
ATOM   365  C  CG1 . VAL A 1 61 ? -4.770  4.066   2.925   1.00 39.21 ? 61   VAL A CG1 1 
ATOM   366  C  CG2 . VAL A 1 61 ? -4.200  1.780   2.126   1.00 40.52 ? 61   VAL A CG2 1 
ATOM   367  N  N   . VAL A 1 62 ? -6.500  5.430   0.327   1.00 40.20 ? 62   VAL A N   1 
ATOM   368  C  CA  . VAL A 1 62 ? -6.821  6.825   0.088   1.00 40.36 ? 62   VAL A CA  1 
ATOM   369  C  C   . VAL A 1 62 ? -7.013  7.579   1.400   1.00 40.76 ? 62   VAL A C   1 
ATOM   370  O  O   . VAL A 1 62 ? -7.887  7.246   2.202   1.00 40.47 ? 62   VAL A O   1 
ATOM   371  C  CB  . VAL A 1 62 ? -8.064  6.981   -0.817  1.00 40.23 ? 62   VAL A CB  1 
ATOM   372  C  CG1 . VAL A 1 62 ? -8.238  8.435   -1.207  1.00 40.03 ? 62   VAL A CG1 1 
ATOM   373  C  CG2 . VAL A 1 62 ? -7.922  6.112   -2.072  1.00 39.76 ? 62   VAL A CG2 1 
ATOM   374  N  N   . GLU A 1 63 ? -6.189  8.603   1.599   1.00 41.63 ? 63   GLU A N   1 
ATOM   375  C  CA  . GLU A 1 63 ? -6.247  9.429   2.800   1.00 42.78 ? 63   GLU A CA  1 
ATOM   376  C  C   . GLU A 1 63 ? -7.419  10.397  2.721   1.00 43.22 ? 63   GLU A C   1 
ATOM   377  O  O   . GLU A 1 63 ? -7.695  10.933  1.649   1.00 43.13 ? 63   GLU A O   1 
ATOM   378  C  CB  . GLU A 1 63 ? -4.924  10.174  2.995   1.00 42.65 ? 63   GLU A CB  1 
ATOM   379  C  CG  . GLU A 1 63 ? -3.718  9.227   3.148   1.00 44.68 ? 63   GLU A CG  1 
ATOM   380  C  CD  . GLU A 1 63 ? -2.704  9.724   4.176   1.00 46.41 ? 63   GLU A CD  1 
ATOM   381  O  OE1 . GLU A 1 63 ? -2.608  10.954  4.392   1.00 47.82 ? 63   GLU A OE1 1 
ATOM   382  O  OE2 . GLU A 1 63 ? -1.998  8.885   4.771   1.00 47.59 ? 63   GLU A OE2 1 
ATOM   383  N  N   . LEU A 1 64 ? -8.105  10.612  3.847   1.00 44.02 ? 64   LEU A N   1 
ATOM   384  C  CA  . LEU A 1 64 ? -9.267  11.518  3.897   1.00 45.05 ? 64   LEU A CA  1 
ATOM   385  C  C   . LEU A 1 64 ? -9.054  12.848  3.189   1.00 45.38 ? 64   LEU A C   1 
ATOM   386  O  O   . LEU A 1 64 ? -9.936  13.322  2.481   1.00 45.46 ? 64   LEU A O   1 
ATOM   387  C  CB  . LEU A 1 64 ? -9.707  11.797  5.337   1.00 45.28 ? 64   LEU A CB  1 
ATOM   388  C  CG  . LEU A 1 64 ? -10.684 10.840  6.034   1.00 46.25 ? 64   LEU A CG  1 
ATOM   389  C  CD1 . LEU A 1 64 ? -11.425 11.593  7.149   1.00 46.83 ? 64   LEU A CD1 1 
ATOM   390  C  CD2 . LEU A 1 64 ? -11.681 10.192  5.059   1.00 46.53 ? 64   LEU A CD2 1 
ATOM   391  N  N   . ASP A 1 65 ? -7.882  13.440  3.391   1.00 45.99 ? 65   ASP A N   1 
ATOM   392  C  CA  . ASP A 1 65 ? -7.527  14.716  2.784   1.00 46.64 ? 65   ASP A CA  1 
ATOM   393  C  C   . ASP A 1 65 ? -7.536  14.678  1.249   1.00 46.88 ? 65   ASP A C   1 
ATOM   394  O  O   . ASP A 1 65 ? -7.685  15.709  0.597   1.00 46.62 ? 65   ASP A O   1 
ATOM   395  C  CB  . ASP A 1 65 ? -6.150  15.169  3.291   1.00 46.87 ? 65   ASP A CB  1 
ATOM   396  C  CG  . ASP A 1 65 ? -6.167  15.613  4.755   1.00 47.39 ? 65   ASP A CG  1 
ATOM   397  O  OD1 . ASP A 1 65 ? -7.269  15.854  5.306   1.00 48.54 ? 65   ASP A OD1 1 
ATOM   398  O  OD2 . ASP A 1 65 ? -5.069  15.728  5.355   1.00 46.79 ? 65   ASP A OD2 1 
ATOM   399  N  N   . TYR A 1 66 ? -7.377  13.490  0.679   1.00 47.21 ? 66   TYR A N   1 
ATOM   400  C  CA  . TYR A 1 66 ? -7.250  13.356  -0.762  1.00 47.90 ? 66   TYR A CA  1 
ATOM   401  C  C   . TYR A 1 66 ? -8.510  12.764  -1.404  1.00 47.59 ? 66   TYR A C   1 
ATOM   402  O  O   . TYR A 1 66 ? -8.531  12.480  -2.603  1.00 47.53 ? 66   TYR A O   1 
ATOM   403  C  CB  . TYR A 1 66 ? -6.004  12.522  -1.106  1.00 48.50 ? 66   TYR A CB  1 
ATOM   404  C  CG  . TYR A 1 66 ? -5.465  12.739  -2.519  1.00 51.42 ? 66   TYR A CG  1 
ATOM   405  C  CD1 . TYR A 1 66 ? -5.561  11.730  -3.492  1.00 53.49 ? 66   TYR A CD1 1 
ATOM   406  C  CD2 . TYR A 1 66 ? -4.856  13.957  -2.886  1.00 53.46 ? 66   TYR A CD2 1 
ATOM   407  C  CE1 . TYR A 1 66 ? -5.067  11.917  -4.792  1.00 55.43 ? 66   TYR A CE1 1 
ATOM   408  C  CE2 . TYR A 1 66 ? -4.356  14.158  -4.186  1.00 55.50 ? 66   TYR A CE2 1 
ATOM   409  C  CZ  . TYR A 1 66 ? -4.470  13.131  -5.131  1.00 56.93 ? 66   TYR A CZ  1 
ATOM   410  O  OH  . TYR A 1 66 ? -3.990  13.311  -6.412  1.00 58.59 ? 66   TYR A OH  1 
ATOM   411  N  N   . PHE A 1 67 ? -9.564  12.597  -0.607  1.00 47.36 ? 67   PHE A N   1 
ATOM   412  C  CA  . PHE A 1 67 ? -10.819 12.001  -1.082  1.00 47.35 ? 67   PHE A CA  1 
ATOM   413  C  C   . PHE A 1 67 ? -11.433 12.711  -2.313  1.00 47.39 ? 67   PHE A C   1 
ATOM   414  O  O   . PHE A 1 67 ? -11.641 12.084  -3.363  1.00 47.31 ? 67   PHE A O   1 
ATOM   415  C  CB  . PHE A 1 67 ? -11.831 11.922  0.070   1.00 47.25 ? 67   PHE A CB  1 
ATOM   416  C  CG  . PHE A 1 67 ? -11.992 10.543  0.661   1.00 47.30 ? 67   PHE A CG  1 
ATOM   417  C  CD1 . PHE A 1 67 ? -10.879 9.744   0.944   1.00 46.76 ? 67   PHE A CD1 1 
ATOM   418  C  CD2 . PHE A 1 67 ? -13.268 10.052  0.960   1.00 46.95 ? 67   PHE A CD2 1 
ATOM   419  C  CE1 . PHE A 1 67 ? -11.031 8.481   1.486   1.00 46.32 ? 67   PHE A CE1 1 
ATOM   420  C  CE2 . PHE A 1 67 ? -13.434 8.791   1.503   1.00 46.68 ? 67   PHE A CE2 1 
ATOM   421  C  CZ  . PHE A 1 67 ? -12.307 8.000   1.773   1.00 47.14 ? 67   PHE A CZ  1 
ATOM   422  N  N   . THR A 1 68 ? -11.719 14.005  -2.180  1.00 47.36 ? 68   THR A N   1 
ATOM   423  C  CA  . THR A 1 68 ? -12.232 14.810  -3.295  1.00 47.56 ? 68   THR A CA  1 
ATOM   424  C  C   . THR A 1 68 ? -11.440 14.550  -4.588  1.00 47.47 ? 68   THR A C   1 
ATOM   425  O  O   . THR A 1 68 ? -12.013 14.148  -5.611  1.00 47.50 ? 68   THR A O   1 
ATOM   426  C  CB  . THR A 1 68 ? -12.175 16.313  -2.961  1.00 47.58 ? 68   THR A CB  1 
ATOM   427  O  OG1 . THR A 1 68 ? -12.996 16.583  -1.820  1.00 48.13 ? 68   THR A OG1 1 
ATOM   428  C  CG2 . THR A 1 68 ? -12.651 17.142  -4.133  1.00 47.68 ? 68   THR A CG2 1 
ATOM   429  N  N   . ASP A 1 69 ? -10.122 14.771  -4.506  1.00 47.26 ? 69   ASP A N   1 
ATOM   430  C  CA  . ASP A 1 69 ? -9.183  14.619  -5.621  1.00 46.63 ? 69   ASP A CA  1 
ATOM   431  C  C   . ASP A 1 69 ? -9.241  13.236  -6.235  1.00 46.12 ? 69   ASP A C   1 
ATOM   432  O  O   . ASP A 1 69 ? -9.379  13.102  -7.455  1.00 45.70 ? 69   ASP A O   1 
ATOM   433  C  CB  . ASP A 1 69 ? -7.756  14.892  -5.140  1.00 46.75 ? 69   ASP A CB  1 
ATOM   434  C  CG  . ASP A 1 69 ? -7.443  16.378  -5.036  1.00 47.82 ? 69   ASP A CG  1 
ATOM   435  O  OD1 . ASP A 1 69 ? -7.527  17.089  -6.076  1.00 48.23 ? 69   ASP A OD1 1 
ATOM   436  O  OD2 . ASP A 1 69 ? -7.095  16.833  -3.916  1.00 48.18 ? 69   ASP A OD2 1 
ATOM   437  N  N   . PHE A 1 70 ? -9.140  12.219  -5.375  1.00 45.59 ? 70   PHE A N   1 
ATOM   438  C  CA  . PHE A 1 70 ? -9.108  10.831  -5.804  1.00 45.20 ? 70   PHE A CA  1 
ATOM   439  C  C   . PHE A 1 70 ? -10.400 10.410  -6.452  1.00 45.46 ? 70   PHE A C   1 
ATOM   440  O  O   . PHE A 1 70 ? -10.380 9.777   -7.495  1.00 45.33 ? 70   PHE A O   1 
ATOM   441  C  CB  . PHE A 1 70 ? -8.785  9.872   -4.652  1.00 45.08 ? 70   PHE A CB  1 
ATOM   442  C  CG  . PHE A 1 70 ? -8.724  8.442   -5.085  1.00 43.43 ? 70   PHE A CG  1 
ATOM   443  C  CD1 . PHE A 1 70 ? -7.555  7.916   -5.603  1.00 41.40 ? 70   PHE A CD1 1 
ATOM   444  C  CD2 . PHE A 1 70 ? -9.862  7.635   -5.041  1.00 42.95 ? 70   PHE A CD2 1 
ATOM   445  C  CE1 . PHE A 1 70 ? -7.504  6.591   -6.042  1.00 42.00 ? 70   PHE A CE1 1 
ATOM   446  C  CE2 . PHE A 1 70 ? -9.817  6.313   -5.475  1.00 42.20 ? 70   PHE A CE2 1 
ATOM   447  C  CZ  . PHE A 1 70 ? -8.631  5.788   -5.977  1.00 41.45 ? 70   PHE A CZ  1 
ATOM   448  N  N   . PHE A 1 71 ? -11.522 10.746  -5.833  1.00 46.23 ? 71   PHE A N   1 
ATOM   449  C  CA  . PHE A 1 71 ? -12.807 10.408  -6.430  1.00 47.50 ? 71   PHE A CA  1 
ATOM   450  C  C   . PHE A 1 71 ? -13.100 11.225  -7.682  1.00 48.12 ? 71   PHE A C   1 
ATOM   451  O  O   . PHE A 1 71 ? -13.798 10.761  -8.583  1.00 47.88 ? 71   PHE A O   1 
ATOM   452  C  CB  . PHE A 1 71 ? -13.937 10.427  -5.399  1.00 47.40 ? 71   PHE A CB  1 
ATOM   453  C  CG  . PHE A 1 71 ? -13.816 9.325   -4.393  1.00 48.68 ? 71   PHE A CG  1 
ATOM   454  C  CD1 . PHE A 1 71 ? -13.505 9.599   -3.066  1.00 48.92 ? 71   PHE A CD1 1 
ATOM   455  C  CD2 . PHE A 1 71 ? -13.934 7.992   -4.789  1.00 49.62 ? 71   PHE A CD2 1 
ATOM   456  C  CE1 . PHE A 1 71 ? -13.351 8.565   -2.142  1.00 48.51 ? 71   PHE A CE1 1 
ATOM   457  C  CE2 . PHE A 1 71 ? -13.780 6.956   -3.871  1.00 48.79 ? 71   PHE A CE2 1 
ATOM   458  C  CZ  . PHE A 1 71 ? -13.488 7.245   -2.546  1.00 48.77 ? 71   PHE A CZ  1 
ATOM   459  N  N   . GLN A 1 72 ? -12.524 12.419  -7.755  1.00 49.40 ? 72   GLN A N   1 
ATOM   460  C  CA  . GLN A 1 72 ? -12.598 13.204  -8.985  1.00 50.79 ? 72   GLN A CA  1 
ATOM   461  C  C   . GLN A 1 72 ? -11.829 12.511  -10.125 1.00 51.36 ? 72   GLN A C   1 
ATOM   462  O  O   . GLN A 1 72 ? -12.326 12.452  -11.242 1.00 51.31 ? 72   GLN A O   1 
ATOM   463  C  CB  . GLN A 1 72 ? -12.114 14.635  -8.757  1.00 50.71 ? 72   GLN A CB  1 
ATOM   464  C  CG  . GLN A 1 72 ? -12.500 15.616  -9.848  1.00 52.44 ? 72   GLN A CG  1 
ATOM   465  C  CD  . GLN A 1 72 ? -13.981 15.981  -9.839  1.00 53.91 ? 72   GLN A CD  1 
ATOM   466  O  OE1 . GLN A 1 72 ? -14.838 15.175  -10.227 1.00 54.62 ? 72   GLN A OE1 1 
ATOM   467  N  NE2 . GLN A 1 72 ? -14.286 17.211  -9.413  1.00 52.81 ? 72   GLN A NE2 1 
ATOM   468  N  N   . SER A 1 73 ? -10.644 11.970  -9.831  1.00 52.29 ? 73   SER A N   1 
ATOM   469  C  CA  . SER A 1 73 ? -9.841  11.219  -10.816 1.00 53.23 ? 73   SER A CA  1 
ATOM   470  C  C   . SER A 1 73 ? -10.461 9.872   -11.133 1.00 53.84 ? 73   SER A C   1 
ATOM   471  O  O   . SER A 1 73 ? -10.343 9.377   -12.254 1.00 54.03 ? 73   SER A O   1 
ATOM   472  C  CB  . SER A 1 73 ? -8.433  10.957  -10.284 1.00 53.12 ? 73   SER A CB  1 
ATOM   473  O  OG  . SER A 1 73 ? -7.549  12.011  -10.584 1.00 54.01 ? 73   SER A OG  1 
ATOM   474  N  N   . TYR A 1 74 ? -11.073 9.271   -10.112 1.00 54.43 ? 74   TYR A N   1 
ATOM   475  C  CA  . TYR A 1 74 ? -11.745 7.985   -10.217 1.00 54.91 ? 74   TYR A CA  1 
ATOM   476  C  C   . TYR A 1 74 ? -12.922 8.051   -11.184 1.00 54.90 ? 74   TYR A C   1 
ATOM   477  O  O   . TYR A 1 74 ? -13.093 7.170   -12.027 1.00 54.65 ? 74   TYR A O   1 
ATOM   478  C  CB  . TYR A 1 74 ? -12.231 7.549   -8.838  1.00 55.22 ? 74   TYR A CB  1 
ATOM   479  C  CG  . TYR A 1 74 ? -12.749 6.131   -8.793  1.00 56.06 ? 74   TYR A CG  1 
ATOM   480  C  CD1 . TYR A 1 74 ? -11.868 5.058   -8.721  1.00 56.77 ? 74   TYR A CD1 1 
ATOM   481  C  CD2 . TYR A 1 74 ? -14.115 5.866   -8.823  1.00 56.42 ? 74   TYR A CD2 1 
ATOM   482  C  CE1 . TYR A 1 74 ? -12.329 3.762   -8.681  1.00 57.62 ? 74   TYR A CE1 1 
ATOM   483  C  CE2 . TYR A 1 74 ? -14.585 4.571   -8.785  1.00 57.37 ? 74   TYR A CE2 1 
ATOM   484  C  CZ  . TYR A 1 74 ? -13.683 3.524   -8.715  1.00 58.03 ? 74   TYR A CZ  1 
ATOM   485  O  OH  . TYR A 1 74 ? -14.124 2.225   -8.678  1.00 59.76 ? 74   TYR A OH  1 
ATOM   486  N  N   . ALA A 1 75 ? -13.737 9.091   -11.037 1.00 55.43 ? 75   ALA A N   1 
ATOM   487  C  CA  . ALA A 1 75 ? -14.773 9.413   -12.014 1.00 56.11 ? 75   ALA A CA  1 
ATOM   488  C  C   . ALA A 1 75 ? -14.192 9.461   -13.436 1.00 56.89 ? 75   ALA A C   1 
ATOM   489  O  O   . ALA A 1 75 ? -14.739 8.821   -14.331 1.00 56.94 ? 75   ALA A O   1 
ATOM   490  C  CB  . ALA A 1 75 ? -15.447 10.727  -11.660 1.00 55.67 ? 75   ALA A CB  1 
ATOM   491  N  N   . GLU A 1 76 ? -13.070 10.177  -13.624 1.00 57.90 ? 76   GLU A N   1 
ATOM   492  C  CA  . GLU A 1 76 ? -12.419 10.347  -14.943 1.00 58.90 ? 76   GLU A CA  1 
ATOM   493  C  C   . GLU A 1 76 ? -12.146 9.023   -15.662 1.00 59.51 ? 76   GLU A C   1 
ATOM   494  O  O   . GLU A 1 76 ? -12.550 8.841   -16.804 1.00 59.63 ? 76   GLU A O   1 
ATOM   495  C  CB  . GLU A 1 76 ? -11.108 11.158  -14.852 1.00 59.00 ? 76   GLU A CB  1 
ATOM   496  C  CG  . GLU A 1 76 ? -11.197 12.552  -14.205 1.00 59.75 ? 76   GLU A CG  1 
ATOM   497  C  CD  . GLU A 1 76 ? -11.885 13.600  -15.074 1.00 61.08 ? 76   GLU A CD  1 
ATOM   498  O  OE1 . GLU A 1 76 ? -11.300 14.011  -16.106 1.00 61.77 ? 76   GLU A OE1 1 
ATOM   499  O  OE2 . GLU A 1 76 ? -13.007 14.034  -14.715 1.00 61.52 ? 76   GLU A OE2 1 
ATOM   500  N  N   . VAL A 1 77 ? -11.458 8.106   -14.989 1.00 60.56 ? 77   VAL A N   1 
ATOM   501  C  CA  . VAL A 1 77 ? -11.151 6.788   -15.556 1.00 61.62 ? 77   VAL A CA  1 
ATOM   502  C  C   . VAL A 1 77 ? -12.433 5.997   -15.871 1.00 62.69 ? 77   VAL A C   1 
ATOM   503  O  O   . VAL A 1 77 ? -12.517 5.307   -16.890 1.00 62.56 ? 77   VAL A O   1 
ATOM   504  C  CB  . VAL A 1 77 ? -10.194 5.984   -14.626 1.00 61.39 ? 77   VAL A CB  1 
ATOM   505  C  CG1 . VAL A 1 77 ? -10.080 4.538   -15.064 1.00 61.29 ? 77   VAL A CG1 1 
ATOM   506  C  CG2 . VAL A 1 77 ? -8.814  6.626   -14.602 1.00 61.01 ? 77   VAL A CG2 1 
HETATM 507  N  N   . CAS A 1 78 ? -13.427 6.124   -14.993 1.00 63.97 ? 78   CAS A N   1 
HETATM 508  C  CA  . CAS A 1 78 ? -14.717 5.463   -15.150 1.00 65.33 ? 78   CAS A CA  1 
HETATM 509  C  CB  . CAS A 1 78 ? -15.519 5.727   -13.872 1.00 66.28 ? 78   CAS A CB  1 
HETATM 510  C  C   . CAS A 1 78 ? -15.445 5.932   -16.386 1.00 64.83 ? 78   CAS A C   1 
HETATM 511  O  O   . CAS A 1 78 ? -15.761 5.131   -17.272 1.00 64.78 ? 78   CAS A O   1 
HETATM 512  S  SG  . CAS A 1 78 ? -15.609 4.284   -12.850 1.00 71.69 ? 78   CAS A SG  1 
HETATM 513  AS AS  . CAS A 1 78 ? -17.124 2.939   -13.813 1.00 79.81 ? 78   CAS A AS  1 
HETATM 514  C  CE1 . CAS A 1 78 ? -18.835 2.467   -12.928 1.00 78.01 ? 78   CAS A CE1 1 
HETATM 515  C  CE2 . CAS A 1 78 ? -16.789 2.180   -15.632 1.00 77.90 ? 78   CAS A CE2 1 
ATOM   516  N  N   . LYS A 1 79 ? -15.698 7.238   -16.464 1.00 64.44 ? 79   LYS A N   1 
ATOM   517  C  CA  . LYS A 1 79 ? -16.382 7.836   -17.609 1.00 64.05 ? 79   LYS A CA  1 
ATOM   518  C  C   . LYS A 1 79 ? -15.525 7.899   -18.884 1.00 63.79 ? 79   LYS A C   1 
ATOM   519  O  O   . LYS A 1 79 ? -16.060 8.020   -19.988 1.00 63.96 ? 79   LYS A O   1 
ATOM   520  C  CB  . LYS A 1 79 ? -16.931 9.223   -17.246 1.00 64.08 ? 79   LYS A CB  1 
ATOM   521  C  CG  . LYS A 1 79 ? -15.921 10.358  -17.309 1.00 64.42 ? 79   LYS A CG  1 
ATOM   522  C  CD  . LYS A 1 79 ? -16.596 11.714  -17.203 1.00 64.86 ? 79   LYS A CD  1 
ATOM   523  C  CE  . LYS A 1 79 ? -16.727 12.153  -15.756 1.00 64.91 ? 79   LYS A CE  1 
ATOM   524  N  NZ  . LYS A 1 79 ? -17.746 13.237  -15.642 1.00 65.57 ? 79   LYS A NZ  1 
ATOM   525  N  N   . GLY A 1 80 ? -14.204 7.828   -18.728 1.00 63.50 ? 80   GLY A N   1 
ATOM   526  C  CA  . GLY A 1 80 ? -13.291 7.805   -19.864 1.00 63.10 ? 80   GLY A CA  1 
ATOM   527  C  C   . GLY A 1 80 ? -13.388 6.490   -20.609 1.00 62.95 ? 80   GLY A C   1 
ATOM   528  O  O   . GLY A 1 80 ? -13.349 6.460   -21.840 1.00 63.03 ? 80   GLY A O   1 
ATOM   529  N  N   . GLN A 1 81 ? -13.536 5.407   -19.851 1.00 62.79 ? 81   GLN A N   1 
ATOM   530  C  CA  . GLN A 1 81 ? -13.590 4.056   -20.408 1.00 62.72 ? 81   GLN A CA  1 
ATOM   531  C  C   . GLN A 1 81 ? -14.940 3.713   -21.033 1.00 62.69 ? 81   GLN A C   1 
ATOM   532  O  O   . GLN A 1 81 ? -15.018 2.840   -21.899 1.00 62.79 ? 81   GLN A O   1 
ATOM   533  C  CB  . GLN A 1 81 ? -13.224 3.014   -19.345 1.00 62.85 ? 81   GLN A CB  1 
ATOM   534  C  CG  . GLN A 1 81 ? -11.761 3.064   -18.872 1.00 62.53 ? 81   GLN A CG  1 
ATOM   535  C  CD  . GLN A 1 81 ? -10.766 2.895   -20.005 1.00 62.49 ? 81   GLN A CD  1 
ATOM   536  O  OE1 . GLN A 1 81 ? -10.821 1.923   -20.763 1.00 62.62 ? 81   GLN A OE1 1 
ATOM   537  N  NE2 . GLN A 1 81 ? -9.850  3.849   -20.129 1.00 62.25 ? 81   GLN A NE2 1 
ATOM   538  N  N   . ILE A 1 82 ? -15.989 4.407   -20.599 1.00 62.48 ? 82   ILE A N   1 
ATOM   539  C  CA  . ILE A 1 82 ? -17.351 4.168   -21.091 1.00 62.18 ? 82   ILE A CA  1 
ATOM   540  C  C   . ILE A 1 82 ? -17.576 4.639   -22.549 1.00 62.13 ? 82   ILE A C   1 
ATOM   541  O  O   . ILE A 1 82 ? -18.208 3.936   -23.349 1.00 62.11 ? 82   ILE A O   1 
ATOM   542  C  CB  . ILE A 1 82 ? -18.409 4.735   -20.096 1.00 62.09 ? 82   ILE A CB  1 
ATOM   543  C  CG1 . ILE A 1 82 ? -18.482 3.830   -18.859 1.00 61.79 ? 82   ILE A CG1 1 
ATOM   544  C  CG2 . ILE A 1 82 ? -19.792 4.834   -20.741 1.00 62.31 ? 82   ILE A CG2 1 
ATOM   545  C  CD1 . ILE A 1 82 ? -19.010 4.506   -17.624 1.00 61.70 ? 82   ILE A CD1 1 
ATOM   546  N  N   . VAL A 1 83 ? -17.046 5.809   -22.896 1.00 61.92 ? 83   VAL A N   1 
ATOM   547  C  CA  . VAL A 1 83 ? -17.181 6.319   -24.256 1.00 61.80 ? 83   VAL A CA  1 
ATOM   548  C  C   . VAL A 1 83 ? -16.230 5.592   -25.209 1.00 61.75 ? 83   VAL A C   1 
ATOM   549  O  O   . VAL A 1 83 ? -15.263 4.957   -24.780 1.00 61.56 ? 83   VAL A O   1 
ATOM   550  C  CB  . VAL A 1 83 ? -16.937 7.842   -24.339 1.00 61.87 ? 83   VAL A CB  1 
ATOM   551  C  CG1 . VAL A 1 83 ? -17.722 8.440   -25.516 1.00 61.83 ? 83   VAL A CG1 1 
ATOM   552  C  CG2 . VAL A 1 83 ? -17.322 8.527   -23.026 1.00 61.60 ? 83   VAL A CG2 1 
ATOM   553  N  N   . MET B 1 1  ? 4.132   10.109  6.060   1.00 48.32 ? 1    MET B N   1 
ATOM   554  C  CA  . MET B 1 1  ? 2.698   9.723   5.851   1.00 48.53 ? 1    MET B CA  1 
ATOM   555  C  C   . MET B 1 1  ? 2.567   8.263   5.410   1.00 47.78 ? 1    MET B C   1 
ATOM   556  O  O   . MET B 1 1  ? 3.486   7.443   5.638   1.00 48.38 ? 1    MET B O   1 
ATOM   557  C  CB  . MET B 1 1  ? 2.050   10.639  4.816   1.00 49.05 ? 1    MET B CB  1 
ATOM   558  C  CG  . MET B 1 1  ? 2.785   10.633  3.480   1.00 51.64 ? 1    MET B CG  1 
ATOM   559  S  SD  . MET B 1 1  ? 1.759   11.091  2.074   1.00 57.26 ? 1    MET B SD  1 
ATOM   560  C  CE  . MET B 1 1  ? 0.493   9.817   2.057   1.00 55.85 ? 1    MET B CE  1 
ATOM   561  N  N   . LEU B 1 2  ? 1.437   7.940   4.777   1.00 46.42 ? 2    LEU B N   1 
ATOM   562  C  CA  . LEU B 1 2  ? 1.130   6.556   4.401   1.00 45.04 ? 2    LEU B CA  1 
ATOM   563  C  C   . LEU B 1 2  ? 1.475   6.250   2.956   1.00 44.24 ? 2    LEU B C   1 
ATOM   564  O  O   . LEU B 1 2  ? 1.076   6.973   2.054   1.00 43.86 ? 2    LEU B O   1 
ATOM   565  C  CB  . LEU B 1 2  ? -0.338  6.253   4.657   1.00 45.02 ? 2    LEU B CB  1 
ATOM   566  C  CG  . LEU B 1 2  ? -0.781  4.801   4.772   1.00 44.24 ? 2    LEU B CG  1 
ATOM   567  C  CD1 . LEU B 1 2  ? -0.162  4.147   5.962   1.00 44.06 ? 2    LEU B CD1 1 
ATOM   568  C  CD2 . LEU B 1 2  ? -2.255  4.820   4.962   1.00 45.39 ? 2    LEU B CD2 1 
ATOM   569  N  N   . LEU B 1 3  ? 2.173   5.138   2.750   1.00 43.55 ? 3    LEU B N   1 
ATOM   570  C  CA  . LEU B 1 3  ? 2.861   4.854   1.489   1.00 42.86 ? 3    LEU B CA  1 
ATOM   571  C  C   . LEU B 1 3  ? 2.456   3.550   0.816   1.00 42.84 ? 3    LEU B C   1 
ATOM   572  O  O   . LEU B 1 3  ? 1.960   2.628   1.459   1.00 42.69 ? 3    LEU B O   1 
ATOM   573  C  CB  . LEU B 1 3  ? 4.366   4.791   1.741   1.00 42.39 ? 3    LEU B CB  1 
ATOM   574  C  CG  . LEU B 1 3  ? 5.063   6.037   2.267   1.00 40.53 ? 3    LEU B CG  1 
ATOM   575  C  CD1 . LEU B 1 3  ? 6.380   5.610   2.898   1.00 37.26 ? 3    LEU B CD1 1 
ATOM   576  C  CD2 . LEU B 1 3  ? 5.259   7.038   1.130   1.00 36.92 ? 3    LEU B CD2 1 
ATOM   577  N  N   . SER B 1 4  ? 2.715   3.467   -0.484  1.00 42.94 ? 4    SER B N   1 
ATOM   578  C  CA  . SER B 1 4  ? 2.511   2.237   -1.218  1.00 43.47 ? 4    SER B CA  1 
ATOM   579  C  C   . SER B 1 4  ? 3.513   1.220   -0.703  1.00 43.83 ? 4    SER B C   1 
ATOM   580  O  O   . SER B 1 4  ? 4.434   1.587   0.026   1.00 44.24 ? 4    SER B O   1 
ATOM   581  C  CB  . SER B 1 4  ? 2.676   2.478   -2.719  1.00 43.71 ? 4    SER B CB  1 
ATOM   582  O  OG  . SER B 1 4  ? 3.938   3.043   -3.020  1.00 44.52 ? 4    SER B OG  1 
ATOM   583  N  N   . ASN B 1 5  ? 3.324   -0.056  -1.034  1.00 43.94 ? 5    ASN B N   1 
ATOM   584  C  CA  . ASN B 1 5  ? 4.284   -1.072  -0.618  1.00 44.07 ? 5    ASN B CA  1 
ATOM   585  C  C   . ASN B 1 5  ? 5.639   -0.853  -1.275  1.00 44.32 ? 5    ASN B C   1 
ATOM   586  O  O   . ASN B 1 5  ? 6.661   -0.971  -0.608  1.00 45.08 ? 5    ASN B O   1 
ATOM   587  C  CB  . ASN B 1 5  ? 3.788   -2.491  -0.900  1.00 44.00 ? 5    ASN B CB  1 
ATOM   588  C  CG  . ASN B 1 5  ? 2.573   -2.882  -0.068  1.00 44.40 ? 5    ASN B CG  1 
ATOM   589  O  OD1 . ASN B 1 5  ? 1.813   -3.767  -0.469  1.00 43.67 ? 5    ASN B OD1 1 
ATOM   590  N  ND2 . ASN B 1 5  ? 2.374   -2.225  1.078   1.00 43.64 ? 5    ASN B ND2 1 
ATOM   591  N  N   . GLU B 1 6  ? 5.640   -0.519  -2.564  1.00 44.68 ? 6    GLU B N   1 
ATOM   592  C  CA  . GLU B 1 6  ? 6.868   -0.216  -3.316  1.00 45.41 ? 6    GLU B CA  1 
ATOM   593  C  C   . GLU B 1 6  ? 7.616   1.017   -2.810  1.00 45.46 ? 6    GLU B C   1 
ATOM   594  O  O   . GLU B 1 6  ? 8.837   1.031   -2.798  1.00 45.61 ? 6    GLU B O   1 
ATOM   595  C  CB  . GLU B 1 6  ? 6.573   -0.051  -4.819  1.00 45.73 ? 6    GLU B CB  1 
ATOM   596  C  CG  . GLU B 1 6  ? 7.803   -0.020  -5.747  1.00 47.22 ? 6    GLU B CG  1 
ATOM   597  C  CD  . GLU B 1 6  ? 7.433   0.118   -7.228  1.00 51.64 ? 6    GLU B CD  1 
ATOM   598  O  OE1 . GLU B 1 6  ? 6.225   0.253   -7.545  1.00 52.61 ? 6    GLU B OE1 1 
ATOM   599  O  OE2 . GLU B 1 6  ? 8.351   0.086   -8.086  1.00 53.76 ? 6    GLU B OE2 1 
ATOM   600  N  N   . GLU B 1 7  ? 6.895   2.055   -2.410  1.00 45.54 ? 7    GLU B N   1 
ATOM   601  C  CA  . GLU B 1 7  ? 7.555   3.210   -1.834  1.00 45.74 ? 7    GLU B CA  1 
ATOM   602  C  C   . GLU B 1 7  ? 8.056   2.919   -0.406  1.00 45.26 ? 7    GLU B C   1 
ATOM   603  O  O   . GLU B 1 7  ? 9.183   3.273   -0.067  1.00 45.72 ? 7    GLU B O   1 
ATOM   604  C  CB  . GLU B 1 7  ? 6.653   4.435   -1.889  1.00 46.02 ? 7    GLU B CB  1 
ATOM   605  C  CG  . GLU B 1 7  ? 7.360   5.735   -1.600  1.00 49.14 ? 7    GLU B CG  1 
ATOM   606  C  CD  . GLU B 1 7  ? 8.332   6.160   -2.701  1.00 54.05 ? 7    GLU B CD  1 
ATOM   607  O  OE1 . GLU B 1 7  ? 8.108   5.789   -3.882  1.00 55.88 ? 7    GLU B OE1 1 
ATOM   608  O  OE2 . GLU B 1 7  ? 9.312   6.889   -2.387  1.00 55.74 ? 7    GLU B OE2 1 
ATOM   609  N  N   . PHE B 1 8  ? 7.244   2.269   0.423   1.00 44.52 ? 8    PHE B N   1 
ATOM   610  C  CA  . PHE B 1 8  ? 7.680   1.893   1.774   1.00 43.73 ? 8    PHE B CA  1 
ATOM   611  C  C   . PHE B 1 8  ? 9.015   1.157   1.701   1.00 43.98 ? 8    PHE B C   1 
ATOM   612  O  O   . PHE B 1 8  ? 9.964   1.532   2.377   1.00 44.11 ? 8    PHE B O   1 
ATOM   613  C  CB  . PHE B 1 8  ? 6.616   1.028   2.460   1.00 43.33 ? 8    PHE B CB  1 
ATOM   614  C  CG  . PHE B 1 8  ? 7.042   0.431   3.795   1.00 41.50 ? 8    PHE B CG  1 
ATOM   615  C  CD1 . PHE B 1 8  ? 6.805   1.105   4.980   1.00 39.72 ? 8    PHE B CD1 1 
ATOM   616  C  CD2 . PHE B 1 8  ? 7.628   -0.828  3.861   1.00 39.46 ? 8    PHE B CD2 1 
ATOM   617  C  CE1 . PHE B 1 8  ? 7.180   0.549   6.197   1.00 38.44 ? 8    PHE B CE1 1 
ATOM   618  C  CE2 . PHE B 1 8  ? 7.995   -1.392  5.066   1.00 38.81 ? 8    PHE B CE2 1 
ATOM   619  C  CZ  . PHE B 1 8  ? 7.770   -0.700  6.241   1.00 39.05 ? 8    PHE B CZ  1 
ATOM   620  N  N   . LEU B 1 9  ? 9.089   0.125   0.865   1.00 44.13 ? 9    LEU B N   1 
ATOM   621  C  CA  . LEU B 1 9  ? 10.311  -0.676  0.730   1.00 44.36 ? 9    LEU B CA  1 
ATOM   622  C  C   . LEU B 1 9  ? 11.523  0.107   0.222   1.00 44.98 ? 9    LEU B C   1 
ATOM   623  O  O   . LEU B 1 9  ? 12.646  -0.122  0.677   1.00 45.60 ? 9    LEU B O   1 
ATOM   624  C  CB  . LEU B 1 9  ? 10.078  -1.890  -0.159  1.00 43.95 ? 9    LEU B CB  1 
ATOM   625  C  CG  . LEU B 1 9  ? 9.106   -2.948  0.357   1.00 43.08 ? 9    LEU B CG  1 
ATOM   626  C  CD1 . LEU B 1 9  ? 8.683   -3.832  -0.818  1.00 41.04 ? 9    LEU B CD1 1 
ATOM   627  C  CD2 . LEU B 1 9  ? 9.712   -3.758  1.506   1.00 39.23 ? 9    LEU B CD2 1 
ATOM   628  N  N   . LYS B 1 10 ? 11.313  1.008   -0.734  1.00 45.01 ? 10   LYS B N   1 
ATOM   629  C  CA  . LYS B 1 10 ? 12.391  1.888   -1.160  1.00 45.05 ? 10   LYS B CA  1 
ATOM   630  C  C   . LYS B 1 10 ? 12.891  2.757   0.017   1.00 44.92 ? 10   LYS B C   1 
ATOM   631  O  O   . LYS B 1 10 ? 14.067  2.725   0.356   1.00 45.41 ? 10   LYS B O   1 
ATOM   632  C  CB  . LYS B 1 10 ? 11.964  2.728   -2.365  1.00 45.17 ? 10   LYS B CB  1 
ATOM   633  C  CG  . LYS B 1 10 ? 11.722  1.901   -3.619  1.00 46.07 ? 10   LYS B CG  1 
ATOM   634  C  CD  . LYS B 1 10 ? 11.501  2.796   -4.833  1.00 48.30 ? 10   LYS B CD  1 
ATOM   635  C  CE  . LYS B 1 10 ? 11.211  1.966   -6.087  1.00 49.78 ? 10   LYS B CE  1 
ATOM   636  N  NZ  . LYS B 1 10 ? 11.300  2.770   -7.351  1.00 50.87 ? 10   LYS B NZ  1 
ATOM   637  N  N   . LYS B 1 11 ? 11.991  3.485   0.669   1.00 44.57 ? 11   LYS B N   1 
ATOM   638  C  CA  . LYS B 1 11 ? 12.346  4.297   1.824   1.00 44.12 ? 11   LYS B CA  1 
ATOM   639  C  C   . LYS B 1 11 ? 12.935  3.477   2.966   1.00 43.71 ? 11   LYS B C   1 
ATOM   640  O  O   . LYS B 1 11 ? 13.782  3.963   3.692   1.00 44.03 ? 11   LYS B O   1 
ATOM   641  C  CB  . LYS B 1 11 ? 11.146  5.109   2.290   1.00 44.21 ? 11   LYS B CB  1 
ATOM   642  C  CG  . LYS B 1 11 ? 10.754  6.206   1.305   1.00 45.74 ? 11   LYS B CG  1 
ATOM   643  C  CD  . LYS B 1 11 ? 9.614   7.049   1.842   1.00 48.41 ? 11   LYS B CD  1 
ATOM   644  C  CE  . LYS B 1 11 ? 9.088   8.034   0.798   1.00 50.47 ? 11   LYS B CE  1 
ATOM   645  N  NZ  . LYS B 1 11 ? 10.094  9.033   0.366   1.00 51.65 ? 11   LYS B NZ  1 
ATOM   646  N  N   . LEU B 1 12 ? 12.517  2.225   3.111   1.00 43.78 ? 12   LEU B N   1 
ATOM   647  C  CA  . LEU B 1 12 ? 13.120  1.348   4.127   1.00 43.70 ? 12   LEU B CA  1 
ATOM   648  C  C   . LEU B 1 12 ? 14.628  1.268   3.919   1.00 43.68 ? 12   LEU B C   1 
ATOM   649  O  O   . LEU B 1 12 ? 15.391  1.318   4.885   1.00 43.90 ? 12   LEU B O   1 
ATOM   650  C  CB  . LEU B 1 12 ? 12.496  -0.052  4.113   1.00 43.39 ? 12   LEU B CB  1 
ATOM   651  C  CG  . LEU B 1 12 ? 13.093  -1.102  5.050   1.00 42.75 ? 12   LEU B CG  1 
ATOM   652  C  CD1 . LEU B 1 12 ? 12.740  -0.811  6.494   1.00 40.42 ? 12   LEU B CD1 1 
ATOM   653  C  CD2 . LEU B 1 12 ? 12.585  -2.450  4.657   1.00 42.10 ? 12   LEU B CD2 1 
ATOM   654  N  N   . THR B 1 13 ? 15.051  1.178   2.658   1.00 43.62 ? 13   THR B N   1 
ATOM   655  C  CA  . THR B 1 13 ? 16.471  1.162   2.312   1.00 43.65 ? 13   THR B CA  1 
ATOM   656  C  C   . THR B 1 13 ? 17.175  2.408   2.837   1.00 43.85 ? 13   THR B C   1 
ATOM   657  O  O   . THR B 1 13 ? 18.174  2.292   3.550   1.00 43.69 ? 13   THR B O   1 
ATOM   658  C  CB  . THR B 1 13 ? 16.674  1.024   0.801   1.00 43.57 ? 13   THR B CB  1 
ATOM   659  O  OG1 . THR B 1 13 ? 16.006  -0.161  0.364   1.00 44.10 ? 13   THR B OG1 1 
ATOM   660  C  CG2 . THR B 1 13 ? 18.159  0.930   0.440   1.00 43.21 ? 13   THR B CG2 1 
ATOM   661  N  N   . ASP B 1 14 ? 16.637  3.589   2.507   1.00 44.11 ? 14   ASP B N   1 
ATOM   662  C  CA  . ASP B 1 14 ? 17.165  4.865   3.015   1.00 44.43 ? 14   ASP B CA  1 
ATOM   663  C  C   . ASP B 1 14 ? 17.277  4.812   4.545   1.00 43.98 ? 14   ASP B C   1 
ATOM   664  O  O   . ASP B 1 14 ? 18.238  5.310   5.130   1.00 43.37 ? 14   ASP B O   1 
ATOM   665  C  CB  . ASP B 1 14 ? 16.258  6.044   2.617   1.00 44.95 ? 14   ASP B CB  1 
ATOM   666  C  CG  . ASP B 1 14 ? 16.133  6.237   1.088   1.00 46.97 ? 14   ASP B CG  1 
ATOM   667  O  OD1 . ASP B 1 14 ? 16.980  5.719   0.324   1.00 49.40 ? 14   ASP B OD1 1 
ATOM   668  O  OD2 . ASP B 1 14 ? 15.180  6.929   0.645   1.00 47.74 ? 14   ASP B OD2 1 
ATOM   669  N  N   . LEU B 1 15 ? 16.285  4.180   5.168   1.00 43.44 ? 15   LEU B N   1 
ATOM   670  C  CA  . LEU B 1 15 ? 16.163  4.150   6.619   1.00 43.33 ? 15   LEU B CA  1 
ATOM   671  C  C   . LEU B 1 15 ? 17.192  3.220   7.252   1.00 43.26 ? 15   LEU B C   1 
ATOM   672  O  O   . LEU B 1 15 ? 17.881  3.615   8.189   1.00 43.37 ? 15   LEU B O   1 
ATOM   673  C  CB  . LEU B 1 15 ? 14.732  3.768   7.014   1.00 43.26 ? 15   LEU B CB  1 
ATOM   674  C  CG  . LEU B 1 15 ? 14.340  3.674   8.488   1.00 43.27 ? 15   LEU B CG  1 
ATOM   675  C  CD1 . LEU B 1 15 ? 12.872  4.042   8.633   1.00 43.40 ? 15   LEU B CD1 1 
ATOM   676  C  CD2 . LEU B 1 15 ? 14.612  2.284   9.070   1.00 41.67 ? 15   LEU B CD2 1 
ATOM   677  N  N   . LEU B 1 16 ? 17.300  1.995   6.742   1.00 43.15 ? 16   LEU B N   1 
ATOM   678  C  CA  . LEU B 1 16 ? 18.335  1.084   7.206   1.00 43.54 ? 16   LEU B CA  1 
ATOM   679  C  C   . LEU B 1 16 ? 19.691  1.705   6.981   1.00 43.99 ? 16   LEU B C   1 
ATOM   680  O  O   . LEU B 1 16 ? 20.623  1.482   7.766   1.00 43.95 ? 16   LEU B O   1 
ATOM   681  C  CB  . LEU B 1 16 ? 18.286  -0.259  6.475   1.00 43.51 ? 16   LEU B CB  1 
ATOM   682  C  CG  . LEU B 1 16 ? 17.060  -1.136  6.688   1.00 43.33 ? 16   LEU B CG  1 
ATOM   683  C  CD1 . LEU B 1 16 ? 17.285  -2.420  5.977   1.00 43.75 ? 16   LEU B CD1 1 
ATOM   684  C  CD2 . LEU B 1 16 ? 16.824  -1.383  8.168   1.00 44.23 ? 16   LEU B CD2 1 
ATOM   685  N  N   . GLN B 1 17 ? 19.795  2.477   5.900   1.00 44.45 ? 17   GLN B N   1 
ATOM   686  C  CA  . GLN B 1 17 ? 21.062  3.068   5.514   1.00 45.07 ? 17   GLN B CA  1 
ATOM   687  C  C   . GLN B 1 17 ? 21.414  4.186   6.477   1.00 45.40 ? 17   GLN B C   1 
ATOM   688  O  O   . GLN B 1 17 ? 22.585  4.436   6.737   1.00 45.70 ? 17   GLN B O   1 
ATOM   689  C  CB  . GLN B 1 17 ? 21.016  3.572   4.075   1.00 44.77 ? 17   GLN B CB  1 
ATOM   690  C  CG  . GLN B 1 17 ? 22.371  3.993   3.553   1.00 45.43 ? 17   GLN B CG  1 
ATOM   691  C  CD  . GLN B 1 17 ? 22.355  4.371   2.080   1.00 46.52 ? 17   GLN B CD  1 
ATOM   692  O  OE1 . GLN B 1 17 ? 21.315  4.327   1.413   1.00 45.60 ? 17   GLN B OE1 1 
ATOM   693  N  NE2 . GLN B 1 17 ? 23.523  4.748   1.564   1.00 46.11 ? 17   GLN B NE2 1 
ATOM   694  N  N   . THR B 1 18 ? 20.389  4.843   7.010   1.00 46.06 ? 18   THR B N   1 
ATOM   695  C  CA  . THR B 1 18 ? 20.575  5.871   8.019   1.00 46.80 ? 18   THR B CA  1 
ATOM   696  C  C   . THR B 1 18 ? 20.891  5.217   9.350   1.00 47.31 ? 18   THR B C   1 
ATOM   697  O  O   . THR B 1 18 ? 21.781  5.670   10.068  1.00 47.49 ? 18   THR B O   1 
ATOM   698  C  CB  . THR B 1 18 ? 19.345  6.787   8.140   1.00 46.79 ? 18   THR B CB  1 
ATOM   699  O  OG1 . THR B 1 18 ? 19.350  7.720   7.057   1.00 46.88 ? 18   THR B OG1 1 
ATOM   700  C  CG2 . THR B 1 18 ? 19.375  7.577   9.445   1.00 47.46 ? 18   THR B CG2 1 
ATOM   701  N  N   . HIS B 1 19 ? 20.159  4.151   9.666   1.00 47.99 ? 19   HIS B N   1 
ATOM   702  C  CA  . HIS B 1 19 ? 20.423  3.356   10.862  1.00 48.54 ? 19   HIS B CA  1 
ATOM   703  C  C   . HIS B 1 19 ? 21.881  2.894   10.906  1.00 48.92 ? 19   HIS B C   1 
ATOM   704  O  O   . HIS B 1 19 ? 22.573  3.158   11.879  1.00 48.92 ? 19   HIS B O   1 
ATOM   705  C  CB  . HIS B 1 19 ? 19.467  2.157   10.935  1.00 48.39 ? 19   HIS B CB  1 
ATOM   706  C  CG  . HIS B 1 19 ? 19.722  1.251   12.102  1.00 48.78 ? 19   HIS B CG  1 
ATOM   707  N  ND1 . HIS B 1 19 ? 19.133  1.440   13.337  1.00 48.68 ? 19   HIS B ND1 1 
ATOM   708  C  CD2 . HIS B 1 19 ? 20.500  0.148   12.224  1.00 49.01 ? 19   HIS B CD2 1 
ATOM   709  C  CE1 . HIS B 1 19 ? 19.539  0.495   14.168  1.00 48.08 ? 19   HIS B CE1 1 
ATOM   710  N  NE2 . HIS B 1 19 ? 20.374  -0.298  13.520  1.00 49.01 ? 19   HIS B NE2 1 
ATOM   711  N  N   . GLN B 1 20 ? 22.345  2.237   9.842   1.00 49.77 ? 20   GLN B N   1 
ATOM   712  C  CA  . GLN B 1 20 ? 23.683  1.628   9.811   1.00 50.63 ? 20   GLN B CA  1 
ATOM   713  C  C   . GLN B 1 20 ? 24.837  2.622   9.954   1.00 50.91 ? 20   GLN B C   1 
ATOM   714  O  O   . GLN B 1 20 ? 25.889  2.270   10.486  1.00 50.74 ? 20   GLN B O   1 
ATOM   715  C  CB  . GLN B 1 20 ? 23.883  0.748   8.562   1.00 50.96 ? 20   GLN B CB  1 
ATOM   716  C  CG  . GLN B 1 20 ? 23.151  -0.617  8.595   1.00 52.52 ? 20   GLN B CG  1 
ATOM   717  C  CD  . GLN B 1 20 ? 23.708  -1.584  9.660   1.00 55.30 ? 20   GLN B CD  1 
ATOM   718  O  OE1 . GLN B 1 20 ? 23.204  -1.646  10.782  1.00 56.74 ? 20   GLN B OE1 1 
ATOM   719  N  NE2 . GLN B 1 20 ? 24.754  -2.330  9.307   1.00 55.57 ? 20   GLN B NE2 1 
ATOM   720  N  N   . SER B 1 21 ? 24.649  3.856   9.496   1.00 51.44 ? 21   SER B N   1 
ATOM   721  C  CA  . SER B 1 21 ? 25.703  4.866   9.646   1.00 51.95 ? 21   SER B CA  1 
ATOM   722  C  C   . SER B 1 21 ? 25.684  5.525   11.030  1.00 52.30 ? 21   SER B C   1 
ATOM   723  O  O   . SER B 1 21 ? 26.681  6.118   11.455  1.00 52.24 ? 21   SER B O   1 
ATOM   724  C  CB  . SER B 1 21 ? 25.642  5.916   8.531   1.00 51.94 ? 21   SER B CB  1 
ATOM   725  O  OG  . SER B 1 21 ? 24.907  7.059   8.934   1.00 52.20 ? 21   SER B OG  1 
ATOM   726  N  N   . LYS B 1 22 ? 24.550  5.419   11.725  1.00 52.91 ? 22   LYS B N   1 
ATOM   727  C  CA  . LYS B 1 22 ? 24.439  5.874   13.124  1.00 53.58 ? 22   LYS B CA  1 
ATOM   728  C  C   . LYS B 1 22 ? 24.844  4.782   14.131  1.00 53.59 ? 22   LYS B C   1 
ATOM   729  O  O   . LYS B 1 22 ? 25.405  5.091   15.183  1.00 53.29 ? 22   LYS B O   1 
ATOM   730  C  CB  . LYS B 1 22 ? 23.028  6.424   13.429  1.00 53.68 ? 22   LYS B CB  1 
ATOM   731  C  CG  . LYS B 1 22 ? 22.766  7.842   12.877  1.00 54.59 ? 22   LYS B CG  1 
ATOM   732  C  CD  . LYS B 1 22 ? 23.583  8.923   13.620  1.00 56.01 ? 22   LYS B CD  1 
ATOM   733  C  CE  . LYS B 1 22 ? 23.891  10.150  12.744  1.00 56.81 ? 22   LYS B CE  1 
ATOM   734  N  NZ  . LYS B 1 22 ? 22.670  10.893  12.294  1.00 57.58 ? 22   LYS B NZ  1 
ATOM   735  N  N   . GLY B 1 23 ? 24.542  3.521   13.796  1.00 53.92 ? 23   GLY B N   1 
ATOM   736  C  CA  . GLY B 1 23 ? 24.977  2.334   14.561  1.00 54.00 ? 23   GLY B CA  1 
ATOM   737  C  C   . GLY B 1 23 ? 24.396  2.233   15.959  1.00 54.08 ? 23   GLY B C   1 
ATOM   738  O  O   . GLY B 1 23 ? 25.090  1.874   16.915  1.00 54.05 ? 23   GLY B O   1 
ATOM   739  N  N   . THR B 1 24 ? 23.107  2.531   16.060  1.00 54.14 ? 24   THR B N   1 
ATOM   740  C  CA  . THR B 1 24 ? 22.446  2.732   17.339  1.00 54.15 ? 24   THR B CA  1 
ATOM   741  C  C   . THR B 1 24 ? 21.624  1.519   17.792  1.00 54.07 ? 24   THR B C   1 
ATOM   742  O  O   . THR B 1 24 ? 21.899  0.377   17.400  1.00 54.26 ? 24   THR B O   1 
ATOM   743  C  CB  . THR B 1 24 ? 21.539  3.993   17.272  1.00 54.52 ? 24   THR B CB  1 
ATOM   744  O  OG1 . THR B 1 24 ? 20.696  3.937   16.103  1.00 53.50 ? 24   THR B OG1 1 
ATOM   745  C  CG2 . THR B 1 24 ? 22.404  5.264   17.247  1.00 54.33 ? 24   THR B CG2 1 
ATOM   746  N  N   . GLY B 1 25 ? 20.617  1.779   18.624  1.00 53.63 ? 25   GLY B N   1 
ATOM   747  C  CA  . GLY B 1 25 ? 19.656  0.769   19.008  1.00 53.11 ? 25   GLY B CA  1 
ATOM   748  C  C   . GLY B 1 25 ? 18.884  0.311   17.790  1.00 52.89 ? 25   GLY B C   1 
ATOM   749  O  O   . GLY B 1 25 ? 19.077  0.820   16.691  1.00 53.67 ? 25   GLY B O   1 
ATOM   750  N  N   . SER B 1 26 ? 17.959  -0.607  18.009  1.00 52.09 ? 26   SER B N   1 
ATOM   751  C  CA  . SER B 1 26 ? 17.382  -1.436  16.963  1.00 51.31 ? 26   SER B CA  1 
ATOM   752  C  C   . SER B 1 26 ? 16.466  -0.731  15.918  1.00 50.78 ? 26   SER B C   1 
ATOM   753  O  O   . SER B 1 26 ? 16.077  0.422   16.104  1.00 51.00 ? 26   SER B O   1 
ATOM   754  C  CB  . SER B 1 26 ? 16.643  -2.576  17.675  1.00 51.47 ? 26   SER B CB  1 
ATOM   755  O  OG  . SER B 1 26 ? 17.424  -3.068  18.774  1.00 51.06 ? 26   SER B OG  1 
ATOM   756  N  N   . VAL B 1 27 ? 16.155  -1.416  14.814  1.00 49.52 ? 27   VAL B N   1 
ATOM   757  C  CA  . VAL B 1 27 ? 15.081  -0.983  13.913  1.00 48.67 ? 27   VAL B CA  1 
ATOM   758  C  C   . VAL B 1 27 ? 13.779  -1.586  14.424  1.00 48.34 ? 27   VAL B C   1 
ATOM   759  O  O   . VAL B 1 27 ? 13.732  -2.781  14.736  1.00 48.17 ? 27   VAL B O   1 
ATOM   760  C  CB  . VAL B 1 27 ? 15.311  -1.436  12.441  1.00 48.32 ? 27   VAL B CB  1 
ATOM   761  C  CG1 . VAL B 1 27 ? 14.070  -1.236  11.601  1.00 47.36 ? 27   VAL B CG1 1 
ATOM   762  C  CG2 . VAL B 1 27 ? 16.440  -0.663  11.832  1.00 48.81 ? 27   VAL B CG2 1 
ATOM   763  N  N   . TYR B 1 28 ? 12.730  -0.766  14.514  1.00 47.96 ? 28   TYR B N   1 
ATOM   764  C  CA  . TYR B 1 28 ? 11.443  -1.205  15.075  1.00 47.38 ? 28   TYR B CA  1 
ATOM   765  C  C   . TYR B 1 28 ? 10.361  -1.315  14.022  1.00 47.46 ? 28   TYR B C   1 
ATOM   766  O  O   . TYR B 1 28 ? 10.254  -0.473  13.140  1.00 47.40 ? 28   TYR B O   1 
ATOM   767  C  CB  . TYR B 1 28 ? 10.994  -0.271  16.200  1.00 47.17 ? 28   TYR B CB  1 
ATOM   768  C  CG  . TYR B 1 28 ? 11.705  -0.530  17.515  1.00 45.99 ? 28   TYR B CG  1 
ATOM   769  C  CD1 . TYR B 1 28 ? 11.124  -1.344  18.493  1.00 44.34 ? 28   TYR B CD1 1 
ATOM   770  C  CD2 . TYR B 1 28 ? 12.959  0.026   17.778  1.00 43.66 ? 28   TYR B CD2 1 
ATOM   771  C  CE1 . TYR B 1 28 ? 11.766  -1.596  19.688  1.00 42.70 ? 28   TYR B CE1 1 
ATOM   772  C  CE2 . TYR B 1 28 ? 13.608  -0.226  18.975  1.00 42.91 ? 28   TYR B CE2 1 
ATOM   773  C  CZ  . TYR B 1 28 ? 13.006  -1.037  19.922  1.00 42.82 ? 28   TYR B CZ  1 
ATOM   774  O  OH  . TYR B 1 28 ? 13.640  -1.295  21.116  1.00 43.57 ? 28   TYR B OH  1 
ATOM   775  N  N   . LEU B 1 29 ? 9.573   -2.375  14.104  1.00 47.63 ? 29   LEU B N   1 
ATOM   776  C  CA  . LEU B 1 29 ? 8.437   -2.520  13.208  1.00 48.47 ? 29   LEU B CA  1 
ATOM   777  C  C   . LEU B 1 29 ? 7.168   -2.855  13.990  1.00 48.14 ? 29   LEU B C   1 
ATOM   778  O  O   . LEU B 1 29 ? 7.087   -3.893  14.638  1.00 48.36 ? 29   LEU B O   1 
ATOM   779  C  CB  . LEU B 1 29 ? 8.725   -3.557  12.122  1.00 48.59 ? 29   LEU B CB  1 
ATOM   780  C  CG  . LEU B 1 29 ? 7.769   -3.519  10.924  1.00 51.22 ? 29   LEU B CG  1 
ATOM   781  C  CD1 . LEU B 1 29 ? 8.536   -3.495  9.628   1.00 51.34 ? 29   LEU B CD1 1 
ATOM   782  C  CD2 . LEU B 1 29 ? 6.887   -4.767  10.960  1.00 54.78 ? 29   LEU B CD2 1 
ATOM   783  N  N   . SER B 1 30 ? 6.194   -1.956  13.933  1.00 47.82 ? 30   SER B N   1 
ATOM   784  C  CA  . SER B 1 30 ? 4.925   -2.162  14.594  1.00 47.85 ? 30   SER B CA  1 
ATOM   785  C  C   . SER B 1 30 ? 3.949   -2.762  13.602  1.00 48.40 ? 30   SER B C   1 
ATOM   786  O  O   . SER B 1 30 ? 3.972   -2.429  12.418  1.00 48.52 ? 30   SER B O   1 
ATOM   787  C  CB  . SER B 1 30 ? 4.378   -0.848  15.114  1.00 47.42 ? 30   SER B CB  1 
ATOM   788  O  OG  . SER B 1 30 ? 4.059   -0.003  14.034  1.00 47.96 ? 30   SER B OG  1 
ATOM   789  N  N   . GLN B 1 31 ? 3.092   -3.652  14.090  1.00 48.60 ? 31   GLN B N   1 
ATOM   790  C  CA  . GLN B 1 31 ? 2.101   -4.303  13.247  1.00 48.73 ? 31   GLN B CA  1 
ATOM   791  C  C   . GLN B 1 31 ? 0.757   -4.190  13.940  1.00 48.66 ? 31   GLN B C   1 
ATOM   792  O  O   . GLN B 1 31 ? 0.584   -4.700  15.044  1.00 47.93 ? 31   GLN B O   1 
ATOM   793  C  CB  . GLN B 1 31 ? 2.483   -5.766  13.006  1.00 48.49 ? 31   GLN B CB  1 
ATOM   794  C  CG  . GLN B 1 31 ? 3.722   -5.917  12.149  1.00 48.78 ? 31   GLN B CG  1 
ATOM   795  C  CD  . GLN B 1 31 ? 4.767   -6.833  12.775  1.00 49.54 ? 31   GLN B CD  1 
ATOM   796  O  OE1 . GLN B 1 31 ? 5.059   -6.747  13.969  1.00 49.76 ? 31   GLN B OE1 1 
ATOM   797  N  NE2 . GLN B 1 31 ? 5.344   -7.708  11.962  1.00 49.32 ? 31   GLN B NE2 1 
ATOM   798  N  N   . LYS B 1 32 ? -0.174  -3.484  13.303  1.00 49.19 ? 32   LYS B N   1 
ATOM   799  C  CA  . LYS B 1 32 ? -1.536  -3.362  13.824  1.00 50.22 ? 32   LYS B CA  1 
ATOM   800  C  C   . LYS B 1 32 ? -2.544  -3.935  12.833  1.00 50.59 ? 32   LYS B C   1 
ATOM   801  O  O   . LYS B 1 32 ? -2.492  -3.659  11.632  1.00 50.68 ? 32   LYS B O   1 
ATOM   802  C  CB  . LYS B 1 32 ? -1.867  -1.911  14.210  1.00 50.01 ? 32   LYS B CB  1 
ATOM   803  C  CG  . LYS B 1 32 ? -3.353  -1.636  14.520  1.00 51.53 ? 32   LYS B CG  1 
ATOM   804  C  CD  . LYS B 1 32 ? -3.555  -0.653  15.696  1.00 52.48 ? 32   LYS B CD  1 
ATOM   805  C  CE  . LYS B 1 32 ? -5.023  -0.299  15.870  1.00 53.15 ? 32   LYS B CE  1 
ATOM   806  N  NZ  . LYS B 1 32 ? -5.342  0.339   17.189  1.00 55.32 ? 32   LYS B NZ  1 
HETATM 807  N  N   . CAS B 1 33 ? -3.437  -4.762  13.356  1.00 51.55 ? 33   CAS B N   1 
HETATM 808  C  CA  . CAS B 1 33 ? -4.496  -5.363  12.571  1.00 53.08 ? 33   CAS B CA  1 
HETATM 809  C  CB  . CAS B 1 33 ? -4.980  -6.613  13.271  1.00 53.51 ? 33   CAS B CB  1 
HETATM 810  C  C   . CAS B 1 33 ? -5.631  -4.416  12.390  1.00 53.19 ? 33   CAS B C   1 
HETATM 811  O  O   . CAS B 1 33 ? -6.134  -3.829  13.347  1.00 53.07 ? 33   CAS B O   1 
HETATM 812  S  SG  . CAS B 1 33 ? -3.858  -7.856  12.765  1.00 57.55 ? 33   CAS B SG  1 
HETATM 813  AS AS  . CAS B 1 33 ? -2.254  -8.349  14.270  1.00 67.10 ? 33   CAS B AS  1 
HETATM 814  C  CE1 . CAS B 1 33 ? -1.980  -10.258 14.793  1.00 63.71 ? 33   CAS B CE1 1 
HETATM 815  C  CE2 . CAS B 1 33 ? -1.129  -6.934  15.082  1.00 64.47 ? 33   CAS B CE2 1 
ATOM   816  N  N   . ASN B 1 34 ? -6.031  -4.247  11.142  1.00 53.80 ? 34   ASN B N   1 
ATOM   817  C  CA  . ASN B 1 34 ? -7.162  -3.398  10.810  1.00 54.49 ? 34   ASN B CA  1 
ATOM   818  C  C   . ASN B 1 34 ? -8.502  -4.159  10.875  1.00 54.95 ? 34   ASN B C   1 
ATOM   819  O  O   . ASN B 1 34 ? -8.549  -5.360  10.563  1.00 55.01 ? 34   ASN B O   1 
ATOM   820  C  CB  . ASN B 1 34 ? -6.937  -2.745  9.445   1.00 54.34 ? 34   ASN B CB  1 
ATOM   821  C  CG  . ASN B 1 34 ? -5.865  -1.684  9.487   1.00 54.03 ? 34   ASN B CG  1 
ATOM   822  O  OD1 . ASN B 1 34 ? -5.832  -0.855  10.397  1.00 53.72 ? 34   ASN B OD1 1 
ATOM   823  N  ND2 . ASN B 1 34 ? -4.976  -1.705  8.502   1.00 54.32 ? 34   ASN B ND2 1 
ATOM   824  N  N   . PRO B 1 35 ? -9.592  -3.460  11.267  1.00 55.38 ? 35   PRO B N   1 
ATOM   825  C  CA  . PRO B 1 35 ? -10.861 -4.131  11.544  1.00 55.72 ? 35   PRO B CA  1 
ATOM   826  C  C   . PRO B 1 35 ? -11.510 -4.702  10.290  1.00 56.34 ? 35   PRO B C   1 
ATOM   827  O  O   . PRO B 1 35 ? -11.371 -4.124  9.202   1.00 56.67 ? 35   PRO B O   1 
ATOM   828  C  CB  . PRO B 1 35 ? -11.738 -3.009  12.117  1.00 55.72 ? 35   PRO B CB  1 
ATOM   829  C  CG  . PRO B 1 35 ? -10.859 -1.783  12.205  1.00 55.47 ? 35   PRO B CG  1 
ATOM   830  C  CD  . PRO B 1 35 ? -9.744  -1.993  11.265  1.00 55.16 ? 35   PRO B CD  1 
ATOM   831  N  N   . VAL B 1 36 ? -12.197 -5.836  10.452  1.00 56.84 ? 36   VAL B N   1 
ATOM   832  C  CA  . VAL B 1 36 ? -13.012 -6.461  9.399   1.00 57.19 ? 36   VAL B CA  1 
ATOM   833  C  C   . VAL B 1 36 ? -14.258 -7.106  10.023  1.00 57.58 ? 36   VAL B C   1 
ATOM   834  O  O   . VAL B 1 36 ? -14.147 -7.847  10.999  1.00 57.78 ? 36   VAL B O   1 
ATOM   835  C  CB  . VAL B 1 36 ? -12.212 -7.506  8.568   1.00 57.06 ? 36   VAL B CB  1 
ATOM   836  C  CG1 . VAL B 1 36 ? -11.452 -6.824  7.433   1.00 57.00 ? 36   VAL B CG1 1 
ATOM   837  C  CG2 . VAL B 1 36 ? -11.265 -8.320  9.456   1.00 56.88 ? 36   VAL B CG2 1 
ATOM   838  N  N   . ASP B 1 37 ? -15.437 -6.825  9.474   1.00 57.96 ? 37   ASP B N   1 
ATOM   839  C  CA  . ASP B 1 37 ? -16.688 -7.272  10.110  1.00 58.37 ? 37   ASP B CA  1 
ATOM   840  C  C   . ASP B 1 37 ? -16.991 -8.759  9.886   1.00 58.38 ? 37   ASP B C   1 
ATOM   841  O  O   . ASP B 1 37 ? -16.328 -9.632  10.453  1.00 58.29 ? 37   ASP B O   1 
ATOM   842  C  CB  . ASP B 1 37 ? -17.883 -6.385  9.702   1.00 58.53 ? 37   ASP B CB  1 
ATOM   843  C  CG  . ASP B 1 37 ? -18.237 -6.493  8.216   1.00 59.19 ? 37   ASP B CG  1 
ATOM   844  O  OD1 . ASP B 1 37 ? -17.417 -7.017  7.422   1.00 60.13 ? 37   ASP B OD1 1 
ATOM   845  O  OD2 . ASP B 1 37 ? -19.346 -6.040  7.842   1.00 59.48 ? 37   ASP B OD2 1 
ATOM   846  N  N   . GLU B 1 40 ? -17.560 -12.175 6.257   1.00 57.45 ? 40   GLU B N   1 
ATOM   847  C  CA  . GLU B 1 40 ? -16.635 -11.678 5.245   1.00 57.54 ? 40   GLU B CA  1 
ATOM   848  C  C   . GLU B 1 40 ? -15.477 -10.866 5.855   1.00 57.63 ? 40   GLU B C   1 
ATOM   849  O  O   . GLU B 1 40 ? -15.395 -9.638  5.696   1.00 57.67 ? 40   GLU B O   1 
ATOM   850  C  CB  . GLU B 1 40 ? -17.385 -10.876 4.183   1.00 57.56 ? 40   GLU B CB  1 
ATOM   851  N  N   . GLY B 1 41 ? -14.581 -11.574 6.544   1.00 57.58 ? 41   GLY B N   1 
ATOM   852  C  CA  . GLY B 1 41 ? -13.453 -10.952 7.236   1.00 57.68 ? 41   GLY B CA  1 
ATOM   853  C  C   . GLY B 1 41 ? -12.067 -11.491 6.898   1.00 57.76 ? 41   GLY B C   1 
ATOM   854  O  O   . GLY B 1 41 ? -11.179 -11.530 7.765   1.00 57.94 ? 41   GLY B O   1 
ATOM   855  N  N   . SER B 1 42 ? -11.876 -11.910 5.646   1.00 57.60 ? 42   SER B N   1 
ATOM   856  C  CA  . SER B 1 42 ? -10.532 -12.221 5.131   1.00 57.32 ? 42   SER B CA  1 
ATOM   857  C  C   . SER B 1 42 ? -9.955  -11.041 4.341   1.00 56.86 ? 42   SER B C   1 
ATOM   858  O  O   . SER B 1 42 ? -8.798  -11.093 3.906   1.00 57.26 ? 42   SER B O   1 
ATOM   859  C  CB  . SER B 1 42 ? -10.525 -13.494 4.275   1.00 57.67 ? 42   SER B CB  1 
ATOM   860  O  OG  . SER B 1 42 ? -10.408 -14.666 5.079   1.00 58.31 ? 42   SER B OG  1 
ATOM   861  N  N   . SER B 1 43 ? -10.763 -9.984  4.165   1.00 55.84 ? 43   SER B N   1 
ATOM   862  C  CA  . SER B 1 43 ? -10.285 -8.664  3.687   1.00 54.46 ? 43   SER B CA  1 
ATOM   863  C  C   . SER B 1 43 ? -9.411  -7.939  4.739   1.00 53.36 ? 43   SER B C   1 
ATOM   864  O  O   . SER B 1 43 ? -9.240  -6.706  4.691   1.00 53.36 ? 43   SER B O   1 
ATOM   865  C  CB  . SER B 1 43 ? -11.456 -7.776  3.228   1.00 54.63 ? 43   SER B CB  1 
ATOM   866  O  OG  . SER B 1 43 ? -12.628 -7.995  4.004   1.00 55.21 ? 43   SER B OG  1 
ATOM   867  N  N   . ALA B 1 44 ? -8.864  -8.732  5.670   1.00 51.33 ? 44   ALA B N   1 
ATOM   868  C  CA  . ALA B 1 44 ? -7.974  -8.266  6.713   1.00 49.59 ? 44   ALA B CA  1 
ATOM   869  C  C   . ALA B 1 44 ? -6.711  -7.664  6.124   1.00 48.41 ? 44   ALA B C   1 
ATOM   870  O  O   . ALA B 1 44 ? -6.109  -8.211  5.204   1.00 48.20 ? 44   ALA B O   1 
ATOM   871  C  CB  . ALA B 1 44 ? -7.631  -9.402  7.643   1.00 49.43 ? 44   ALA B CB  1 
ATOM   872  N  N   . SER B 1 45 ? -6.332  -6.509  6.646   1.00 46.94 ? 45   SER B N   1 
ATOM   873  C  CA  . SER B 1 45 ? -5.098  -5.872  6.250   1.00 45.15 ? 45   SER B CA  1 
ATOM   874  C  C   . SER B 1 45 ? -4.391  -5.528  7.537   1.00 44.37 ? 45   SER B C   1 
ATOM   875  O  O   . SER B 1 45 ? -5.018  -5.438  8.590   1.00 44.25 ? 45   SER B O   1 
ATOM   876  C  CB  . SER B 1 45 ? -5.381  -4.613  5.433   1.00 44.90 ? 45   SER B CB  1 
ATOM   877  O  OG  . SER B 1 45 ? -5.957  -3.616  6.249   1.00 43.72 ? 45   SER B OG  1 
ATOM   878  N  N   . VAL B 1 46 ? -3.081  -5.356  7.450   1.00 43.41 ? 46   VAL B N   1 
ATOM   879  C  CA  . VAL B 1 46 ? -2.275  -5.012  8.601   1.00 42.52 ? 46   VAL B CA  1 
ATOM   880  C  C   . VAL B 1 46 ? -1.580  -3.722  8.278   1.00 42.65 ? 46   VAL B C   1 
ATOM   881  O  O   . VAL B 1 46 ? -0.995  -3.573  7.196   1.00 42.54 ? 46   VAL B O   1 
ATOM   882  C  CB  . VAL B 1 46 ? -1.233  -6.094  8.897   1.00 42.03 ? 46   VAL B CB  1 
ATOM   883  C  CG1 . VAL B 1 46 ? -0.421  -5.733  10.126  1.00 41.70 ? 46   VAL B CG1 1 
ATOM   884  C  CG2 . VAL B 1 46 ? -1.925  -7.421  9.097   1.00 41.39 ? 46   VAL B CG2 1 
ATOM   885  N  N   . LEU B 1 47 ? -1.664  -2.783  9.206   1.00 42.57 ? 47   LEU B N   1 
ATOM   886  C  CA  . LEU B 1 47 ? -0.912  -1.553  9.089   1.00 43.15 ? 47   LEU B CA  1 
ATOM   887  C  C   . LEU B 1 47 ? 0.502   -1.768  9.632   1.00 43.65 ? 47   LEU B C   1 
ATOM   888  O  O   . LEU B 1 47 ? 0.681   -2.165  10.781  1.00 44.37 ? 47   LEU B O   1 
ATOM   889  C  CB  . LEU B 1 47 ? -1.617  -0.435  9.860   1.00 43.04 ? 47   LEU B CB  1 
ATOM   890  C  CG  . LEU B 1 47 ? -0.815  0.848   10.061  1.00 43.05 ? 47   LEU B CG  1 
ATOM   891  C  CD1 . LEU B 1 47 ? -0.923  1.752   8.838   1.00 43.31 ? 47   LEU B CD1 1 
ATOM   892  C  CD2 . LEU B 1 47 ? -1.309  1.556   11.312  1.00 42.88 ? 47   LEU B CD2 1 
ATOM   893  N  N   . ILE B 1 48 ? 1.507   -1.502  8.808   1.00 43.90 ? 48   ILE B N   1 
ATOM   894  C  CA  . ILE B 1 48 ? 2.893   -1.684  9.214   1.00 43.96 ? 48   ILE B CA  1 
ATOM   895  C  C   . ILE B 1 48 ? 3.627   -0.343  9.235   1.00 44.50 ? 48   ILE B C   1 
ATOM   896  O  O   . ILE B 1 48 ? 3.498   0.465   8.299   1.00 44.68 ? 48   ILE B O   1 
ATOM   897  C  CB  . ILE B 1 48 ? 3.598   -2.720  8.295   1.00 43.78 ? 48   ILE B CB  1 
ATOM   898  C  CG1 . ILE B 1 48 ? 2.993   -4.119  8.539   1.00 44.43 ? 48   ILE B CG1 1 
ATOM   899  C  CG2 . ILE B 1 48 ? 5.073   -2.750  8.555   1.00 43.96 ? 48   ILE B CG2 1 
ATOM   900  C  CD1 . ILE B 1 48 ? 3.390   -5.223  7.547   1.00 43.26 ? 48   ILE B CD1 1 
ATOM   901  N  N   . ARG B 1 49 ? 4.367   -0.092  10.316  1.00 44.78 ? 49   ARG B N   1 
ATOM   902  C  CA  . ARG B 1 49 ? 5.256   1.068   10.392  1.00 45.37 ? 49   ARG B CA  1 
ATOM   903  C  C   . ARG B 1 49 ? 6.661   0.622   10.754  1.00 45.60 ? 49   ARG B C   1 
ATOM   904  O  O   . ARG B 1 49 ? 6.831   -0.240  11.609  1.00 45.95 ? 49   ARG B O   1 
ATOM   905  C  CB  . ARG B 1 49 ? 4.779   2.085   11.429  1.00 45.41 ? 49   ARG B CB  1 
ATOM   906  C  CG  . ARG B 1 49 ? 3.304   2.514   11.371  1.00 46.44 ? 49   ARG B CG  1 
ATOM   907  C  CD  . ARG B 1 49 ? 3.157   3.860   12.060  1.00 49.44 ? 49   ARG B CD  1 
ATOM   908  N  NE  . ARG B 1 49 ? 1.843   4.132   12.652  1.00 52.31 ? 49   ARG B NE  1 
ATOM   909  C  CZ  . ARG B 1 49 ? 0.825   4.721   12.021  1.00 54.12 ? 49   ARG B CZ  1 
ATOM   910  N  NH1 . ARG B 1 49 ? 0.951   5.078   10.740  1.00 55.22 ? 49   ARG B NH1 1 
ATOM   911  N  NH2 . ARG B 1 49 ? -0.331  4.942   12.666  1.00 53.28 ? 49   ARG B NH2 1 
ATOM   912  N  N   . ALA B 1 50 ? 7.665   1.197   10.097  1.00 45.74 ? 50   ALA B N   1 
ATOM   913  C  CA  . ALA B 1 50 ? 9.063   1.035   10.529  1.00 45.83 ? 50   ALA B CA  1 
ATOM   914  C  C   . ALA B 1 50 ? 9.702   2.385   10.913  1.00 46.15 ? 50   ALA B C   1 
ATOM   915  O  O   . ALA B 1 50 ? 9.349   3.433   10.360  1.00 46.04 ? 50   ALA B O   1 
ATOM   916  C  CB  . ALA B 1 50 ? 9.885   0.320   9.465   1.00 45.60 ? 50   ALA B CB  1 
ATOM   917  N  N   . LYS B 1 51 ? 10.625  2.350   11.870  1.00 46.42 ? 51   LYS B N   1 
ATOM   918  C  CA  . LYS B 1 51 ? 11.342  3.542   12.321  1.00 47.31 ? 51   LYS B CA  1 
ATOM   919  C  C   . LYS B 1 51 ? 12.691  3.178   12.926  1.00 47.40 ? 51   LYS B C   1 
ATOM   920  O  O   . LYS B 1 51 ? 12.834  2.116   13.546  1.00 46.98 ? 51   LYS B O   1 
ATOM   921  C  CB  . LYS B 1 51 ? 10.527  4.291   13.371  1.00 47.68 ? 51   LYS B CB  1 
ATOM   922  C  CG  . LYS B 1 51 ? 10.019  3.397   14.476  1.00 49.78 ? 51   LYS B CG  1 
ATOM   923  C  CD  . LYS B 1 51 ? 9.302   4.173   15.565  1.00 53.81 ? 51   LYS B CD  1 
ATOM   924  C  CE  . LYS B 1 51 ? 8.870   3.232   16.705  1.00 56.61 ? 51   LYS B CE  1 
ATOM   925  N  NZ  . LYS B 1 51 ? 7.898   2.145   16.294  1.00 58.51 ? 51   LYS B NZ  1 
ATOM   926  N  N   . SER B 1 52 ? 13.674  4.062   12.764  1.00 47.73 ? 52   SER B N   1 
ATOM   927  C  CA  . SER B 1 52 ? 14.988  3.855   13.385  1.00 47.96 ? 52   SER B CA  1 
ATOM   928  C  C   . SER B 1 52 ? 15.543  5.127   14.013  1.00 48.46 ? 52   SER B C   1 
ATOM   929  O  O   . SER B 1 52 ? 15.443  6.203   13.428  1.00 48.89 ? 52   SER B O   1 
ATOM   930  C  CB  . SER B 1 52 ? 15.985  3.310   12.362  1.00 47.89 ? 52   SER B CB  1 
ATOM   931  O  OG  . SER B 1 52 ? 17.278  3.200   12.921  1.00 47.10 ? 52   SER B OG  1 
ATOM   932  N  N   . GLY B 1 53 ? 16.136  5.001   15.196  1.00 48.83 ? 53   GLY B N   1 
ATOM   933  C  CA  . GLY B 1 53 ? 16.827  6.123   15.817  1.00 49.32 ? 53   GLY B CA  1 
ATOM   934  C  C   . GLY B 1 53 ? 16.060  7.421   15.674  1.00 49.89 ? 53   GLY B C   1 
ATOM   935  O  O   . GLY B 1 53 ? 14.968  7.561   16.219  1.00 50.12 ? 53   GLY B O   1 
ATOM   936  N  N   . ALA B 1 54 ? 16.623  8.373   14.933  1.00 50.42 ? 54   ALA B N   1 
ATOM   937  C  CA  . ALA B 1 54 ? 15.954  9.664   14.711  1.00 50.96 ? 54   ALA B CA  1 
ATOM   938  C  C   . ALA B 1 54 ? 15.365  9.798   13.297  1.00 51.17 ? 54   ALA B C   1 
ATOM   939  O  O   . ALA B 1 54 ? 14.669  10.781  12.999  1.00 51.38 ? 54   ALA B O   1 
ATOM   940  C  CB  . ALA B 1 54 ? 16.894  10.847  15.039  1.00 50.90 ? 54   ALA B CB  1 
ATOM   941  N  N   . ALA B 1 55 ? 15.647  8.806   12.443  1.00 51.17 ? 55   ALA B N   1 
ATOM   942  C  CA  . ALA B 1 55 ? 15.073  8.725   11.093  1.00 51.06 ? 55   ALA B CA  1 
ATOM   943  C  C   . ALA B 1 55 ? 13.538  8.772   11.118  1.00 50.98 ? 55   ALA B C   1 
ATOM   944  O  O   . ALA B 1 55 ? 12.908  8.230   12.029  1.00 51.02 ? 55   ALA B O   1 
ATOM   945  C  CB  . ALA B 1 55 ? 15.571  7.469   10.372  1.00 50.73 ? 55   ALA B CB  1 
ATOM   946  N  N   . GLU B 1 56 ? 12.952  9.441   10.125  1.00 50.91 ? 56   GLU B N   1 
ATOM   947  C  CA  . GLU B 1 56 ? 11.497  9.603   10.029  1.00 50.69 ? 56   GLU B CA  1 
ATOM   948  C  C   . GLU B 1 56 ? 10.796  8.254   9.865   1.00 49.95 ? 56   GLU B C   1 
ATOM   949  O  O   . GLU B 1 56 ? 11.225  7.412   9.078   1.00 50.11 ? 56   GLU B O   1 
ATOM   950  C  CB  . GLU B 1 56 ? 11.124  10.535  8.868   1.00 51.09 ? 56   GLU B CB  1 
ATOM   951  C  CG  . GLU B 1 56 ? 11.833  11.918  8.883   1.00 53.34 ? 56   GLU B CG  1 
ATOM   952  C  CD  . GLU B 1 56 ? 11.279  12.905  9.936   1.00 56.03 ? 56   GLU B CD  1 
ATOM   953  O  OE1 . GLU B 1 56 ? 10.105  12.751  10.356  1.00 57.10 ? 56   GLU B OE1 1 
ATOM   954  O  OE2 . GLU B 1 56 ? 12.022  13.845  10.333  1.00 56.87 ? 56   GLU B OE2 1 
ATOM   955  N  N   . LYS B 1 57 ? 9.732   8.061   10.641  1.00 48.95 ? 57   LYS B N   1 
ATOM   956  C  CA  . LYS B 1 57 ? 8.872   6.887   10.567  1.00 47.99 ? 57   LYS B CA  1 
ATOM   957  C  C   . LYS B 1 57 ? 8.326   6.695   9.148   1.00 47.07 ? 57   LYS B C   1 
ATOM   958  O  O   . LYS B 1 57 ? 8.129   7.669   8.416   1.00 47.27 ? 57   LYS B O   1 
ATOM   959  C  CB  . LYS B 1 57 ? 7.728   7.060   11.573  1.00 48.09 ? 57   LYS B CB  1 
ATOM   960  C  CG  . LYS B 1 57 ? 6.670   5.957   11.578  1.00 49.27 ? 57   LYS B CG  1 
ATOM   961  C  CD  . LYS B 1 57 ? 5.882   5.942   12.895  1.00 49.99 ? 57   LYS B CD  1 
ATOM   962  C  CE  . LYS B 1 57 ? 4.927   7.131   13.027  1.00 50.97 ? 57   LYS B CE  1 
ATOM   963  N  NZ  . LYS B 1 57 ? 4.248   7.220   14.376  1.00 51.52 ? 57   LYS B NZ  1 
ATOM   964  N  N   . ILE B 1 58 ? 8.122   5.440   8.748   1.00 45.83 ? 58   ILE B N   1 
ATOM   965  C  CA  . ILE B 1 58 ? 7.460   5.128   7.475   1.00 44.23 ? 58   ILE B CA  1 
ATOM   966  C  C   . ILE B 1 58 ? 6.305   4.167   7.699   1.00 43.61 ? 58   ILE B C   1 
ATOM   967  O  O   . ILE B 1 58 ? 6.373   3.312   8.579   1.00 43.22 ? 58   ILE B O   1 
ATOM   968  C  CB  . ILE B 1 58 ? 8.421   4.583   6.378   1.00 43.92 ? 58   ILE B CB  1 
ATOM   969  C  CG1 . ILE B 1 58 ? 9.269   3.401   6.863   1.00 42.48 ? 58   ILE B CG1 1 
ATOM   970  C  CG2 . ILE B 1 58 ? 9.290   5.700   5.840   1.00 44.41 ? 58   ILE B CG2 1 
ATOM   971  C  CD1 . ILE B 1 58 ? 10.035  2.708   5.728   1.00 38.14 ? 58   ILE B CD1 1 
ATOM   972  N  N   . SER B 1 59 ? 5.246   4.332   6.904   1.00 42.78 ? 59   SER B N   1 
ATOM   973  C  CA  . SER B 1 59 ? 3.996   3.614   7.113   1.00 42.13 ? 59   SER B CA  1 
ATOM   974  C  C   . SER B 1 59 ? 3.410   3.066   5.817   1.00 41.85 ? 59   SER B C   1 
ATOM   975  O  O   . SER B 1 59 ? 3.425   3.742   4.781   1.00 41.88 ? 59   SER B O   1 
ATOM   976  C  CB  . SER B 1 59 ? 2.970   4.525   7.789   1.00 42.06 ? 59   SER B CB  1 
ATOM   977  O  OG  . SER B 1 59 ? 3.401   4.929   9.075   1.00 42.13 ? 59   SER B OG  1 
ATOM   978  N  N   . THR B 1 60 ? 2.901   1.837   5.887   1.00 41.00 ? 60   THR B N   1 
ATOM   979  C  CA  . THR B 1 60 ? 2.196   1.215   4.777   1.00 40.36 ? 60   THR B CA  1 
ATOM   980  C  C   . THR B 1 60 ? 1.114   0.255   5.291   1.00 40.94 ? 60   THR B C   1 
ATOM   981  O  O   . THR B 1 60 ? 0.987   0.023   6.500   1.00 40.76 ? 60   THR B O   1 
ATOM   982  C  CB  . THR B 1 60 ? 3.178   0.530   3.772   1.00 39.97 ? 60   THR B CB  1 
ATOM   983  O  OG1 . THR B 1 60 ? 2.563   0.404   2.476   1.00 38.35 ? 60   THR B OG1 1 
ATOM   984  C  CG2 . THR B 1 60 ? 3.642   -0.807  4.270   1.00 38.79 ? 60   THR B CG2 1 
ATOM   985  N  N   . VAL B 1 61 ? 0.308   -0.269  4.372   1.00 41.00 ? 61   VAL B N   1 
ATOM   986  C  CA  . VAL B 1 61 ? -0.686  -1.267  4.725   1.00 41.35 ? 61   VAL B CA  1 
ATOM   987  C  C   . VAL B 1 61 ? -0.385  -2.510  3.890   1.00 42.22 ? 61   VAL B C   1 
ATOM   988  O  O   . VAL B 1 61 ? -0.011  -2.412  2.710   1.00 42.59 ? 61   VAL B O   1 
ATOM   989  C  CB  . VAL B 1 61 ? -2.135  -0.735  4.540   1.00 41.14 ? 61   VAL B CB  1 
ATOM   990  C  CG1 . VAL B 1 61 ? -3.166  -1.805  4.828   1.00 40.74 ? 61   VAL B CG1 1 
ATOM   991  C  CG2 . VAL B 1 61 ? -2.390  0.473   5.455   1.00 40.86 ? 61   VAL B CG2 1 
ATOM   992  N  N   . VAL B 1 62 ? -0.481  -3.677  4.514   1.00 42.70 ? 62   VAL B N   1 
ATOM   993  C  CA  . VAL B 1 62 ? -0.322  -4.928  3.777   1.00 43.47 ? 62   VAL B CA  1 
ATOM   994  C  C   . VAL B 1 62 ? -1.566  -5.783  4.009   1.00 44.01 ? 62   VAL B C   1 
ATOM   995  O  O   . VAL B 1 62 ? -2.062  -5.873  5.128   1.00 44.47 ? 62   VAL B O   1 
ATOM   996  C  CB  . VAL B 1 62 ? 0.942   -5.685  4.210   1.00 43.09 ? 62   VAL B CB  1 
ATOM   997  C  CG1 . VAL B 1 62 ? 1.108   -6.953  3.405   1.00 43.55 ? 62   VAL B CG1 1 
ATOM   998  C  CG2 . VAL B 1 62 ? 2.170   -4.812  4.053   1.00 43.07 ? 62   VAL B CG2 1 
ATOM   999  N  N   . GLU B 1 63 ? -2.102  -6.375  2.958   1.00 44.27 ? 63   GLU B N   1 
ATOM   1000 C  CA  . GLU B 1 63 ? -3.253  -7.233  3.144   1.00 45.05 ? 63   GLU B CA  1 
ATOM   1001 C  C   . GLU B 1 63 ? -2.828  -8.667  2.878   1.00 45.47 ? 63   GLU B C   1 
ATOM   1002 O  O   . GLU B 1 63 ? -1.777  -8.898  2.284   1.00 45.49 ? 63   GLU B O   1 
ATOM   1003 C  CB  . GLU B 1 63 ? -4.407  -6.786  2.255   1.00 45.13 ? 63   GLU B CB  1 
ATOM   1004 C  CG  . GLU B 1 63 ? -3.995  -6.514  0.842   1.00 45.70 ? 63   GLU B CG  1 
ATOM   1005 C  CD  . GLU B 1 63 ? -4.959  -5.626  0.075   1.00 45.97 ? 63   GLU B CD  1 
ATOM   1006 O  OE1 . GLU B 1 63 ? -6.188  -5.744  0.291   1.00 47.29 ? 63   GLU B OE1 1 
ATOM   1007 O  OE2 . GLU B 1 63 ? -4.477  -4.832  -0.765  1.00 43.45 ? 63   GLU B OE2 1 
ATOM   1008 N  N   . LEU B 1 64 ? -3.627  -9.624  3.337   1.00 46.07 ? 64   LEU B N   1 
ATOM   1009 C  CA  . LEU B 1 64 ? -3.242  -11.040 3.326   1.00 47.15 ? 64   LEU B CA  1 
ATOM   1010 C  C   . LEU B 1 64 ? -2.772  -11.581 1.978   1.00 47.50 ? 64   LEU B C   1 
ATOM   1011 O  O   . LEU B 1 64 ? -1.805  -12.343 1.910   1.00 47.66 ? 64   LEU B O   1 
ATOM   1012 C  CB  . LEU B 1 64 ? -4.389  -11.900 3.838   1.00 47.28 ? 64   LEU B CB  1 
ATOM   1013 C  CG  . LEU B 1 64 ? -4.955  -11.459 5.184   1.00 48.01 ? 64   LEU B CG  1 
ATOM   1014 C  CD1 . LEU B 1 64 ? -6.235  -12.233 5.445   1.00 47.76 ? 64   LEU B CD1 1 
ATOM   1015 C  CD2 . LEU B 1 64 ? -3.932  -11.609 6.324   1.00 47.10 ? 64   LEU B CD2 1 
ATOM   1016 N  N   . ASP B 1 65 ? -3.449  -11.174 0.914   1.00 47.96 ? 65   ASP B N   1 
ATOM   1017 C  CA  . ASP B 1 65 ? -3.172  -11.673 -0.434  1.00 48.77 ? 65   ASP B CA  1 
ATOM   1018 C  C   . ASP B 1 65 ? -1.688  -11.835 -0.731  1.00 48.43 ? 65   ASP B C   1 
ATOM   1019 O  O   . ASP B 1 65 ? -1.271  -12.824 -1.342  1.00 48.66 ? 65   ASP B O   1 
ATOM   1020 C  CB  . ASP B 1 65 ? -3.787  -10.744 -1.488  1.00 49.27 ? 65   ASP B CB  1 
ATOM   1021 C  CG  . ASP B 1 65 ? -5.274  -10.563 -1.308  1.00 51.18 ? 65   ASP B CG  1 
ATOM   1022 O  OD1 . ASP B 1 65 ? -6.045  -11.510 -1.665  1.00 54.21 ? 65   ASP B OD1 1 
ATOM   1023 O  OD2 . ASP B 1 65 ? -5.666  -9.465  -0.823  1.00 52.64 ? 65   ASP B OD2 1 
ATOM   1024 N  N   . TYR B 1 66 ? -0.909  -10.848 -0.305  1.00 48.02 ? 66   TYR B N   1 
ATOM   1025 C  CA  . TYR B 1 66 ? 0.516   -10.769 -0.629  1.00 48.08 ? 66   TYR B CA  1 
ATOM   1026 C  C   . TYR B 1 66 ? 1.344   -10.518 0.631   1.00 47.45 ? 66   TYR B C   1 
ATOM   1027 O  O   . TYR B 1 66 ? 2.453   -9.974  0.571   1.00 47.56 ? 66   TYR B O   1 
ATOM   1028 C  CB  . TYR B 1 66 ? 0.767   -9.658  -1.665  1.00 48.38 ? 66   TYR B CB  1 
ATOM   1029 C  CG  . TYR B 1 66 ? 0.090   -8.364  -1.304  1.00 49.18 ? 66   TYR B CG  1 
ATOM   1030 C  CD1 . TYR B 1 66 ? 0.672   -7.489  -0.396  1.00 49.32 ? 66   TYR B CD1 1 
ATOM   1031 C  CD2 . TYR B 1 66 ? -1.154  -8.029  -1.853  1.00 50.32 ? 66   TYR B CD2 1 
ATOM   1032 C  CE1 . TYR B 1 66 ? 0.047   -6.306  -0.045  1.00 51.11 ? 66   TYR B CE1 1 
ATOM   1033 C  CE2 . TYR B 1 66 ? -1.792  -6.846  -1.509  1.00 50.91 ? 66   TYR B CE2 1 
ATOM   1034 C  CZ  . TYR B 1 66 ? -1.178  -5.988  -0.603  1.00 51.98 ? 66   TYR B CZ  1 
ATOM   1035 O  OH  . TYR B 1 66 ? -1.787  -4.808  -0.250  1.00 53.39 ? 66   TYR B OH  1 
ATOM   1036 N  N   . PHE B 1 67 ? 0.792   -10.914 1.768   1.00 46.65 ? 67   PHE B N   1 
ATOM   1037 C  CA  . PHE B 1 67 ? 1.482   -10.787 3.026   1.00 46.42 ? 67   PHE B CA  1 
ATOM   1038 C  C   . PHE B 1 67 ? 2.886   -11.372 2.916   1.00 46.79 ? 67   PHE B C   1 
ATOM   1039 O  O   . PHE B 1 67 ? 3.875   -10.670 3.134   1.00 47.34 ? 67   PHE B O   1 
ATOM   1040 C  CB  . PHE B 1 67 ? 0.705   -11.507 4.115   1.00 45.95 ? 67   PHE B CB  1 
ATOM   1041 C  CG  . PHE B 1 67 ? 0.887   -10.917 5.455   1.00 43.98 ? 67   PHE B CG  1 
ATOM   1042 C  CD1 . PHE B 1 67 ? 0.297   -9.713  5.770   1.00 41.93 ? 67   PHE B CD1 1 
ATOM   1043 C  CD2 . PHE B 1 67 ? 1.645   -11.561 6.406   1.00 42.94 ? 67   PHE B CD2 1 
ATOM   1044 C  CE1 . PHE B 1 67 ? 0.462   -9.161  7.012   1.00 42.22 ? 67   PHE B CE1 1 
ATOM   1045 C  CE2 . PHE B 1 67 ? 1.815   -11.008 7.649   1.00 41.49 ? 67   PHE B CE2 1 
ATOM   1046 C  CZ  . PHE B 1 67 ? 1.226   -9.804  7.951   1.00 41.46 ? 67   PHE B CZ  1 
ATOM   1047 N  N   . THR B 1 68 ? 2.956   -12.646 2.547   1.00 46.75 ? 68   THR B N   1 
ATOM   1048 C  CA  . THR B 1 68 ? 4.205   -13.386 2.421   1.00 47.03 ? 68   THR B CA  1 
ATOM   1049 C  C   . THR B 1 68 ? 5.173   -12.733 1.447   1.00 47.02 ? 68   THR B C   1 
ATOM   1050 O  O   . THR B 1 68 ? 6.374   -12.680 1.702   1.00 47.55 ? 68   THR B O   1 
ATOM   1051 C  CB  . THR B 1 68 ? 3.891   -14.818 1.971   1.00 47.29 ? 68   THR B CB  1 
ATOM   1052 O  OG1 . THR B 1 68 ? 3.234   -15.506 3.045   1.00 47.71 ? 68   THR B OG1 1 
ATOM   1053 C  CG2 . THR B 1 68 ? 5.153   -15.566 1.559   1.00 47.69 ? 68   THR B CG2 1 
ATOM   1054 N  N   . ASP B 1 69 ? 4.632   -12.242 0.333   1.00 47.16 ? 69   ASP B N   1 
ATOM   1055 C  CA  . ASP B 1 69 ? 5.390   -11.553 -0.721  1.00 46.95 ? 69   ASP B CA  1 
ATOM   1056 C  C   . ASP B 1 69 ? 5.983   -10.230 -0.252  1.00 46.67 ? 69   ASP B C   1 
ATOM   1057 O  O   . ASP B 1 69 ? 7.089   -9.854  -0.670  1.00 46.77 ? 69   ASP B O   1 
ATOM   1058 C  CB  . ASP B 1 69 ? 4.491   -11.302 -1.926  1.00 46.97 ? 69   ASP B CB  1 
ATOM   1059 C  CG  . ASP B 1 69 ? 3.849   -12.575 -2.451  1.00 48.21 ? 69   ASP B CG  1 
ATOM   1060 O  OD1 . ASP B 1 69 ? 4.524   -13.633 -2.515  1.00 49.41 ? 69   ASP B OD1 1 
ATOM   1061 O  OD2 . ASP B 1 69 ? 2.658   -12.519 -2.816  1.00 50.30 ? 69   ASP B OD2 1 
ATOM   1062 N  N   . PHE B 1 70 ? 5.242   -9.526  0.606   1.00 45.86 ? 70   PHE B N   1 
ATOM   1063 C  CA  . PHE B 1 70 ? 5.736   -8.317  1.228   1.00 44.91 ? 70   PHE B CA  1 
ATOM   1064 C  C   . PHE B 1 70 ? 6.924   -8.602  2.120   1.00 45.03 ? 70   PHE B C   1 
ATOM   1065 O  O   . PHE B 1 70 ? 7.939   -7.909  2.057   1.00 44.71 ? 70   PHE B O   1 
ATOM   1066 C  CB  . PHE B 1 70 ? 4.659   -7.643  2.075   1.00 44.87 ? 70   PHE B CB  1 
ATOM   1067 C  CG  . PHE B 1 70 ? 5.138   -6.378  2.743   1.00 43.00 ? 70   PHE B CG  1 
ATOM   1068 C  CD1 . PHE B 1 70 ? 5.124   -5.176  2.062   1.00 41.58 ? 70   PHE B CD1 1 
ATOM   1069 C  CD2 . PHE B 1 70 ? 5.642   -6.406  4.029   1.00 41.26 ? 70   PHE B CD2 1 
ATOM   1070 C  CE1 . PHE B 1 70 ? 5.574   -4.020  2.657   1.00 42.37 ? 70   PHE B CE1 1 
ATOM   1071 C  CE2 . PHE B 1 70 ? 6.111   -5.248  4.635   1.00 40.65 ? 70   PHE B CE2 1 
ATOM   1072 C  CZ  . PHE B 1 70 ? 6.082   -4.055  3.945   1.00 40.70 ? 70   PHE B CZ  1 
ATOM   1073 N  N   . PHE B 1 71 ? 6.790   -9.611  2.973   1.00 45.44 ? 71   PHE B N   1 
ATOM   1074 C  CA  . PHE B 1 71 ? 7.834   -9.890  3.960   1.00 45.66 ? 71   PHE B CA  1 
ATOM   1075 C  C   . PHE B 1 71 ? 9.057   -10.498 3.327   1.00 45.59 ? 71   PHE B C   1 
ATOM   1076 O  O   . PHE B 1 71 ? 10.159  -10.413 3.879   1.00 45.70 ? 71   PHE B O   1 
ATOM   1077 C  CB  . PHE B 1 71 ? 7.314   -10.706 5.151   1.00 45.49 ? 71   PHE B CB  1 
ATOM   1078 C  CG  . PHE B 1 71 ? 6.625   -9.858  6.182   1.00 45.87 ? 71   PHE B CG  1 
ATOM   1079 C  CD1 . PHE B 1 71 ? 5.235   -9.755  6.205   1.00 45.12 ? 71   PHE B CD1 1 
ATOM   1080 C  CD2 . PHE B 1 71 ? 7.377   -9.097  7.087   1.00 46.13 ? 71   PHE B CD2 1 
ATOM   1081 C  CE1 . PHE B 1 71 ? 4.603   -8.947  7.141   1.00 44.89 ? 71   PHE B CE1 1 
ATOM   1082 C  CE2 . PHE B 1 71 ? 6.757   -8.279  8.024   1.00 44.80 ? 71   PHE B CE2 1 
ATOM   1083 C  CZ  . PHE B 1 71 ? 5.366   -8.204  8.056   1.00 45.14 ? 71   PHE B CZ  1 
ATOM   1084 N  N   . GLN B 1 72 ? 8.876   -11.064 2.141   1.00 45.40 ? 72   GLN B N   1 
ATOM   1085 C  CA  . GLN B 1 72 ? 10.024  -11.530 1.395   1.00 45.56 ? 72   GLN B CA  1 
ATOM   1086 C  C   . GLN B 1 72 ? 10.835  -10.368 0.820   1.00 45.03 ? 72   GLN B C   1 
ATOM   1087 O  O   . GLN B 1 72 ? 12.063  -10.394 0.851   1.00 44.79 ? 72   GLN B O   1 
ATOM   1088 C  CB  . GLN B 1 72 ? 9.623   -12.500 0.310   1.00 45.73 ? 72   GLN B CB  1 
ATOM   1089 C  CG  . GLN B 1 72 ? 10.829  -13.270 -0.177  1.00 47.84 ? 72   GLN B CG  1 
ATOM   1090 C  CD  . GLN B 1 72 ? 10.551  -14.073 -1.415  1.00 49.89 ? 72   GLN B CD  1 
ATOM   1091 O  OE1 . GLN B 1 72 ? 9.478   -13.968 -2.025  1.00 50.93 ? 72   GLN B OE1 1 
ATOM   1092 N  NE2 . GLN B 1 72 ? 11.522  -14.887 -1.808  1.00 50.82 ? 72   GLN B NE2 1 
ATOM   1093 N  N   . SER B 1 73 ? 10.135  -9.352  0.316   1.00 45.02 ? 73   SER B N   1 
ATOM   1094 C  CA  . SER B 1 73 ? 10.755  -8.112  -0.178  1.00 44.83 ? 73   SER B CA  1 
ATOM   1095 C  C   . SER B 1 73 ? 11.434  -7.341  0.944   1.00 44.48 ? 73   SER B C   1 
ATOM   1096 O  O   . SER B 1 73 ? 12.539  -6.837  0.766   1.00 44.97 ? 73   SER B O   1 
ATOM   1097 C  CB  . SER B 1 73 ? 9.707   -7.213  -0.821  1.00 44.37 ? 73   SER B CB  1 
ATOM   1098 O  OG  . SER B 1 73 ? 9.293   -7.735  -2.066  1.00 46.73 ? 73   SER B OG  1 
ATOM   1099 N  N   . TYR B 1 74 ? 10.753  -7.247  2.083   1.00 43.75 ? 74   TYR B N   1 
ATOM   1100 C  CA  . TYR B 1 74 ? 11.277  -6.630  3.295   1.00 43.78 ? 74   TYR B CA  1 
ATOM   1101 C  C   . TYR B 1 74 ? 12.577  -7.317  3.740   1.00 43.93 ? 74   TYR B C   1 
ATOM   1102 O  O   . TYR B 1 74 ? 13.609  -6.658  3.932   1.00 43.77 ? 74   TYR B O   1 
ATOM   1103 C  CB  . TYR B 1 74 ? 10.210  -6.721  4.376   1.00 43.30 ? 74   TYR B CB  1 
ATOM   1104 C  CG  . TYR B 1 74 ? 10.603  -6.238  5.733   1.00 43.02 ? 74   TYR B CG  1 
ATOM   1105 C  CD1 . TYR B 1 74 ? 10.362  -4.921  6.110   1.00 42.88 ? 74   TYR B CD1 1 
ATOM   1106 C  CD2 . TYR B 1 74 ? 11.143  -7.113  6.686   1.00 41.71 ? 74   TYR B CD2 1 
ATOM   1107 C  CE1 . TYR B 1 74 ? 10.698  -4.473  7.372   1.00 41.45 ? 74   TYR B CE1 1 
ATOM   1108 C  CE2 . TYR B 1 74 ? 11.474  -6.666  7.964   1.00 40.15 ? 74   TYR B CE2 1 
ATOM   1109 C  CZ  . TYR B 1 74 ? 11.247  -5.346  8.290   1.00 40.89 ? 74   TYR B CZ  1 
ATOM   1110 O  OH  . TYR B 1 74 ? 11.559  -4.872  9.538   1.00 43.06 ? 74   TYR B OH  1 
ATOM   1111 N  N   . ALA B 1 75 ? 12.541  -8.640  3.875   1.00 43.81 ? 75   ALA B N   1 
ATOM   1112 C  CA  . ALA B 1 75 ? 13.755  -9.376  4.175   1.00 44.65 ? 75   ALA B CA  1 
ATOM   1113 C  C   . ALA B 1 75 ? 14.853  -9.075  3.146   1.00 45.31 ? 75   ALA B C   1 
ATOM   1114 O  O   . ALA B 1 75 ? 16.026  -8.922  3.507   1.00 44.94 ? 75   ALA B O   1 
ATOM   1115 C  CB  . ALA B 1 75 ? 13.474  -10.851 4.239   1.00 44.53 ? 75   ALA B CB  1 
ATOM   1116 N  N   . GLU B 1 76 ? 14.465  -8.969  1.874   1.00 46.09 ? 76   GLU B N   1 
ATOM   1117 C  CA  . GLU B 1 76 ? 15.431  -8.732  0.807   1.00 47.60 ? 76   GLU B CA  1 
ATOM   1118 C  C   . GLU B 1 76 ? 16.101  -7.386  0.910   1.00 47.99 ? 76   GLU B C   1 
ATOM   1119 O  O   . GLU B 1 76 ? 17.279  -7.263  0.612   1.00 48.28 ? 76   GLU B O   1 
ATOM   1120 C  CB  . GLU B 1 76 ? 14.811  -8.905  -0.574  1.00 47.71 ? 76   GLU B CB  1 
ATOM   1121 C  CG  . GLU B 1 76 ? 14.823  -10.336 -1.020  1.00 50.10 ? 76   GLU B CG  1 
ATOM   1122 C  CD  . GLU B 1 76 ? 16.236  -10.892 -1.144  1.00 54.54 ? 76   GLU B CD  1 
ATOM   1123 O  OE1 . GLU B 1 76 ? 17.112  -10.176 -1.687  1.00 56.42 ? 76   GLU B OE1 1 
ATOM   1124 O  OE2 . GLU B 1 76 ? 16.472  -12.046 -0.709  1.00 56.17 ? 76   GLU B OE2 1 
ATOM   1125 N  N   . VAL B 1 77 ? 15.353  -6.383  1.341   1.00 48.78 ? 77   VAL B N   1 
ATOM   1126 C  CA  . VAL B 1 77 ? 15.922  -5.063  1.554   1.00 49.92 ? 77   VAL B CA  1 
ATOM   1127 C  C   . VAL B 1 77 ? 16.911  -5.091  2.716   1.00 50.84 ? 77   VAL B C   1 
ATOM   1128 O  O   . VAL B 1 77 ? 17.989  -4.505  2.621   1.00 51.43 ? 77   VAL B O   1 
ATOM   1129 C  CB  . VAL B 1 77 ? 14.831  -3.996  1.787   1.00 49.69 ? 77   VAL B CB  1 
ATOM   1130 C  CG1 . VAL B 1 77 ? 15.453  -2.681  2.238   1.00 49.93 ? 77   VAL B CG1 1 
ATOM   1131 C  CG2 . VAL B 1 77 ? 14.039  -3.784  0.518   1.00 49.85 ? 77   VAL B CG2 1 
HETATM 1132 N  N   . CAS B 1 78 ? 16.553  -5.783  3.794   1.00 51.63 ? 78   CAS B N   1 
HETATM 1133 C  CA  . CAS B 1 78 ? 17.418  -5.873  4.956   1.00 53.07 ? 78   CAS B CA  1 
HETATM 1134 C  CB  . CAS B 1 78 ? 16.758  -6.734  6.010   1.00 54.42 ? 78   CAS B CB  1 
HETATM 1135 C  C   . CAS B 1 78 ? 18.741  -6.503  4.647   1.00 52.45 ? 78   CAS B C   1 
HETATM 1136 O  O   . CAS B 1 78 ? 19.780  -5.924  4.953   1.00 52.02 ? 78   CAS B O   1 
HETATM 1137 S  SG  . CAS B 1 78 ? 15.368  -5.936  6.731   1.00 59.74 ? 78   CAS B SG  1 
HETATM 1138 AS AS  . CAS B 1 78 ? 15.971  -5.610  8.855   1.00 69.63 ? 78   CAS B AS  1 
HETATM 1139 C  CE1 . CAS B 1 78 ? 17.563  -6.434  9.718   1.00 67.94 ? 78   CAS B CE1 1 
HETATM 1140 C  CE2 . CAS B 1 78 ? 14.794  -4.367  9.868   1.00 67.83 ? 78   CAS B CE2 1 
ATOM   1141 N  N   . LYS B 1 79 ? 18.709  -7.698  4.050   1.00 52.16 ? 79   LYS B N   1 
ATOM   1142 C  CA  . LYS B 1 79 ? 19.918  -8.407  3.649   1.00 52.06 ? 79   LYS B CA  1 
ATOM   1143 C  C   . LYS B 1 79 ? 20.851  -7.438  2.947   1.00 52.30 ? 79   LYS B C   1 
ATOM   1144 O  O   . LYS B 1 79 ? 22.029  -7.350  3.286   1.00 51.99 ? 79   LYS B O   1 
ATOM   1145 C  CB  . LYS B 1 79 ? 19.597  -9.553  2.693   1.00 51.99 ? 79   LYS B CB  1 
ATOM   1146 C  CG  . LYS B 1 79 ? 19.052  -10.825 3.316   1.00 51.70 ? 79   LYS B CG  1 
ATOM   1147 C  CD  . LYS B 1 79 ? 19.508  -12.038 2.482   1.00 51.91 ? 79   LYS B CD  1 
ATOM   1148 C  CE  . LYS B 1 79 ? 18.552  -13.233 2.574   1.00 52.47 ? 79   LYS B CE  1 
ATOM   1149 N  NZ  . LYS B 1 79 ? 19.206  -14.524 2.180   1.00 51.78 ? 79   LYS B NZ  1 
ATOM   1150 N  N   . GLY B 1 80 ? 20.295  -6.696  1.986   1.00 52.56 ? 80   GLY B N   1 
ATOM   1151 C  CA  . GLY B 1 80 ? 21.027  -5.711  1.197   1.00 52.88 ? 80   GLY B CA  1 
ATOM   1152 C  C   . GLY B 1 80 ? 21.831  -4.704  1.995   1.00 53.21 ? 80   GLY B C   1 
ATOM   1153 O  O   . GLY B 1 80 ? 22.965  -4.383  1.628   1.00 53.37 ? 80   GLY B O   1 
ATOM   1154 N  N   . GLN B 1 81 ? 21.253  -4.214  3.089   1.00 53.59 ? 81   GLN B N   1 
ATOM   1155 C  CA  . GLN B 1 81 ? 21.883  -3.162  3.918   1.00 54.34 ? 81   GLN B CA  1 
ATOM   1156 C  C   . GLN B 1 81 ? 22.710  -3.686  5.089   1.00 54.41 ? 81   GLN B C   1 
ATOM   1157 O  O   . GLN B 1 81 ? 23.211  -2.910  5.919   1.00 54.73 ? 81   GLN B O   1 
ATOM   1158 C  CB  . GLN B 1 81 ? 20.830  -2.179  4.438   1.00 54.44 ? 81   GLN B CB  1 
ATOM   1159 C  CG  . GLN B 1 81 ? 20.026  -1.511  3.330   1.00 55.72 ? 81   GLN B CG  1 
ATOM   1160 C  CD  . GLN B 1 81 ? 20.903  -0.842  2.273   1.00 57.33 ? 81   GLN B CD  1 
ATOM   1161 O  OE1 . GLN B 1 81 ? 20.742  -1.087  1.068   1.00 57.50 ? 81   GLN B OE1 1 
ATOM   1162 N  NE2 . GLN B 1 81 ? 21.845  -0.002  2.724   1.00 57.93 ? 81   GLN B NE2 1 
ATOM   1163 N  N   . ILE B 1 82 ? 22.834  -5.003  5.162   1.00 54.16 ? 82   ILE B N   1 
ATOM   1164 C  CA  . ILE B 1 82 ? 23.691  -5.617  6.141   1.00 53.94 ? 82   ILE B CA  1 
ATOM   1165 C  C   . ILE B 1 82 ? 24.981  -5.968  5.429   1.00 53.95 ? 82   ILE B C   1 
ATOM   1166 O  O   . ILE B 1 82 ? 26.043  -5.436  5.759   1.00 53.79 ? 82   ILE B O   1 
ATOM   1167 C  CB  . ILE B 1 82 ? 23.044  -6.862  6.731   1.00 53.81 ? 82   ILE B CB  1 
ATOM   1168 C  CG1 . ILE B 1 82 ? 21.700  -6.494  7.370   1.00 53.86 ? 82   ILE B CG1 1 
ATOM   1169 C  CG2 . ILE B 1 82 ? 23.967  -7.472  7.749   1.00 53.85 ? 82   ILE B CG2 1 
ATOM   1170 C  CD1 . ILE B 1 82 ? 20.723  -7.654  7.513   1.00 53.35 ? 82   ILE B CD1 1 
ATOM   1171 N  N   . VAL B 1 83 ? 24.860  -6.845  4.432   1.00 54.08 ? 83   VAL B N   1 
ATOM   1172 C  CA  . VAL B 1 83 ? 25.985  -7.301  3.619   1.00 54.33 ? 83   VAL B CA  1 
ATOM   1173 C  C   . VAL B 1 83 ? 26.618  -6.132  2.861   1.00 54.57 ? 83   VAL B C   1 
ATOM   1174 O  O   . VAL B 1 83 ? 27.846  -6.054  2.749   1.00 54.64 ? 83   VAL B O   1 
ATOM   1175 C  CB  . VAL B 1 83 ? 25.573  -8.414  2.608   1.00 54.26 ? 83   VAL B CB  1 
ATOM   1176 C  CG1 . VAL B 1 83 ? 26.794  -9.166  2.124   1.00 54.76 ? 83   VAL B CG1 1 
ATOM   1177 C  CG2 . VAL B 1 83 ? 24.601  -9.398  3.226   1.00 53.95 ? 83   VAL B CG2 1 
ATOM   1178 N  N   . GLY B 1 84 ? 25.779  -5.223  2.358   1.00 54.73 ? 84   GLY B N   1 
ATOM   1179 C  CA  . GLY B 1 84 ? 26.251  -4.041  1.634   1.00 55.02 ? 84   GLY B CA  1 
ATOM   1180 C  C   . GLY B 1 84 ? 26.791  -2.931  2.524   1.00 55.26 ? 84   GLY B C   1 
ATOM   1181 O  O   . GLY B 1 84 ? 27.384  -3.187  3.578   1.00 55.54 ? 84   GLY B O   1 
HETATM 1182 O  O   . HOH C 2 .  ? 3.472   -0.833  -4.332  1.00 47.83 ? 2001 HOH A O   1 
HETATM 1183 O  O   . HOH C 2 .  ? 0.163   8.648   -5.940  1.00 51.50 ? 2002 HOH A O   1 
HETATM 1184 O  O   . HOH C 2 .  ? -4.657  9.396   -0.394  1.00 51.83 ? 2003 HOH A O   1 
HETATM 1185 O  O   . HOH C 2 .  ? -9.043  16.026  -2.190  1.00 50.42 ? 2004 HOH A O   1 
# 
